data_9L3E
#
_entry.id   9L3E
#
_cell.length_a   81.260
_cell.length_b   133.020
_cell.length_c   146.020
_cell.angle_alpha   90.00
_cell.angle_beta   90.00
_cell.angle_gamma   90.00
#
_symmetry.space_group_name_H-M   'P 21 21 21'
#
loop_
_entity.id
_entity.type
_entity.pdbx_description
1 polymer 'Glyceraldehyde-3-phosphate dehydrogenase'
2 non-polymer (4~{a}~{S},5~{S},5~{a}~{R},6~{S},8~{a}~{R},9~{S},9~{a}~{S})-3,6,9-trimethyl-5-[(1~{S},2~{R})-2-methyl-4-(3-methylfuran-2-yl)-1-oxidanyl-butyl]-3,4,5~{a},6,7,8,8~{a},9-octahydro-2~{H}-cyclopenta[g]chromene-4~{a},5,9~{a}-triol
3 non-polymer 'ZINC ION'
4 non-polymer 'CHLORIDE ION'
5 non-polymer NICOTINAMIDE-ADENINE-DINUCLEOTIDE
6 non-polymer DI(HYDROXYETHYL)ETHER
7 non-polymer 'TETRAETHYLENE GLYCOL'
8 water water
#
_entity_poly.entity_id   1
_entity_poly.type   'polypeptide(L)'
_entity_poly.pdbx_seq_one_letter_code
;SMGKVKVGVNGFGRIGRLVTRAAFNSGKVDIVAINDPFIDLNYMVYMFQYDSTHGKFHGTVKAENGKLVINGNPITIFQE
RDPSKIKWGDAGAEYVVESTGVFTTMEKAGAHLQGGAKRVIISAPSADAPMFVMGVNHEKYDNSLKIISNASCTTNCLAP
LAKVIHDNFGIVEGLMTTVHAITATQKTVDGPSGKLWRDGRGALQNIIPASTGAAKAVGKVIPELNGKLTGMAFRVPTAN
VSVVDLTCRLEKPAKYDDIKKVVKQASEGPLKGILGYTEHQVVSSDFNSDTHSSTFDAGAGIALNDHFVKLISWYDNEFG
YSNRVVDLMAHMASKE
;
_entity_poly.pdbx_strand_id   O,P,R,Q
#
# COMPACT_ATOMS: atom_id res chain seq x y z
N LYS A 4 22.67 28.87 -22.85
CA LYS A 4 21.98 28.26 -21.66
C LYS A 4 22.72 28.65 -20.37
N VAL A 5 21.98 29.04 -19.33
CA VAL A 5 22.61 29.33 -18.04
C VAL A 5 23.18 28.03 -17.46
N LYS A 6 24.32 28.16 -16.79
CA LYS A 6 24.99 27.09 -16.10
C LYS A 6 24.52 27.08 -14.64
N VAL A 7 24.25 25.88 -14.15
CA VAL A 7 23.48 25.62 -12.92
C VAL A 7 24.24 24.64 -12.03
N GLY A 8 24.26 24.96 -10.73
CA GLY A 8 24.68 24.10 -9.66
C GLY A 8 23.47 23.66 -8.87
N VAL A 9 23.51 22.41 -8.39
CA VAL A 9 22.39 21.88 -7.59
C VAL A 9 22.95 21.51 -6.23
N ASN A 10 22.46 22.17 -5.17
CA ASN A 10 22.83 21.82 -3.83
C ASN A 10 21.82 20.81 -3.29
N GLY A 11 22.30 19.57 -3.03
CA GLY A 11 21.45 18.49 -2.54
C GLY A 11 20.98 17.60 -3.68
N PHE A 12 21.32 16.32 -3.60
CA PHE A 12 20.88 15.37 -4.61
C PHE A 12 19.85 14.40 -4.02
N GLY A 13 18.95 14.94 -3.19
CA GLY A 13 17.68 14.25 -2.80
C GLY A 13 16.74 14.25 -3.97
N ARG A 14 15.43 13.96 -3.77
CA ARG A 14 14.47 13.72 -4.84
C ARG A 14 14.36 14.96 -5.72
N ILE A 15 14.31 16.17 -5.09
CA ILE A 15 14.16 17.40 -5.86
C ILE A 15 15.41 17.63 -6.69
N GLY A 16 16.55 17.60 -6.03
CA GLY A 16 17.83 17.84 -6.76
C GLY A 16 17.94 16.88 -7.93
N ARG A 17 17.58 15.60 -7.68
CA ARG A 17 17.66 14.58 -8.77
C ARG A 17 16.66 14.88 -9.89
N LEU A 18 15.42 15.29 -9.58
CA LEU A 18 14.46 15.43 -10.65
C LEU A 18 14.61 16.78 -11.37
N VAL A 19 15.14 17.80 -10.67
CA VAL A 19 15.57 19.05 -11.34
C VAL A 19 16.66 18.71 -12.35
N THR A 20 17.63 17.88 -11.97
CA THR A 20 18.72 17.51 -12.87
C THR A 20 18.13 16.78 -14.08
N ARG A 21 17.17 15.90 -13.82
CA ARG A 21 16.56 15.09 -14.85
C ARG A 21 15.74 15.99 -15.79
N ALA A 22 15.03 16.96 -15.22
CA ALA A 22 14.26 17.96 -16.00
C ALA A 22 15.19 18.77 -16.90
N ALA A 23 16.37 19.11 -16.39
CA ALA A 23 17.30 19.96 -17.06
C ALA A 23 17.86 19.26 -18.29
N PHE A 24 18.32 18.01 -18.11
CA PHE A 24 18.84 17.20 -19.21
C PHE A 24 17.72 16.84 -20.18
N ASN A 25 16.51 16.54 -19.67
CA ASN A 25 15.36 16.16 -20.53
C ASN A 25 14.98 17.37 -21.41
N SER A 26 14.78 18.56 -20.79
CA SER A 26 14.30 19.78 -21.51
C SER A 26 15.42 20.45 -22.33
N GLY A 27 16.67 20.33 -21.89
CA GLY A 27 17.81 21.11 -22.40
C GLY A 27 17.73 22.60 -22.06
N LYS A 28 16.84 23.02 -21.16
CA LYS A 28 16.63 24.51 -20.97
C LYS A 28 17.75 25.19 -20.16
N VAL A 29 18.51 24.43 -19.38
CA VAL A 29 19.67 24.89 -18.60
C VAL A 29 20.74 23.79 -18.62
N ASP A 30 21.97 24.17 -18.26
CA ASP A 30 23.13 23.31 -18.30
C ASP A 30 23.59 23.09 -16.86
N ILE A 31 23.31 21.91 -16.30
CA ILE A 31 23.81 21.50 -14.98
C ILE A 31 25.32 21.24 -15.07
N VAL A 32 26.12 21.97 -14.28
CA VAL A 32 27.57 21.83 -14.36
C VAL A 32 28.17 21.43 -13.01
N ALA A 33 27.39 21.45 -11.93
CA ALA A 33 27.94 21.08 -10.66
C ALA A 33 26.83 20.61 -9.72
N ILE A 34 27.16 19.69 -8.83
CA ILE A 34 26.26 19.12 -7.82
C ILE A 34 27.07 19.00 -6.53
N ASN A 35 26.47 19.46 -5.42
CA ASN A 35 27.00 19.33 -4.11
C ASN A 35 26.10 18.43 -3.26
N ASP A 36 26.75 17.48 -2.60
CA ASP A 36 26.13 16.68 -1.57
C ASP A 36 27.27 16.11 -0.74
N PRO A 37 27.38 16.48 0.55
CA PRO A 37 28.45 15.95 1.41
C PRO A 37 28.27 14.48 1.78
N PHE A 38 27.05 13.96 1.61
CA PHE A 38 26.61 12.74 2.19
C PHE A 38 26.60 11.59 1.19
N ILE A 39 26.59 11.90 -0.13
CA ILE A 39 26.25 10.94 -1.20
C ILE A 39 27.40 10.97 -2.22
N ASP A 40 28.21 9.91 -2.25
CA ASP A 40 29.46 9.88 -3.03
C ASP A 40 29.11 9.69 -4.51
N LEU A 41 30.11 9.84 -5.38
CA LEU A 41 29.90 9.92 -6.81
C LEU A 41 29.27 8.64 -7.34
N ASN A 42 29.74 7.48 -6.88
CA ASN A 42 29.25 6.21 -7.47
C ASN A 42 27.79 6.00 -7.10
N TYR A 43 27.46 6.47 -5.88
CA TYR A 43 26.07 6.40 -5.37
C TYR A 43 25.18 7.40 -6.12
N MET A 44 25.70 8.58 -6.48
CA MET A 44 24.91 9.50 -7.34
C MET A 44 24.52 8.85 -8.68
N VAL A 45 25.48 8.13 -9.30
CA VAL A 45 25.16 7.44 -10.55
C VAL A 45 23.91 6.56 -10.34
N TYR A 46 23.96 5.76 -9.28
CA TYR A 46 22.90 4.78 -9.00
C TYR A 46 21.57 5.48 -8.70
N MET A 47 21.62 6.52 -7.87
CA MET A 47 20.39 7.22 -7.43
C MET A 47 19.72 7.92 -8.61
N PHE A 48 20.55 8.42 -9.55
CA PHE A 48 20.04 9.15 -10.72
C PHE A 48 19.52 8.19 -11.79
N GLN A 49 20.17 7.04 -11.99
CA GLN A 49 19.83 6.13 -13.10
C GLN A 49 18.54 5.37 -12.83
N TYR A 50 18.37 4.97 -11.55
CA TYR A 50 17.22 4.15 -11.17
C TYR A 50 16.29 4.96 -10.26
N ASP A 51 15.02 4.96 -10.60
CA ASP A 51 14.04 5.73 -9.88
C ASP A 51 12.77 4.88 -9.77
N SER A 52 12.34 4.58 -8.55
CA SER A 52 11.18 3.75 -8.41
C SER A 52 9.93 4.36 -9.05
N THR A 53 9.79 5.68 -9.02
CA THR A 53 8.56 6.34 -9.44
C THR A 53 8.54 6.66 -10.94
N HIS A 54 9.68 7.18 -11.46
CA HIS A 54 9.71 7.71 -12.84
C HIS A 54 10.44 6.80 -13.81
N GLY A 55 10.97 5.67 -13.33
CA GLY A 55 11.68 4.75 -14.23
C GLY A 55 13.11 5.15 -14.44
N LYS A 56 13.83 4.25 -15.11
CA LYS A 56 15.25 4.39 -15.42
C LYS A 56 15.43 5.67 -16.25
N PHE A 57 16.52 6.38 -16.01
CA PHE A 57 16.79 7.61 -16.73
C PHE A 57 16.91 7.28 -18.24
N HIS A 58 16.21 8.07 -19.06
CA HIS A 58 16.29 8.00 -20.53
C HIS A 58 17.57 8.72 -20.99
N GLY A 59 18.68 8.00 -20.96
CA GLY A 59 19.95 8.55 -21.32
C GLY A 59 21.06 7.80 -20.64
N THR A 60 22.25 8.40 -20.57
CA THR A 60 23.40 7.72 -20.02
C THR A 60 23.87 8.43 -18.76
N VAL A 61 24.39 7.68 -17.80
CA VAL A 61 25.01 8.29 -16.64
C VAL A 61 26.11 7.37 -16.15
N LYS A 62 27.27 7.95 -15.83
CA LYS A 62 28.43 7.23 -15.40
C LYS A 62 29.35 8.17 -14.64
N ALA A 63 30.22 7.58 -13.81
CA ALA A 63 31.27 8.23 -13.12
C ALA A 63 32.49 8.21 -14.04
N GLU A 64 33.22 9.32 -14.12
CA GLU A 64 34.36 9.39 -15.04
C GLU A 64 35.28 10.51 -14.60
N ASN A 65 36.51 10.18 -14.17
CA ASN A 65 37.53 11.19 -13.91
C ASN A 65 37.05 12.09 -12.75
N GLY A 66 36.37 11.48 -11.77
CA GLY A 66 35.85 12.15 -10.58
C GLY A 66 34.62 13.03 -10.81
N LYS A 67 33.99 12.93 -11.98
CA LYS A 67 32.83 13.71 -12.32
C LYS A 67 31.66 12.77 -12.62
N LEU A 68 30.45 13.31 -12.43
CA LEU A 68 29.22 12.65 -12.84
C LEU A 68 28.95 13.10 -14.28
N VAL A 69 28.71 12.15 -15.19
CA VAL A 69 28.60 12.49 -16.59
C VAL A 69 27.23 12.01 -17.08
N ILE A 70 26.37 12.94 -17.49
CA ILE A 70 25.01 12.64 -17.90
C ILE A 70 24.83 13.03 -19.39
N ASN A 71 24.48 12.04 -20.21
CA ASN A 71 24.24 12.24 -21.65
C ASN A 71 25.53 12.79 -22.28
N GLY A 72 26.71 12.43 -21.75
CA GLY A 72 28.01 12.93 -22.26
C GLY A 72 28.52 14.25 -21.64
N ASN A 73 27.76 14.82 -20.69
CA ASN A 73 28.09 16.13 -20.07
C ASN A 73 28.71 15.94 -18.70
N PRO A 74 30.02 16.19 -18.50
CA PRO A 74 30.63 16.10 -17.18
C PRO A 74 30.17 17.18 -16.17
N ILE A 75 29.90 16.76 -14.94
CA ILE A 75 29.39 17.59 -13.88
C ILE A 75 30.36 17.50 -12.71
N THR A 76 30.80 18.66 -12.21
CA THR A 76 31.71 18.75 -11.07
C THR A 76 30.93 18.35 -9.80
N ILE A 77 31.51 17.49 -8.95
CA ILE A 77 30.86 16.99 -7.74
C ILE A 77 31.59 17.55 -6.52
N PHE A 78 30.83 18.15 -5.60
CA PHE A 78 31.37 18.70 -4.36
C PHE A 78 30.82 17.90 -3.18
N GLN A 79 31.50 17.95 -2.02
CA GLN A 79 31.02 17.23 -0.86
C GLN A 79 31.20 18.18 0.33
N GLU A 80 30.60 19.37 0.24
CA GLU A 80 30.74 20.39 1.27
C GLU A 80 29.52 20.39 2.18
N ARG A 81 29.82 20.41 3.49
CA ARG A 81 28.81 20.48 4.53
C ARG A 81 28.32 21.93 4.62
N ASP A 82 29.24 22.88 4.41
CA ASP A 82 29.00 24.31 4.63
C ASP A 82 28.84 24.98 3.25
N PRO A 83 27.58 25.34 2.88
CA PRO A 83 27.31 26.00 1.59
C PRO A 83 28.25 27.15 1.23
N SER A 84 28.78 27.87 2.24
CA SER A 84 29.62 29.06 2.01
C SER A 84 30.99 28.67 1.46
N LYS A 85 31.34 27.39 1.56
CA LYS A 85 32.63 26.85 1.14
C LYS A 85 32.53 26.25 -0.29
N ILE A 86 31.31 25.93 -0.78
CA ILE A 86 31.15 25.32 -2.12
C ILE A 86 31.71 26.27 -3.18
N LYS A 87 32.65 25.78 -4.01
CA LYS A 87 33.30 26.64 -5.02
C LYS A 87 32.52 26.61 -6.35
N TRP A 88 31.28 27.11 -6.32
CA TRP A 88 30.44 27.19 -7.49
C TRP A 88 31.08 27.97 -8.64
N GLY A 89 31.68 29.11 -8.32
CA GLY A 89 32.36 29.96 -9.31
C GLY A 89 33.40 29.19 -10.09
N ASP A 90 34.25 28.46 -9.37
CA ASP A 90 35.30 27.70 -10.04
C ASP A 90 34.69 26.64 -10.98
N ALA A 91 33.52 26.06 -10.64
CA ALA A 91 32.87 25.06 -11.50
C ALA A 91 32.07 25.71 -12.62
N GLY A 92 31.87 27.03 -12.53
CA GLY A 92 31.17 27.84 -13.54
C GLY A 92 29.67 27.89 -13.33
N ALA A 93 29.18 27.49 -12.14
CA ALA A 93 27.73 27.51 -11.82
C ALA A 93 27.30 28.95 -11.52
N GLU A 94 26.39 29.47 -12.33
CA GLU A 94 25.88 30.83 -12.16
C GLU A 94 24.66 30.86 -11.23
N TYR A 95 23.70 30.01 -11.51
CA TYR A 95 22.53 29.89 -10.64
C TYR A 95 22.69 28.62 -9.81
N VAL A 96 22.29 28.65 -8.54
CA VAL A 96 22.26 27.44 -7.67
C VAL A 96 20.83 27.14 -7.25
N VAL A 97 20.42 25.91 -7.48
CA VAL A 97 19.19 25.37 -6.97
C VAL A 97 19.49 24.83 -5.57
N GLU A 98 18.84 25.44 -4.57
CA GLU A 98 19.05 25.09 -3.17
C GLU A 98 17.92 24.14 -2.80
N SER A 99 18.21 22.82 -2.86
CA SER A 99 17.17 21.78 -2.81
C SER A 99 17.28 20.87 -1.57
N THR A 100 18.12 21.22 -0.60
CA THR A 100 18.38 20.35 0.58
C THR A 100 17.22 20.37 1.56
N GLY A 101 16.41 21.43 1.54
CA GLY A 101 15.34 21.56 2.52
C GLY A 101 15.78 22.18 3.83
N VAL A 102 17.06 22.45 4.02
CA VAL A 102 17.46 22.97 5.32
C VAL A 102 18.11 24.35 5.20
N PHE A 103 18.17 24.92 3.99
CA PHE A 103 18.73 26.22 3.84
C PHE A 103 17.72 27.14 3.09
N THR A 104 16.53 27.27 3.65
CA THR A 104 15.38 27.85 2.95
C THR A 104 15.25 29.34 3.25
N THR A 105 16.07 29.88 4.14
CA THR A 105 15.99 31.32 4.46
C THR A 105 16.98 32.07 3.58
N MET A 106 16.79 33.38 3.40
CA MET A 106 17.70 34.14 2.56
C MET A 106 19.11 34.14 3.17
N GLU A 107 19.20 34.17 4.49
CA GLU A 107 20.51 34.17 5.21
C GLU A 107 21.30 32.90 4.89
N LYS A 108 20.61 31.78 4.86
CA LYS A 108 21.28 30.48 4.69
C LYS A 108 21.53 30.20 3.21
N ALA A 109 20.49 30.39 2.41
CA ALA A 109 20.56 30.19 0.96
C ALA A 109 21.61 31.10 0.36
N GLY A 110 21.75 32.31 0.91
CA GLY A 110 22.65 33.30 0.36
C GLY A 110 24.11 32.91 0.54
N ALA A 111 24.41 31.86 1.31
CA ALA A 111 25.80 31.37 1.47
C ALA A 111 26.42 30.92 0.13
N HIS A 112 25.57 30.53 -0.83
CA HIS A 112 26.06 30.05 -2.11
C HIS A 112 26.74 31.18 -2.90
N LEU A 113 26.39 32.43 -2.57
CA LEU A 113 26.99 33.56 -3.21
C LEU A 113 28.45 33.71 -2.76
N GLN A 114 28.78 33.25 -1.56
CA GLN A 114 30.15 33.38 -1.06
C GLN A 114 31.10 32.58 -1.95
N GLY A 115 30.65 31.43 -2.45
CA GLY A 115 31.43 30.63 -3.39
C GLY A 115 31.39 31.10 -4.84
N GLY A 116 30.66 32.18 -5.15
CA GLY A 116 30.70 32.72 -6.48
C GLY A 116 29.45 32.39 -7.33
N ALA A 117 28.44 31.74 -6.77
CA ALA A 117 27.13 31.71 -7.46
C ALA A 117 26.59 33.16 -7.54
N LYS A 118 25.82 33.46 -8.59
CA LYS A 118 25.23 34.77 -8.79
C LYS A 118 23.80 34.85 -8.26
N ARG A 119 23.05 33.75 -8.36
CA ARG A 119 21.64 33.75 -7.92
C ARG A 119 21.33 32.38 -7.35
N VAL A 120 20.37 32.36 -6.44
CA VAL A 120 19.98 31.14 -5.78
C VAL A 120 18.48 30.98 -5.92
N ILE A 121 18.03 29.76 -6.26
CA ILE A 121 16.63 29.43 -6.37
C ILE A 121 16.36 28.34 -5.33
N ILE A 122 15.65 28.71 -4.28
CA ILE A 122 15.22 27.76 -3.23
C ILE A 122 14.02 26.92 -3.72
N SER A 123 14.20 25.58 -3.77
CA SER A 123 13.18 24.69 -4.29
C SER A 123 12.18 24.29 -3.19
N ALA A 124 11.71 25.29 -2.43
CA ALA A 124 10.75 25.13 -1.35
C ALA A 124 10.24 26.50 -0.95
N PRO A 125 9.10 26.60 -0.24
CA PRO A 125 8.73 27.86 0.39
C PRO A 125 9.87 28.42 1.24
N SER A 126 9.88 29.75 1.36
CA SER A 126 10.84 30.44 2.17
C SER A 126 10.08 31.36 3.12
N ALA A 127 10.60 31.54 4.32
CA ALA A 127 10.00 32.52 5.27
C ALA A 127 10.22 33.95 4.78
N ASP A 128 11.30 34.19 4.01
CA ASP A 128 11.67 35.57 3.66
C ASP A 128 12.00 35.76 2.16
N ALA A 129 12.44 34.73 1.42
CA ALA A 129 12.74 34.94 -0.03
C ALA A 129 11.46 35.13 -0.81
N PRO A 130 11.44 36.04 -1.82
CA PRO A 130 10.26 36.21 -2.65
C PRO A 130 9.95 34.90 -3.37
N MET A 131 8.65 34.57 -3.43
CA MET A 131 8.18 33.32 -4.03
CA MET A 131 8.12 33.33 -3.99
C MET A 131 7.51 33.61 -5.37
N PHE A 132 7.78 32.71 -6.32
CA PHE A 132 7.33 32.75 -7.66
C PHE A 132 6.61 31.45 -8.04
N VAL A 133 5.57 31.60 -8.85
CA VAL A 133 4.92 30.52 -9.53
C VAL A 133 4.88 30.87 -11.01
N MET A 134 5.45 30.00 -11.82
CA MET A 134 5.50 30.24 -13.29
C MET A 134 4.08 30.23 -13.81
N GLY A 135 3.79 31.16 -14.74
CA GLY A 135 2.43 31.41 -15.29
C GLY A 135 1.58 32.36 -14.47
N VAL A 136 1.96 32.69 -13.24
CA VAL A 136 1.15 33.47 -12.37
C VAL A 136 1.84 34.80 -11.99
N ASN A 137 3.05 34.76 -11.41
CA ASN A 137 3.76 36.01 -11.04
C ASN A 137 5.25 36.02 -11.49
N HIS A 138 5.66 35.13 -12.41
CA HIS A 138 7.07 35.08 -12.78
C HIS A 138 7.50 36.36 -13.51
N GLU A 139 6.53 37.13 -14.03
CA GLU A 139 6.90 38.42 -14.68
C GLU A 139 7.24 39.47 -13.62
N LYS A 140 7.00 39.20 -12.32
CA LYS A 140 7.43 40.09 -11.25
C LYS A 140 8.89 39.83 -10.83
N TYR A 141 9.54 38.78 -11.33
CA TYR A 141 10.95 38.58 -11.08
C TYR A 141 11.72 39.73 -11.72
N ASP A 142 12.77 40.22 -11.05
CA ASP A 142 13.64 41.21 -11.69
C ASP A 142 15.05 40.96 -11.20
N ASN A 143 15.99 41.54 -11.95
CA ASN A 143 17.38 41.32 -11.80
C ASN A 143 17.94 41.70 -10.41
N SER A 144 17.23 42.55 -9.64
CA SER A 144 17.64 42.86 -8.26
C SER A 144 17.52 41.62 -7.34
N LEU A 145 16.78 40.61 -7.75
CA LEU A 145 16.45 39.48 -6.82
C LEU A 145 17.47 38.37 -6.96
N LYS A 146 18.39 38.30 -6.00
CA LYS A 146 19.49 37.36 -6.07
C LYS A 146 19.11 36.01 -5.44
N ILE A 147 18.15 36.04 -4.52
CA ILE A 147 17.76 34.82 -3.79
C ILE A 147 16.22 34.75 -3.83
N ILE A 148 15.67 33.71 -4.45
CA ILE A 148 14.25 33.59 -4.64
C ILE A 148 13.82 32.15 -4.29
N SER A 149 12.50 31.96 -4.22
CA SER A 149 11.88 30.71 -3.96
C SER A 149 10.91 30.36 -5.08
N ASN A 150 10.87 29.06 -5.45
CA ASN A 150 9.86 28.57 -6.39
C ASN A 150 8.55 28.07 -5.72
N ALA A 151 8.30 28.50 -4.48
CA ALA A 151 7.18 28.05 -3.62
C ALA A 151 7.17 26.52 -3.45
N SER A 152 5.98 25.93 -3.29
CA SER A 152 5.81 24.52 -3.09
C SER A 152 5.18 23.91 -4.35
N CYS A 153 4.87 22.46 -4.29
CA CYS A 153 4.31 21.72 -5.40
C CYS A 153 2.87 22.04 -5.38
N THR A 154 2.28 22.21 -4.03
CA THR A 154 0.88 22.50 -3.90
C THR A 154 0.57 23.93 -4.36
N THR A 155 1.44 24.91 -4.05
CA THR A 155 1.15 26.31 -4.47
C THR A 155 1.18 26.39 -6.00
N ASN A 156 2.13 25.69 -6.61
CA ASN A 156 2.28 25.62 -8.06
C ASN A 156 1.06 24.94 -8.73
N CYS A 157 0.36 24.05 -8.01
CA CYS A 157 -0.89 23.49 -8.50
C CYS A 157 -2.08 24.45 -8.38
N LEU A 158 -2.26 25.05 -7.19
CA LEU A 158 -3.43 25.86 -6.89
C LEU A 158 -3.36 27.22 -7.59
N ALA A 159 -2.16 27.82 -7.67
CA ALA A 159 -2.09 29.25 -8.08
C ALA A 159 -2.54 29.41 -9.52
N PRO A 160 -2.12 28.57 -10.49
CA PRO A 160 -2.56 28.75 -11.88
C PRO A 160 -4.08 28.58 -12.09
N LEU A 161 -4.70 27.61 -11.41
CA LEU A 161 -6.15 27.47 -11.40
C LEU A 161 -6.80 28.67 -10.72
N ALA A 162 -6.30 29.07 -9.55
CA ALA A 162 -6.89 30.21 -8.84
C ALA A 162 -6.83 31.50 -9.70
N LYS A 163 -5.72 31.69 -10.40
CA LYS A 163 -5.56 32.82 -11.28
C LYS A 163 -6.68 32.88 -12.34
N VAL A 164 -6.90 31.77 -13.05
CA VAL A 164 -7.94 31.70 -14.11
C VAL A 164 -9.33 31.97 -13.53
N ILE A 165 -9.64 31.36 -12.39
CA ILE A 165 -10.95 31.54 -11.79
C ILE A 165 -11.11 32.98 -11.31
N HIS A 166 -10.10 33.52 -10.65
CA HIS A 166 -10.19 34.87 -10.11
C HIS A 166 -10.31 35.86 -11.26
N ASP A 167 -9.54 35.64 -12.32
CA ASP A 167 -9.47 36.59 -13.45
C ASP A 167 -10.86 36.66 -14.07
N ASN A 168 -11.56 35.52 -14.13
CA ASN A 168 -12.79 35.43 -14.90
C ASN A 168 -14.05 35.68 -14.06
N PHE A 169 -14.07 35.27 -12.79
CA PHE A 169 -15.28 35.29 -11.99
C PHE A 169 -15.07 35.99 -10.65
N GLY A 170 -13.83 36.11 -10.20
CA GLY A 170 -13.52 36.65 -8.89
C GLY A 170 -13.70 35.63 -7.78
N ILE A 171 -12.63 35.39 -7.01
CA ILE A 171 -12.75 34.56 -5.84
C ILE A 171 -12.95 35.46 -4.64
N VAL A 172 -14.13 35.35 -4.02
CA VAL A 172 -14.44 36.02 -2.73
C VAL A 172 -13.65 35.34 -1.61
N GLU A 173 -13.67 33.99 -1.61
CA GLU A 173 -13.07 33.24 -0.54
C GLU A 173 -13.01 31.77 -0.99
N GLY A 174 -11.96 31.09 -0.53
CA GLY A 174 -11.71 29.72 -0.94
C GLY A 174 -10.98 28.96 0.14
N LEU A 175 -11.31 27.66 0.23
CA LEU A 175 -10.64 26.75 1.14
C LEU A 175 -10.18 25.53 0.33
N MET A 176 -8.93 25.12 0.53
CA MET A 176 -8.30 24.10 -0.33
C MET A 176 -7.99 22.89 0.55
N THR A 177 -8.22 21.69 0.02
CA THR A 177 -7.66 20.49 0.54
C THR A 177 -6.74 19.89 -0.51
N THR A 178 -5.57 19.42 -0.09
CA THR A 178 -4.77 18.68 -1.01
C THR A 178 -4.65 17.26 -0.48
N VAL A 179 -4.96 16.29 -1.33
CA VAL A 179 -4.75 14.83 -1.02
C VAL A 179 -3.42 14.49 -1.70
N HIS A 180 -2.41 14.29 -0.88
CA HIS A 180 -1.03 14.37 -1.28
C HIS A 180 -0.36 13.01 -1.04
N ALA A 181 0.43 12.60 -2.01
CA ALA A 181 1.23 11.42 -1.95
C ALA A 181 2.24 11.52 -0.79
N ILE A 182 2.78 10.37 -0.38
CA ILE A 182 3.80 10.38 0.70
C ILE A 182 5.10 11.03 0.18
N THR A 183 5.90 11.52 1.11
CA THR A 183 7.16 12.12 0.81
C THR A 183 8.21 11.63 1.77
N ALA A 184 9.43 12.08 1.49
CA ALA A 184 10.62 11.66 2.23
C ALA A 184 10.58 12.03 3.70
N THR A 185 9.79 13.06 4.06
CA THR A 185 9.70 13.52 5.43
C THR A 185 8.88 12.57 6.28
N GLN A 186 8.11 11.66 5.66
CA GLN A 186 7.31 10.72 6.40
C GLN A 186 8.09 9.49 6.80
N LYS A 187 7.47 8.65 7.64
CA LYS A 187 8.07 7.46 8.20
C LYS A 187 7.34 6.20 7.74
N THR A 188 8.08 5.10 7.67
CA THR A 188 7.53 3.83 7.21
C THR A 188 6.62 3.19 8.29
N VAL A 189 6.99 3.35 9.55
CA VAL A 189 6.22 2.87 10.71
C VAL A 189 6.17 4.03 11.70
N ASP A 190 5.32 3.90 12.72
CA ASP A 190 5.19 4.96 13.74
C ASP A 190 6.59 5.28 14.32
N GLY A 191 7.05 6.50 14.07
CA GLY A 191 8.37 6.98 14.49
C GLY A 191 8.34 8.43 14.94
N PRO A 192 9.49 8.94 15.41
CA PRO A 192 9.54 10.30 15.95
C PRO A 192 9.54 11.41 14.92
N SER A 193 8.71 12.41 15.20
CA SER A 193 8.49 13.61 14.43
C SER A 193 8.06 14.71 15.44
N GLY A 194 9.03 15.17 16.25
CA GLY A 194 8.68 15.85 17.52
C GLY A 194 7.97 17.17 17.36
N LYS A 195 8.16 17.85 16.23
CA LYS A 195 7.45 19.07 16.01
C LYS A 195 6.06 18.83 15.38
N LEU A 196 5.83 17.65 14.85
CA LEU A 196 4.62 17.40 13.98
C LEU A 196 4.21 15.95 14.20
N TRP A 197 3.53 15.69 15.31
CA TRP A 197 3.33 14.35 15.78
C TRP A 197 2.60 13.46 14.75
N ARG A 198 1.63 14.01 14.01
CA ARG A 198 0.87 13.12 13.11
C ARG A 198 1.76 12.64 11.99
N ASP A 199 2.76 13.46 11.61
CA ASP A 199 3.62 13.11 10.49
C ASP A 199 4.59 11.99 10.83
N GLY A 200 4.74 11.66 12.11
CA GLY A 200 5.53 10.51 12.51
C GLY A 200 4.84 9.20 12.29
N ARG A 201 3.50 9.22 12.13
CA ARG A 201 2.75 7.98 12.15
C ARG A 201 2.96 7.26 10.83
N GLY A 202 2.87 5.94 10.85
CA GLY A 202 3.21 5.09 9.69
C GLY A 202 2.54 5.57 8.41
N ALA A 203 3.32 5.84 7.37
CA ALA A 203 2.78 6.46 6.19
C ALA A 203 1.99 5.46 5.34
N LEU A 204 2.31 4.17 5.44
CA LEU A 204 1.67 3.11 4.66
CA LEU A 204 1.63 3.22 4.61
C LEU A 204 0.28 2.84 5.23
N GLN A 205 0.11 3.01 6.53
CA GLN A 205 -1.07 2.61 7.22
C GLN A 205 -2.15 3.69 7.28
N ASN A 206 -1.79 4.97 7.16
CA ASN A 206 -2.61 6.04 7.60
C ASN A 206 -2.94 7.09 6.52
N ILE A 207 -4.17 7.63 6.65
CA ILE A 207 -4.51 8.98 6.20
C ILE A 207 -4.08 9.95 7.32
N ILE A 208 -3.27 10.92 6.96
CA ILE A 208 -2.64 11.81 7.92
C ILE A 208 -2.95 13.25 7.60
N PRO A 209 -3.70 13.96 8.44
CA PRO A 209 -3.93 15.38 8.24
C PRO A 209 -2.66 16.21 8.52
N ALA A 210 -2.40 17.23 7.69
CA ALA A 210 -1.23 18.09 7.90
C ALA A 210 -1.60 19.52 7.55
N SER A 211 -1.07 20.43 8.35
CA SER A 211 -1.10 21.85 8.06
C SER A 211 -0.26 22.13 6.82
N THR A 212 -0.66 23.15 6.08
CA THR A 212 0.08 23.61 4.93
C THR A 212 -0.21 25.10 4.74
N GLY A 213 0.85 25.86 4.48
CA GLY A 213 0.72 27.27 4.09
C GLY A 213 0.56 27.44 2.58
N ALA A 214 0.40 26.34 1.83
CA ALA A 214 0.39 26.40 0.34
C ALA A 214 -0.76 27.26 -0.15
N ALA A 215 -1.92 27.19 0.51
CA ALA A 215 -3.06 27.91 0.01
C ALA A 215 -2.95 29.42 0.31
N LYS A 216 -2.64 29.74 1.57
CA LYS A 216 -2.31 31.09 2.04
C LYS A 216 -1.23 31.72 1.11
N ALA A 217 -0.24 30.94 0.71
CA ALA A 217 0.89 31.43 -0.18
C ALA A 217 0.37 31.92 -1.52
N VAL A 218 -0.79 31.44 -1.97
CA VAL A 218 -1.34 31.86 -3.22
C VAL A 218 -1.63 33.36 -3.13
N GLY A 219 -1.91 33.82 -1.91
CA GLY A 219 -2.16 35.22 -1.65
C GLY A 219 -0.91 36.09 -1.74
N LYS A 220 0.29 35.49 -1.78
CA LYS A 220 1.52 36.21 -2.04
C LYS A 220 1.77 36.29 -3.54
N VAL A 221 1.58 35.20 -4.29
CA VAL A 221 1.81 35.27 -5.76
C VAL A 221 0.64 35.91 -6.48
N ILE A 222 -0.55 35.97 -5.85
CA ILE A 222 -1.70 36.69 -6.41
C ILE A 222 -2.20 37.62 -5.31
N PRO A 223 -1.55 38.80 -5.15
CA PRO A 223 -1.86 39.70 -4.05
C PRO A 223 -3.34 40.07 -3.83
N GLU A 224 -4.13 40.10 -4.91
CA GLU A 224 -5.57 40.32 -4.76
C GLU A 224 -6.24 39.23 -3.92
N LEU A 225 -5.59 38.08 -3.72
CA LEU A 225 -6.19 36.99 -2.96
C LEU A 225 -5.58 36.88 -1.57
N ASN A 226 -4.84 37.91 -1.13
CA ASN A 226 -4.28 37.91 0.18
C ASN A 226 -5.45 37.86 1.18
N GLY A 227 -5.35 36.93 2.13
CA GLY A 227 -6.34 36.64 3.19
C GLY A 227 -7.61 35.93 2.71
N LYS A 228 -7.70 35.55 1.44
CA LYS A 228 -8.95 35.03 0.88
C LYS A 228 -8.90 33.50 0.64
N LEU A 229 -7.74 32.90 0.90
CA LEU A 229 -7.50 31.45 0.66
C LEU A 229 -6.73 30.86 1.82
N THR A 230 -7.19 29.70 2.32
CA THR A 230 -6.33 28.86 3.11
C THR A 230 -6.76 27.40 2.87
N GLY A 231 -6.18 26.49 3.63
CA GLY A 231 -6.47 25.05 3.42
C GLY A 231 -5.62 24.15 4.31
N MET A 232 -5.57 22.87 3.93
CA MET A 232 -4.94 21.86 4.72
C MET A 232 -4.69 20.66 3.79
N ALA A 233 -3.93 19.68 4.26
CA ALA A 233 -3.55 18.50 3.46
C ALA A 233 -3.94 17.21 4.19
N PHE A 234 -4.16 16.15 3.40
CA PHE A 234 -4.19 14.74 3.85
C PHE A 234 -3.07 14.00 3.14
N ARG A 235 -2.11 13.43 3.88
CA ARG A 235 -1.19 12.54 3.26
C ARG A 235 -1.80 11.15 3.18
N VAL A 236 -1.69 10.54 2.02
CA VAL A 236 -2.28 9.22 1.83
C VAL A 236 -1.23 8.28 1.24
N PRO A 237 -1.38 6.94 1.40
CA PRO A 237 -0.35 6.00 0.98
C PRO A 237 -0.24 5.67 -0.51
N THR A 238 0.08 6.67 -1.33
CA THR A 238 0.48 6.52 -2.72
C THR A 238 1.85 7.16 -2.87
N ALA A 239 2.64 6.73 -3.87
CA ALA A 239 4.03 7.03 -3.86
C ALA A 239 4.32 8.33 -4.64
N ASN A 240 3.37 8.76 -5.45
CA ASN A 240 3.51 10.03 -6.21
C ASN A 240 2.17 10.39 -6.84
N VAL A 241 2.03 11.69 -7.12
CA VAL A 241 0.85 12.34 -7.71
C VAL A 241 -0.13 12.72 -6.61
N SER A 242 -0.54 13.98 -6.65
CA SER A 242 -1.36 14.57 -5.67
C SER A 242 -2.52 15.26 -6.37
N VAL A 243 -3.48 15.77 -5.60
CA VAL A 243 -4.62 16.45 -6.15
C VAL A 243 -5.04 17.57 -5.20
N VAL A 244 -5.41 18.70 -5.79
CA VAL A 244 -5.99 19.86 -5.12
C VAL A 244 -7.51 19.86 -5.31
N ASP A 245 -8.20 20.15 -4.22
CA ASP A 245 -9.62 20.28 -4.14
C ASP A 245 -9.90 21.69 -3.60
N LEU A 246 -10.26 22.61 -4.52
CA LEU A 246 -10.50 24.00 -4.17
C LEU A 246 -12.01 24.23 -4.10
N THR A 247 -12.50 24.64 -2.91
CA THR A 247 -13.87 25.02 -2.70
C THR A 247 -13.93 26.53 -2.58
N CYS A 248 -14.58 27.18 -3.55
CA CYS A 248 -14.58 28.64 -3.56
C CYS A 248 -15.97 29.19 -3.89
N ARG A 249 -16.19 30.38 -3.32
CA ARG A 249 -17.27 31.26 -3.60
C ARG A 249 -16.79 32.34 -4.60
N LEU A 250 -17.60 32.55 -5.63
CA LEU A 250 -17.25 33.41 -6.78
C LEU A 250 -18.07 34.71 -6.71
N GLU A 251 -17.50 35.81 -7.20
CA GLU A 251 -18.17 37.12 -7.18
CA GLU A 251 -18.23 37.08 -7.12
C GLU A 251 -19.26 37.10 -8.27
N LYS A 252 -18.84 36.73 -9.47
CA LYS A 252 -19.73 36.71 -10.60
C LYS A 252 -20.28 35.30 -10.75
N PRO A 253 -21.54 35.11 -11.21
CA PRO A 253 -22.05 33.78 -11.49
C PRO A 253 -21.24 33.09 -12.60
N ALA A 254 -21.09 31.78 -12.46
CA ALA A 254 -20.43 30.93 -13.40
C ALA A 254 -21.11 29.56 -13.41
N LYS A 255 -21.74 29.23 -14.53
CA LYS A 255 -22.12 27.86 -14.86
C LYS A 255 -20.85 27.03 -14.86
N TYR A 256 -20.94 25.77 -14.40
CA TYR A 256 -19.81 24.89 -14.47
C TYR A 256 -19.23 24.85 -15.88
N ASP A 257 -20.08 24.93 -16.90
CA ASP A 257 -19.60 24.82 -18.28
C ASP A 257 -18.77 26.04 -18.67
N ASP A 258 -19.05 27.20 -18.03
CA ASP A 258 -18.29 28.47 -18.26
C ASP A 258 -16.89 28.34 -17.63
N ILE A 259 -16.85 27.67 -16.46
CA ILE A 259 -15.59 27.39 -15.78
C ILE A 259 -14.72 26.52 -16.69
N LYS A 260 -15.30 25.43 -17.21
CA LYS A 260 -14.56 24.56 -18.08
C LYS A 260 -14.01 25.33 -19.28
N LYS A 261 -14.83 26.19 -19.89
CA LYS A 261 -14.41 26.89 -21.14
C LYS A 261 -13.14 27.74 -20.87
N VAL A 262 -13.17 28.53 -19.79
CA VAL A 262 -12.09 29.49 -19.52
C VAL A 262 -10.83 28.74 -19.08
N VAL A 263 -10.98 27.66 -18.31
CA VAL A 263 -9.79 26.86 -17.96
C VAL A 263 -9.18 26.22 -19.22
N LYS A 264 -10.02 25.63 -20.08
CA LYS A 264 -9.57 25.01 -21.31
C LYS A 264 -8.87 26.05 -22.19
N GLN A 265 -9.42 27.26 -22.29
CA GLN A 265 -8.75 28.33 -23.15
C GLN A 265 -7.40 28.69 -22.55
N ALA A 266 -7.34 28.78 -21.22
CA ALA A 266 -6.08 29.16 -20.54
C ALA A 266 -5.01 28.11 -20.81
N SER A 267 -5.43 26.83 -20.77
CA SER A 267 -4.56 25.68 -20.95
C SER A 267 -3.93 25.66 -22.35
N GLU A 268 -4.64 26.24 -23.31
CA GLU A 268 -4.21 26.22 -24.71
C GLU A 268 -3.43 27.49 -25.06
N GLY A 269 -3.50 28.53 -24.22
CA GLY A 269 -2.86 29.84 -24.53
C GLY A 269 -1.75 30.22 -23.55
N PRO A 270 -1.89 31.29 -22.75
CA PRO A 270 -0.79 31.77 -21.93
C PRO A 270 -0.25 30.74 -20.92
N LEU A 271 -1.09 29.78 -20.49
CA LEU A 271 -0.66 28.83 -19.43
C LEU A 271 -0.39 27.43 -20.00
N LYS A 272 -0.25 27.34 -21.32
CA LYS A 272 0.16 26.13 -21.94
C LYS A 272 1.41 25.52 -21.28
N GLY A 273 1.33 24.22 -20.98
CA GLY A 273 2.42 23.46 -20.30
C GLY A 273 2.39 23.64 -18.78
N ILE A 274 1.62 24.60 -18.28
CA ILE A 274 1.58 24.88 -16.88
C ILE A 274 0.24 24.39 -16.31
N LEU A 275 -0.86 24.97 -16.80
CA LEU A 275 -2.20 24.55 -16.45
C LEU A 275 -2.72 23.66 -17.57
N GLY A 276 -3.02 22.40 -17.24
CA GLY A 276 -3.63 21.42 -18.14
C GLY A 276 -5.12 21.38 -17.96
N TYR A 277 -5.82 20.71 -18.90
CA TYR A 277 -7.25 20.55 -18.87
C TYR A 277 -7.63 19.16 -19.42
N THR A 278 -8.50 18.44 -18.70
CA THR A 278 -8.96 17.13 -19.21
C THR A 278 -10.43 16.94 -18.84
N GLU A 279 -11.14 16.22 -19.73
CA GLU A 279 -12.45 15.66 -19.52
C GLU A 279 -12.34 14.13 -19.47
N HIS A 280 -11.14 13.57 -19.58
CA HIS A 280 -10.93 12.12 -19.49
C HIS A 280 -11.21 11.59 -18.07
N GLN A 281 -11.43 10.29 -18.02
CA GLN A 281 -11.86 9.60 -16.77
C GLN A 281 -10.60 9.12 -16.06
N VAL A 282 -9.85 10.12 -15.58
CA VAL A 282 -8.46 9.92 -15.14
C VAL A 282 -8.46 9.48 -13.66
N VAL A 283 -7.35 8.86 -13.27
CA VAL A 283 -7.02 8.66 -11.89
C VAL A 283 -5.58 9.11 -11.70
N SER A 284 -5.10 9.10 -10.44
CA SER A 284 -3.80 9.68 -10.13
C SER A 284 -2.66 9.15 -10.99
N SER A 285 -2.59 7.84 -11.23
CA SER A 285 -1.47 7.31 -11.94
C SER A 285 -1.39 7.85 -13.39
N ASP A 286 -2.48 8.36 -13.91
CA ASP A 286 -2.47 8.89 -15.27
C ASP A 286 -1.59 10.15 -15.34
N PHE A 287 -1.22 10.74 -14.19
CA PHE A 287 -0.39 11.93 -14.13
C PHE A 287 1.06 11.63 -13.74
N ASN A 288 1.44 10.35 -13.66
CA ASN A 288 2.79 10.08 -13.30
C ASN A 288 3.68 10.57 -14.45
N SER A 289 4.70 11.35 -14.10
CA SER A 289 5.68 11.90 -15.02
C SER A 289 5.08 13.01 -15.91
N ASP A 290 3.92 13.52 -15.56
CA ASP A 290 3.31 14.63 -16.27
C ASP A 290 3.92 15.94 -15.76
N THR A 291 4.38 16.82 -16.68
CA THR A 291 5.14 17.98 -16.34
C THR A 291 4.27 19.22 -16.12
N HIS A 292 2.95 19.14 -16.25
CA HIS A 292 2.06 20.26 -15.89
C HIS A 292 2.19 20.56 -14.39
N SER A 293 1.97 21.81 -14.01
CA SER A 293 1.90 22.27 -12.64
C SER A 293 0.57 21.82 -12.04
N SER A 294 -0.48 21.75 -12.89
CA SER A 294 -1.86 21.72 -12.48
C SER A 294 -2.68 21.23 -13.68
N THR A 295 -3.41 20.12 -13.55
CA THR A 295 -4.35 19.65 -14.62
C THR A 295 -5.78 19.57 -14.10
N PHE A 296 -6.62 20.48 -14.59
CA PHE A 296 -7.98 20.58 -14.17
C PHE A 296 -8.74 19.35 -14.65
N ASP A 297 -9.44 18.72 -13.71
CA ASP A 297 -10.20 17.50 -13.96
C ASP A 297 -11.68 17.89 -14.09
N ALA A 298 -12.14 18.06 -15.32
CA ALA A 298 -13.46 18.66 -15.50
C ALA A 298 -14.56 17.77 -14.92
N GLY A 299 -14.47 16.46 -15.15
CA GLY A 299 -15.44 15.45 -14.73
C GLY A 299 -15.54 15.31 -13.22
N ALA A 300 -14.46 15.62 -12.47
CA ALA A 300 -14.41 15.31 -11.02
C ALA A 300 -15.00 16.44 -10.17
N GLY A 301 -15.02 17.66 -10.71
CA GLY A 301 -15.50 18.77 -9.92
C GLY A 301 -17.02 18.83 -9.86
N ILE A 302 -17.52 19.68 -8.97
CA ILE A 302 -18.98 19.78 -8.79
C ILE A 302 -19.33 21.19 -8.30
N ALA A 303 -20.45 21.71 -8.82
CA ALA A 303 -21.04 22.99 -8.41
C ALA A 303 -22.27 22.75 -7.53
N LEU A 304 -22.37 23.47 -6.42
CA LEU A 304 -23.63 23.55 -5.72
C LEU A 304 -24.53 24.54 -6.47
N ASN A 305 -23.97 25.67 -6.88
CA ASN A 305 -24.75 26.70 -7.51
C ASN A 305 -23.75 27.55 -8.33
N ASP A 306 -24.29 28.60 -8.97
CA ASP A 306 -23.53 29.46 -9.86
C ASP A 306 -22.42 30.20 -9.11
N HIS A 307 -22.46 30.21 -7.77
CA HIS A 307 -21.53 31.01 -6.96
C HIS A 307 -20.65 30.15 -6.03
N PHE A 308 -20.81 28.81 -6.03
CA PHE A 308 -20.14 27.97 -5.03
C PHE A 308 -19.81 26.61 -5.65
N VAL A 309 -18.51 26.36 -5.87
CA VAL A 309 -18.03 25.29 -6.68
C VAL A 309 -16.85 24.62 -5.96
N LYS A 310 -16.66 23.35 -6.31
CA LYS A 310 -15.51 22.55 -5.91
C LYS A 310 -14.77 22.14 -7.18
N LEU A 311 -13.52 22.59 -7.28
CA LEU A 311 -12.70 22.34 -8.49
C LEU A 311 -11.52 21.46 -8.13
N ILE A 312 -11.22 20.52 -9.01
CA ILE A 312 -10.28 19.47 -8.79
C ILE A 312 -9.13 19.62 -9.81
N SER A 313 -7.87 19.52 -9.34
CA SER A 313 -6.68 19.61 -10.22
C SER A 313 -5.54 18.75 -9.70
N TRP A 314 -5.02 17.92 -10.60
CA TRP A 314 -3.98 16.96 -10.36
C TRP A 314 -2.61 17.59 -10.56
N TYR A 315 -1.62 17.03 -9.86
CA TYR A 315 -0.25 17.42 -10.00
C TYR A 315 0.67 16.28 -9.62
N ASP A 316 1.64 16.04 -10.51
CA ASP A 316 2.76 15.14 -10.17
C ASP A 316 3.63 16.04 -9.32
N ASN A 317 3.53 15.89 -8.00
CA ASN A 317 4.27 16.78 -7.05
C ASN A 317 5.78 16.78 -7.34
N GLU A 318 6.34 15.67 -7.83
CA GLU A 318 7.73 15.60 -8.14
C GLU A 318 8.09 16.28 -9.49
N PHE A 319 7.41 15.87 -10.55
CA PHE A 319 7.88 16.14 -11.93
C PHE A 319 7.45 17.53 -12.38
N GLY A 320 6.22 17.93 -12.04
CA GLY A 320 5.70 19.25 -12.39
C GLY A 320 6.57 20.33 -11.76
N TYR A 321 6.76 20.23 -10.44
CA TYR A 321 7.54 21.18 -9.67
C TYR A 321 9.00 21.27 -10.15
N SER A 322 9.63 20.14 -10.45
CA SER A 322 11.02 20.07 -10.89
C SER A 322 11.16 20.77 -12.23
N ASN A 323 10.18 20.58 -13.10
CA ASN A 323 10.15 21.25 -14.43
C ASN A 323 9.95 22.76 -14.25
N ARG A 324 9.18 23.18 -13.25
CA ARG A 324 8.98 24.60 -13.01
C ARG A 324 10.28 25.23 -12.51
N VAL A 325 11.07 24.53 -11.71
CA VAL A 325 12.34 25.10 -11.23
C VAL A 325 13.23 25.40 -12.46
N VAL A 326 13.29 24.44 -13.39
CA VAL A 326 14.07 24.64 -14.64
C VAL A 326 13.47 25.82 -15.43
N ASP A 327 12.15 25.86 -15.60
CA ASP A 327 11.53 26.91 -16.37
C ASP A 327 11.79 28.28 -15.71
N LEU A 328 11.75 28.37 -14.38
CA LEU A 328 11.98 29.66 -13.69
C LEU A 328 13.41 30.17 -13.96
N MET A 329 14.35 29.22 -13.92
CA MET A 329 15.76 29.55 -14.18
C MET A 329 15.94 30.03 -15.64
N ALA A 330 15.26 29.37 -16.57
CA ALA A 330 15.30 29.82 -17.98
C ALA A 330 14.70 31.24 -18.10
N HIS A 331 13.62 31.51 -17.38
CA HIS A 331 13.03 32.85 -17.39
C HIS A 331 13.99 33.88 -16.78
N MET A 332 14.63 33.54 -15.67
CA MET A 332 15.63 34.43 -15.05
C MET A 332 16.76 34.73 -16.07
N ALA A 333 17.26 33.68 -16.73
CA ALA A 333 18.34 33.80 -17.76
C ALA A 333 17.91 34.72 -18.90
N SER A 334 16.63 34.70 -19.26
CA SER A 334 16.06 35.58 -20.31
C SER A 334 16.20 37.09 -19.99
N LYS A 335 16.36 37.46 -18.72
CA LYS A 335 16.41 38.84 -18.23
CA LYS A 335 16.40 38.84 -18.29
C LYS A 335 17.84 39.37 -18.23
N GLU A 336 18.82 38.52 -18.50
CA GLU A 336 20.23 38.93 -18.45
C GLU A 336 21.06 38.09 -19.42
N SER B 1 -45.00 -6.96 23.86
CA SER B 1 -45.32 -7.42 22.47
C SER B 1 -44.02 -7.71 21.69
N MET B 2 -43.23 -6.66 21.41
CA MET B 2 -41.89 -6.81 20.85
C MET B 2 -40.88 -6.54 21.94
N GLY B 3 -39.91 -7.45 22.10
CA GLY B 3 -38.84 -7.29 23.05
C GLY B 3 -37.51 -7.04 22.35
N LYS B 4 -36.70 -8.08 22.28
CA LYS B 4 -35.44 -8.07 21.54
C LYS B 4 -35.68 -8.66 20.14
N VAL B 5 -35.64 -7.81 19.12
CA VAL B 5 -36.07 -8.22 17.81
C VAL B 5 -35.07 -9.26 17.28
N LYS B 6 -35.62 -10.22 16.51
CA LYS B 6 -34.86 -11.26 15.86
C LYS B 6 -34.58 -10.82 14.41
N VAL B 7 -33.36 -11.04 14.01
CA VAL B 7 -32.83 -10.40 12.73
C VAL B 7 -32.30 -11.46 11.76
N GLY B 8 -32.57 -11.22 10.46
CA GLY B 8 -31.99 -11.95 9.37
C GLY B 8 -31.07 -11.03 8.60
N VAL B 9 -29.96 -11.55 8.08
CA VAL B 9 -28.98 -10.79 7.33
C VAL B 9 -28.90 -11.34 5.91
N ASN B 10 -29.14 -10.46 4.91
CA ASN B 10 -29.07 -10.89 3.55
C ASN B 10 -27.79 -10.31 2.96
N GLY B 11 -26.82 -11.16 2.66
CA GLY B 11 -25.50 -10.71 2.23
C GLY B 11 -24.55 -10.62 3.41
N PHE B 12 -23.74 -11.67 3.53
CA PHE B 12 -22.73 -11.83 4.67
C PHE B 12 -21.33 -11.30 4.30
N GLY B 13 -21.25 -9.96 4.09
CA GLY B 13 -20.13 -9.29 3.50
C GLY B 13 -19.44 -8.50 4.56
N ARG B 14 -18.74 -7.44 4.14
CA ARG B 14 -18.17 -6.61 5.17
C ARG B 14 -19.29 -6.14 6.11
N ILE B 15 -20.38 -5.57 5.56
CA ILE B 15 -21.37 -4.99 6.44
C ILE B 15 -22.19 -6.13 7.07
N GLY B 16 -22.61 -7.10 6.28
CA GLY B 16 -23.40 -8.21 6.87
C GLY B 16 -22.65 -8.90 8.02
N ARG B 17 -21.33 -9.20 7.82
CA ARG B 17 -20.52 -9.79 8.90
C ARG B 17 -20.38 -8.82 10.08
N LEU B 18 -20.12 -7.54 9.79
CA LEU B 18 -19.87 -6.65 10.95
C LEU B 18 -21.15 -6.21 11.67
N VAL B 19 -22.29 -6.23 10.98
CA VAL B 19 -23.59 -6.08 11.63
C VAL B 19 -23.78 -7.28 12.56
N THR B 20 -23.42 -8.47 12.08
CA THR B 20 -23.53 -9.68 12.92
C THR B 20 -22.65 -9.52 14.17
N ARG B 21 -21.41 -9.09 13.95
CA ARG B 21 -20.47 -8.88 15.03
C ARG B 21 -21.00 -7.81 16.01
N ALA B 22 -21.55 -6.69 15.47
CA ALA B 22 -22.11 -5.63 16.30
C ALA B 22 -23.30 -6.13 17.13
N ALA B 23 -24.16 -6.95 16.50
CA ALA B 23 -25.35 -7.48 17.19
C ALA B 23 -24.93 -8.36 18.38
N PHE B 24 -23.95 -9.24 18.18
CA PHE B 24 -23.47 -10.09 19.28
C PHE B 24 -22.72 -9.27 20.35
N ASN B 25 -21.97 -8.27 19.92
CA ASN B 25 -21.18 -7.39 20.86
C ASN B 25 -22.12 -6.53 21.73
N SER B 26 -23.11 -5.87 21.10
CA SER B 26 -24.00 -4.95 21.81
C SER B 26 -25.15 -5.70 22.51
N GLY B 27 -25.57 -6.86 21.99
CA GLY B 27 -26.75 -7.57 22.57
C GLY B 27 -28.10 -6.92 22.23
N LYS B 28 -28.13 -5.86 21.39
CA LYS B 28 -29.35 -5.07 21.17
C LYS B 28 -30.43 -5.78 20.31
N VAL B 29 -30.01 -6.70 19.44
CA VAL B 29 -30.86 -7.55 18.57
C VAL B 29 -30.25 -8.93 18.56
N ASP B 30 -31.03 -9.92 18.15
CA ASP B 30 -30.56 -11.29 18.02
C ASP B 30 -30.53 -11.70 16.54
N ILE B 31 -29.35 -12.03 16.00
CA ILE B 31 -29.24 -12.60 14.65
C ILE B 31 -29.67 -14.07 14.71
N VAL B 32 -30.69 -14.42 13.90
CA VAL B 32 -31.19 -15.78 13.84
C VAL B 32 -31.09 -16.41 12.46
N ALA B 33 -30.78 -15.63 11.41
CA ALA B 33 -30.69 -16.20 10.13
C ALA B 33 -29.77 -15.34 9.24
N ILE B 34 -29.07 -16.03 8.34
CA ILE B 34 -28.16 -15.42 7.37
C ILE B 34 -28.35 -16.09 6.01
N ASN B 35 -28.37 -15.27 4.95
CA ASN B 35 -28.51 -15.77 3.57
C ASN B 35 -27.33 -15.24 2.74
N ASP B 36 -26.57 -16.15 2.09
CA ASP B 36 -25.51 -15.76 1.15
C ASP B 36 -25.27 -16.95 0.25
N PRO B 37 -25.75 -16.90 -1.01
CA PRO B 37 -25.48 -17.97 -1.95
C PRO B 37 -23.99 -18.09 -2.30
N PHE B 38 -23.12 -17.17 -1.91
CA PHE B 38 -21.67 -17.23 -2.29
C PHE B 38 -20.75 -17.60 -1.10
N ILE B 39 -21.33 -17.96 0.05
CA ILE B 39 -20.55 -18.33 1.19
C ILE B 39 -21.31 -19.46 1.87
N ASP B 40 -20.81 -20.70 1.73
CA ASP B 40 -21.43 -21.85 2.39
C ASP B 40 -21.09 -21.84 3.89
N LEU B 41 -21.72 -22.75 4.62
CA LEU B 41 -21.71 -22.67 6.08
C LEU B 41 -20.28 -22.75 6.61
N ASN B 42 -19.50 -23.73 6.14
CA ASN B 42 -18.14 -23.89 6.63
C ASN B 42 -17.31 -22.63 6.31
N TYR B 43 -17.52 -22.07 5.13
CA TYR B 43 -16.84 -20.86 4.73
C TYR B 43 -17.30 -19.67 5.58
N MET B 44 -18.58 -19.63 6.02
CA MET B 44 -19.04 -18.52 6.87
C MET B 44 -18.30 -18.51 8.20
N VAL B 45 -18.03 -19.70 8.75
CA VAL B 45 -17.27 -19.80 9.98
C VAL B 45 -15.94 -19.07 9.82
N TYR B 46 -15.23 -19.40 8.75
CA TYR B 46 -13.91 -18.83 8.48
C TYR B 46 -13.99 -17.33 8.26
N MET B 47 -14.94 -16.89 7.41
CA MET B 47 -15.00 -15.46 7.08
C MET B 47 -15.42 -14.63 8.29
N PHE B 48 -16.22 -15.19 9.20
CA PHE B 48 -16.65 -14.44 10.39
C PHE B 48 -15.55 -14.39 11.44
N GLN B 49 -14.86 -15.51 11.58
CA GLN B 49 -13.87 -15.72 12.63
C GLN B 49 -12.61 -14.87 12.42
N TYR B 50 -12.13 -14.81 11.19
CA TYR B 50 -10.92 -14.09 10.88
C TYR B 50 -11.24 -12.87 10.02
N ASP B 51 -10.69 -11.73 10.43
CA ASP B 51 -10.98 -10.49 9.75
C ASP B 51 -9.69 -9.69 9.67
N SER B 52 -9.29 -9.32 8.45
CA SER B 52 -8.03 -8.67 8.26
C SER B 52 -8.04 -7.31 8.95
N THR B 53 -9.18 -6.66 8.98
CA THR B 53 -9.28 -5.28 9.44
C THR B 53 -9.51 -5.19 10.94
N HIS B 54 -10.41 -6.02 11.45
CA HIS B 54 -10.90 -5.85 12.84
C HIS B 54 -10.43 -6.99 13.76
N GLY B 55 -9.65 -7.93 13.22
CA GLY B 55 -9.07 -8.94 14.09
C GLY B 55 -10.02 -10.11 14.28
N LYS B 56 -9.48 -11.16 14.91
CA LYS B 56 -10.24 -12.36 15.20
C LYS B 56 -11.48 -12.02 16.03
N PHE B 57 -12.58 -12.71 15.74
CA PHE B 57 -13.80 -12.60 16.54
C PHE B 57 -13.50 -13.02 17.99
N HIS B 58 -13.91 -12.19 18.94
CA HIS B 58 -13.85 -12.40 20.38
C HIS B 58 -15.15 -13.11 20.77
N GLY B 59 -15.10 -14.42 20.62
CA GLY B 59 -16.20 -15.29 20.98
C GLY B 59 -15.94 -16.61 20.33
N THR B 60 -16.99 -17.43 20.23
CA THR B 60 -16.94 -18.72 19.66
C THR B 60 -17.75 -18.70 18.34
N VAL B 61 -17.26 -19.41 17.34
CA VAL B 61 -18.04 -19.57 16.10
C VAL B 61 -17.70 -20.91 15.52
N LYS B 62 -18.76 -21.70 15.21
CA LYS B 62 -18.56 -22.96 14.59
C LYS B 62 -19.79 -23.35 13.78
N ALA B 63 -19.63 -24.41 12.99
CA ALA B 63 -20.72 -25.05 12.25
C ALA B 63 -21.16 -26.30 13.02
N GLU B 64 -22.46 -26.44 13.26
CA GLU B 64 -22.97 -27.77 13.75
C GLU B 64 -24.42 -27.98 13.31
N ASN B 65 -24.68 -29.20 12.83
CA ASN B 65 -26.02 -29.65 12.46
C ASN B 65 -26.61 -28.66 11.45
N GLY B 66 -25.75 -28.15 10.57
CA GLY B 66 -26.12 -27.24 9.49
C GLY B 66 -26.38 -25.79 9.90
N LYS B 67 -26.16 -25.43 11.16
CA LYS B 67 -26.33 -24.08 11.66
C LYS B 67 -24.97 -23.43 11.86
N LEU B 68 -24.92 -22.10 11.73
CA LEU B 68 -23.81 -21.33 12.22
C LEU B 68 -24.06 -21.01 13.69
N VAL B 69 -23.11 -21.32 14.57
CA VAL B 69 -23.29 -21.13 15.99
C VAL B 69 -22.26 -20.13 16.50
N ILE B 70 -22.77 -18.97 16.88
CA ILE B 70 -22.01 -17.86 17.37
C ILE B 70 -22.36 -17.64 18.84
N ASN B 71 -21.31 -17.70 19.68
CA ASN B 71 -21.46 -17.51 21.15
C ASN B 71 -22.54 -18.45 21.68
N GLY B 72 -22.58 -19.67 21.10
CA GLY B 72 -23.54 -20.74 21.46
C GLY B 72 -24.93 -20.56 20.85
N ASN B 73 -25.15 -19.49 20.06
CA ASN B 73 -26.47 -19.20 19.45
C ASN B 73 -26.54 -19.74 18.03
N PRO B 74 -27.50 -20.65 17.73
CA PRO B 74 -27.63 -21.22 16.41
C PRO B 74 -28.35 -20.29 15.44
N ILE B 75 -27.79 -20.19 14.24
CA ILE B 75 -28.27 -19.33 13.19
C ILE B 75 -28.59 -20.18 11.95
N THR B 76 -29.82 -20.04 11.45
CA THR B 76 -30.21 -20.72 10.25
C THR B 76 -29.53 -20.09 9.03
N ILE B 77 -29.00 -20.93 8.14
CA ILE B 77 -28.25 -20.47 6.96
C ILE B 77 -29.00 -20.82 5.67
N PHE B 78 -29.17 -19.80 4.83
CA PHE B 78 -29.82 -19.94 3.54
C PHE B 78 -28.81 -19.65 2.45
N GLN B 79 -29.08 -20.16 1.25
CA GLN B 79 -28.16 -20.01 0.12
C GLN B 79 -28.93 -19.56 -1.14
N GLU B 80 -29.79 -18.56 -1.03
CA GLU B 80 -30.75 -18.19 -2.12
C GLU B 80 -30.23 -16.96 -2.86
N ARG B 81 -30.26 -16.97 -4.19
CA ARG B 81 -29.89 -15.79 -5.00
C ARG B 81 -31.08 -14.81 -5.06
N ASP B 82 -32.27 -15.37 -5.03
CA ASP B 82 -33.52 -14.62 -5.14
C ASP B 82 -34.10 -14.36 -3.75
N PRO B 83 -34.10 -13.10 -3.31
CA PRO B 83 -34.51 -12.78 -1.95
C PRO B 83 -35.99 -13.09 -1.64
N SER B 84 -36.84 -13.25 -2.68
CA SER B 84 -38.24 -13.58 -2.42
C SER B 84 -38.38 -15.04 -1.96
N LYS B 85 -37.32 -15.83 -2.09
CA LYS B 85 -37.43 -17.26 -1.80
C LYS B 85 -36.84 -17.61 -0.42
N ILE B 86 -36.31 -16.63 0.29
CA ILE B 86 -35.68 -16.86 1.62
C ILE B 86 -36.80 -17.04 2.64
N LYS B 87 -36.76 -18.14 3.41
CA LYS B 87 -37.80 -18.46 4.41
C LYS B 87 -37.50 -17.83 5.77
N TRP B 88 -37.48 -16.49 5.78
CA TRP B 88 -37.19 -15.73 7.00
C TRP B 88 -38.16 -16.08 8.13
N GLY B 89 -39.46 -16.17 7.77
CA GLY B 89 -40.45 -16.35 8.78
C GLY B 89 -40.28 -17.68 9.47
N ASP B 90 -39.98 -18.72 8.68
CA ASP B 90 -39.77 -20.04 9.28
C ASP B 90 -38.59 -20.03 10.26
N ALA B 91 -37.57 -19.21 9.96
CA ALA B 91 -36.37 -19.16 10.80
C ALA B 91 -36.55 -18.21 11.99
N GLY B 92 -37.67 -17.48 12.04
CA GLY B 92 -37.92 -16.55 13.13
C GLY B 92 -37.35 -15.16 12.91
N ALA B 93 -36.82 -14.85 11.73
CA ALA B 93 -36.28 -13.50 11.48
C ALA B 93 -37.43 -12.54 11.24
N GLU B 94 -37.47 -11.47 12.02
CA GLU B 94 -38.49 -10.47 11.98
C GLU B 94 -38.04 -9.28 11.13
N TYR B 95 -36.83 -8.78 11.39
CA TYR B 95 -36.29 -7.71 10.55
C TYR B 95 -35.17 -8.31 9.72
N VAL B 96 -35.06 -7.85 8.48
CA VAL B 96 -34.01 -8.28 7.58
C VAL B 96 -33.09 -7.10 7.22
N VAL B 97 -31.78 -7.33 7.34
CA VAL B 97 -30.75 -6.40 6.94
C VAL B 97 -30.40 -6.74 5.51
N GLU B 98 -30.70 -5.82 4.60
CA GLU B 98 -30.48 -6.06 3.17
C GLU B 98 -29.14 -5.42 2.82
N SER B 99 -28.08 -6.25 2.86
CA SER B 99 -26.69 -5.78 2.83
C SER B 99 -25.92 -6.34 1.63
N THR B 100 -26.64 -6.67 0.57
CA THR B 100 -26.01 -7.23 -0.63
C THR B 100 -25.52 -6.12 -1.54
N GLY B 101 -26.19 -4.96 -1.48
CA GLY B 101 -25.95 -3.85 -2.40
C GLY B 101 -26.73 -3.92 -3.71
N VAL B 102 -27.57 -4.95 -3.90
CA VAL B 102 -28.22 -5.03 -5.19
CA VAL B 102 -28.25 -5.32 -5.15
C VAL B 102 -29.74 -4.98 -5.06
N PHE B 103 -30.26 -4.78 -3.84
CA PHE B 103 -31.73 -4.70 -3.66
C PHE B 103 -32.08 -3.46 -2.83
N THR B 104 -31.91 -2.27 -3.41
CA THR B 104 -31.91 -1.04 -2.59
C THR B 104 -33.18 -0.19 -2.80
N THR B 105 -34.05 -0.58 -3.72
CA THR B 105 -35.37 0.06 -3.93
C THR B 105 -36.40 -0.62 -3.03
N MET B 106 -37.49 0.10 -2.73
CA MET B 106 -38.54 -0.48 -1.92
C MET B 106 -39.11 -1.73 -2.59
N GLU B 107 -39.15 -1.76 -3.93
CA GLU B 107 -39.73 -2.90 -4.62
C GLU B 107 -38.82 -4.12 -4.51
N LYS B 108 -37.50 -3.93 -4.66
CA LYS B 108 -36.52 -5.03 -4.63
CA LYS B 108 -36.55 -5.05 -4.63
C LYS B 108 -36.34 -5.53 -3.18
N ALA B 109 -36.23 -4.59 -2.26
CA ALA B 109 -36.03 -4.92 -0.84
C ALA B 109 -37.27 -5.58 -0.28
N GLY B 110 -38.45 -5.22 -0.83
CA GLY B 110 -39.71 -5.74 -0.34
C GLY B 110 -39.92 -7.22 -0.62
N ALA B 111 -39.03 -7.81 -1.45
CA ALA B 111 -39.05 -9.25 -1.71
C ALA B 111 -39.01 -10.05 -0.40
N HIS B 112 -38.29 -9.52 0.61
CA HIS B 112 -38.11 -10.22 1.88
C HIS B 112 -39.44 -10.43 2.62
N LEU B 113 -40.45 -9.59 2.36
CA LEU B 113 -41.71 -9.72 3.01
C LEU B 113 -42.41 -10.99 2.49
N GLN B 114 -42.05 -11.41 1.28
CA GLN B 114 -42.70 -12.60 0.63
C GLN B 114 -42.33 -13.87 1.39
N GLY B 115 -41.11 -13.92 1.97
CA GLY B 115 -40.76 -15.03 2.84
C GLY B 115 -41.04 -14.86 4.32
N GLY B 116 -41.74 -13.81 4.72
CA GLY B 116 -42.27 -13.73 6.07
C GLY B 116 -41.50 -12.78 6.98
N ALA B 117 -40.56 -12.02 6.43
CA ALA B 117 -39.95 -10.95 7.21
C ALA B 117 -41.02 -9.89 7.44
N LYS B 118 -40.84 -9.12 8.52
CA LYS B 118 -41.83 -8.10 8.86
C LYS B 118 -41.36 -6.75 8.34
N ARG B 119 -40.05 -6.48 8.48
CA ARG B 119 -39.52 -5.19 8.02
C ARG B 119 -38.14 -5.41 7.42
N VAL B 120 -37.73 -4.47 6.58
CA VAL B 120 -36.47 -4.55 5.93
C VAL B 120 -35.69 -3.26 6.14
N ILE B 121 -34.39 -3.39 6.45
CA ILE B 121 -33.48 -2.26 6.66
C ILE B 121 -32.38 -2.38 5.60
N ILE B 122 -32.43 -1.48 4.63
CA ILE B 122 -31.46 -1.46 3.52
C ILE B 122 -30.18 -0.75 4.01
N SER B 123 -29.06 -1.46 3.92
CA SER B 123 -27.78 -1.02 4.48
C SER B 123 -27.02 -0.11 3.49
N ALA B 124 -27.76 0.76 2.82
CA ALA B 124 -27.27 1.61 1.75
C ALA B 124 -28.31 2.69 1.47
N PRO B 125 -27.95 3.73 0.69
CA PRO B 125 -28.95 4.66 0.18
C PRO B 125 -29.97 3.90 -0.68
N SER B 126 -31.18 4.46 -0.73
CA SER B 126 -32.26 3.97 -1.52
C SER B 126 -32.78 5.11 -2.37
N ALA B 127 -33.17 4.81 -3.62
CA ALA B 127 -33.80 5.83 -4.48
C ALA B 127 -35.17 6.26 -3.95
N ASP B 128 -35.87 5.41 -3.17
CA ASP B 128 -37.26 5.70 -2.74
C ASP B 128 -37.57 5.36 -1.28
N ALA B 129 -36.80 4.53 -0.59
CA ALA B 129 -37.12 4.24 0.83
C ALA B 129 -36.84 5.42 1.74
N PRO B 130 -37.63 5.59 2.81
CA PRO B 130 -37.33 6.54 3.85
C PRO B 130 -35.91 6.27 4.38
N MET B 131 -35.08 7.30 4.55
CA MET B 131 -33.72 7.21 4.98
C MET B 131 -33.57 7.81 6.35
N PHE B 132 -32.77 7.13 7.17
CA PHE B 132 -32.56 7.48 8.53
C PHE B 132 -31.08 7.54 8.89
N VAL B 133 -30.75 8.50 9.76
CA VAL B 133 -29.43 8.59 10.42
C VAL B 133 -29.68 8.66 11.92
N MET B 134 -29.17 7.68 12.65
CA MET B 134 -29.32 7.66 14.09
C MET B 134 -28.72 8.95 14.66
N GLY B 135 -29.43 9.53 15.60
CA GLY B 135 -29.04 10.78 16.19
C GLY B 135 -29.55 12.00 15.44
N VAL B 136 -30.02 11.84 14.22
CA VAL B 136 -30.39 13.00 13.41
C VAL B 136 -31.91 12.97 13.12
N ASN B 137 -32.42 11.88 12.58
CA ASN B 137 -33.88 11.84 12.28
C ASN B 137 -34.50 10.46 12.61
N HIS B 138 -33.82 9.61 13.41
CA HIS B 138 -34.39 8.30 13.71
C HIS B 138 -35.73 8.44 14.43
N GLU B 139 -35.97 9.54 15.15
CA GLU B 139 -37.21 9.72 15.89
C GLU B 139 -38.38 9.97 14.90
N LYS B 140 -38.07 10.11 13.58
CA LYS B 140 -39.10 10.25 12.52
C LYS B 140 -39.56 8.89 12.00
N TYR B 141 -38.92 7.82 12.44
CA TYR B 141 -39.38 6.48 12.12
C TYR B 141 -40.75 6.26 12.77
N ASP B 142 -41.67 5.62 12.04
CA ASP B 142 -42.93 5.14 12.64
C ASP B 142 -43.24 3.75 12.07
N ASN B 143 -44.12 3.03 12.77
CA ASN B 143 -44.51 1.62 12.55
CA ASN B 143 -44.34 1.60 12.48
C ASN B 143 -45.19 1.38 11.20
N SER B 144 -45.58 2.43 10.48
CA SER B 144 -46.18 2.27 9.16
C SER B 144 -45.11 1.95 8.11
N LEU B 145 -43.82 2.13 8.45
CA LEU B 145 -42.71 2.04 7.46
C LEU B 145 -42.07 0.66 7.54
N LYS B 146 -42.36 -0.20 6.57
CA LYS B 146 -41.88 -1.57 6.64
CA LYS B 146 -41.91 -1.59 6.61
C LYS B 146 -40.54 -1.75 5.91
N ILE B 147 -40.19 -0.83 5.00
CA ILE B 147 -38.93 -0.90 4.24
C ILE B 147 -38.24 0.44 4.40
N ILE B 148 -37.04 0.44 5.01
CA ILE B 148 -36.36 1.70 5.20
C ILE B 148 -34.86 1.54 4.88
N SER B 149 -34.16 2.68 4.86
CA SER B 149 -32.78 2.75 4.54
C SER B 149 -32.03 3.43 5.68
N ASN B 150 -30.82 2.92 5.96
CA ASN B 150 -29.93 3.52 6.94
C ASN B 150 -28.88 4.43 6.29
N ALA B 151 -29.13 4.83 5.04
CA ALA B 151 -28.25 5.76 4.29
C ALA B 151 -26.87 5.12 4.09
N SER B 152 -25.83 5.92 3.81
CA SER B 152 -24.49 5.45 3.58
C SER B 152 -23.62 5.73 4.82
N CYS B 153 -22.44 5.09 4.84
CA CYS B 153 -21.40 5.46 5.87
C CYS B 153 -21.15 6.99 5.88
N THR B 154 -20.94 7.57 4.68
CA THR B 154 -20.61 8.97 4.58
C THR B 154 -21.71 9.90 5.09
N THR B 155 -22.98 9.58 4.77
CA THR B 155 -24.11 10.40 5.21
C THR B 155 -24.24 10.32 6.74
N ASN B 156 -23.90 9.16 7.29
CA ASN B 156 -23.94 8.99 8.73
C ASN B 156 -22.77 9.74 9.41
N CYS B 157 -21.72 10.05 8.65
CA CYS B 157 -20.59 10.86 9.20
C CYS B 157 -20.96 12.35 9.12
N LEU B 158 -21.41 12.79 7.92
CA LEU B 158 -21.69 14.20 7.69
C LEU B 158 -22.92 14.67 8.50
N ALA B 159 -24.01 13.91 8.51
CA ALA B 159 -25.30 14.45 9.00
C ALA B 159 -25.22 14.88 10.48
N PRO B 160 -24.65 14.07 11.40
CA PRO B 160 -24.64 14.44 12.81
C PRO B 160 -23.81 15.72 13.00
N LEU B 161 -22.72 15.86 12.24
CA LEU B 161 -21.93 17.08 12.32
C LEU B 161 -22.73 18.26 11.73
N ALA B 162 -23.32 18.07 10.55
CA ALA B 162 -24.11 19.10 9.85
C ALA B 162 -25.27 19.54 10.77
N LYS B 163 -25.89 18.59 11.46
CA LYS B 163 -26.97 18.96 12.39
C LYS B 163 -26.49 19.99 13.43
N VAL B 164 -25.38 19.71 14.11
CA VAL B 164 -24.85 20.55 15.17
C VAL B 164 -24.46 21.93 14.59
N ILE B 165 -23.72 21.95 13.48
CA ILE B 165 -23.31 23.26 12.90
C ILE B 165 -24.55 24.07 12.51
N HIS B 166 -25.50 23.42 11.81
CA HIS B 166 -26.73 24.08 11.36
C HIS B 166 -27.55 24.61 12.53
N ASP B 167 -27.74 23.79 13.56
CA ASP B 167 -28.52 24.15 14.72
C ASP B 167 -27.91 25.39 15.40
N ASN B 168 -26.57 25.52 15.42
CA ASN B 168 -25.95 26.57 16.19
C ASN B 168 -25.64 27.80 15.33
N PHE B 169 -25.29 27.63 14.05
CA PHE B 169 -24.78 28.76 13.28
C PHE B 169 -25.54 28.99 11.99
N GLY B 170 -26.23 27.95 11.50
CA GLY B 170 -26.89 27.97 10.24
C GLY B 170 -25.93 27.79 9.09
N ILE B 171 -26.14 26.72 8.32
CA ILE B 171 -25.43 26.46 7.10
C ILE B 171 -26.15 27.12 5.93
N VAL B 172 -25.49 28.08 5.30
CA VAL B 172 -25.97 28.69 4.09
C VAL B 172 -25.82 27.69 2.94
N GLU B 173 -24.60 27.15 2.82
CA GLU B 173 -24.26 26.22 1.75
C GLU B 173 -22.99 25.48 2.18
N GLY B 174 -22.80 24.28 1.66
CA GLY B 174 -21.69 23.45 2.01
C GLY B 174 -21.31 22.54 0.86
N LEU B 175 -20.00 22.27 0.75
CA LEU B 175 -19.46 21.33 -0.18
C LEU B 175 -18.54 20.36 0.57
N MET B 176 -18.73 19.05 0.35
CA MET B 176 -18.07 18.02 1.13
C MET B 176 -17.16 17.22 0.20
N THR B 177 -15.96 16.90 0.67
CA THR B 177 -15.18 15.81 0.12
C THR B 177 -15.06 14.73 1.19
N THR B 178 -15.19 13.46 0.79
CA THR B 178 -14.79 12.37 1.66
C THR B 178 -13.57 11.69 1.03
N VAL B 179 -12.52 11.51 1.84
CA VAL B 179 -11.36 10.73 1.47
C VAL B 179 -11.59 9.36 2.10
N HIS B 180 -11.85 8.37 1.27
CA HIS B 180 -12.53 7.16 1.68
C HIS B 180 -11.64 5.94 1.40
N ALA B 181 -11.62 5.00 2.35
CA ALA B 181 -10.91 3.76 2.19
C ALA B 181 -11.48 2.94 1.01
N ILE B 182 -10.66 2.02 0.50
CA ILE B 182 -11.11 1.17 -0.58
C ILE B 182 -12.22 0.24 -0.07
N THR B 183 -13.07 -0.23 -1.00
CA THR B 183 -14.15 -1.16 -0.63
C THR B 183 -14.18 -2.31 -1.65
N ALA B 184 -15.07 -3.24 -1.38
CA ALA B 184 -15.21 -4.50 -2.18
C ALA B 184 -15.62 -4.20 -3.62
N THR B 185 -16.19 -3.03 -3.90
CA THR B 185 -16.58 -2.68 -5.27
C THR B 185 -15.38 -2.38 -6.16
N GLN B 186 -14.22 -2.07 -5.55
CA GLN B 186 -13.05 -1.69 -6.30
C GLN B 186 -12.26 -2.91 -6.76
N LYS B 187 -11.26 -2.68 -7.59
CA LYS B 187 -10.46 -3.71 -8.20
C LYS B 187 -9.02 -3.64 -7.71
N THR B 188 -8.34 -4.78 -7.64
CA THR B 188 -6.94 -4.84 -7.14
C THR B 188 -5.99 -4.30 -8.20
N VAL B 189 -6.31 -4.56 -9.45
CA VAL B 189 -5.56 -4.06 -10.61
C VAL B 189 -6.58 -3.58 -11.64
N ASP B 190 -6.11 -2.79 -12.59
CA ASP B 190 -6.98 -2.19 -13.59
C ASP B 190 -7.84 -3.29 -14.22
N GLY B 191 -9.15 -3.17 -14.12
CA GLY B 191 -10.06 -4.16 -14.64
C GLY B 191 -11.36 -3.48 -15.08
N PRO B 192 -12.35 -4.27 -15.55
CA PRO B 192 -13.57 -3.71 -16.13
C PRO B 192 -14.57 -3.20 -15.11
N SER B 193 -15.05 -1.98 -15.33
CA SER B 193 -16.10 -1.35 -14.59
C SER B 193 -16.86 -0.47 -15.60
N GLY B 194 -17.68 -1.14 -16.41
CA GLY B 194 -18.19 -0.56 -17.63
C GLY B 194 -18.97 0.72 -17.43
N LYS B 195 -19.65 0.85 -16.31
CA LYS B 195 -20.51 1.99 -16.07
C LYS B 195 -19.77 3.12 -15.32
N LEU B 196 -18.64 2.79 -14.69
CA LEU B 196 -17.87 3.71 -13.85
C LEU B 196 -16.39 3.46 -14.10
N TRP B 197 -15.83 4.03 -15.16
CA TRP B 197 -14.55 3.64 -15.63
C TRP B 197 -13.46 3.84 -14.58
N ARG B 198 -13.53 4.95 -13.86
CA ARG B 198 -12.42 5.28 -12.95
C ARG B 198 -12.39 4.19 -11.86
N ASP B 199 -13.57 3.64 -11.54
CA ASP B 199 -13.68 2.66 -10.43
C ASP B 199 -13.09 1.31 -10.82
N GLY B 200 -12.77 1.11 -12.10
CA GLY B 200 -12.09 -0.10 -12.55
C GLY B 200 -10.61 -0.04 -12.33
N ARG B 201 -10.07 1.17 -12.15
CA ARG B 201 -8.63 1.33 -12.13
C ARG B 201 -8.10 0.81 -10.80
N GLY B 202 -6.87 0.31 -10.79
CA GLY B 202 -6.26 -0.36 -9.64
C GLY B 202 -6.37 0.45 -8.36
N ALA B 203 -6.96 -0.16 -7.32
CA ALA B 203 -7.31 0.55 -6.09
C ALA B 203 -6.07 0.78 -5.23
N LEU B 204 -5.06 -0.07 -5.36
CA LEU B 204 -3.86 0.03 -4.54
C LEU B 204 -2.91 1.10 -5.11
N GLN B 205 -2.98 1.37 -6.42
CA GLN B 205 -2.03 2.27 -7.10
C GLN B 205 -2.54 3.73 -7.16
N ASN B 206 -3.85 3.98 -6.99
CA ASN B 206 -4.47 5.24 -7.43
C ASN B 206 -5.23 5.93 -6.31
N ILE B 207 -5.24 7.27 -6.37
CA ILE B 207 -6.29 8.11 -5.86
C ILE B 207 -7.38 8.14 -6.96
N ILE B 208 -8.62 7.86 -6.59
CA ILE B 208 -9.71 7.67 -7.59
C ILE B 208 -10.87 8.56 -7.23
N PRO B 209 -11.17 9.61 -8.02
CA PRO B 209 -12.36 10.44 -7.80
C PRO B 209 -13.62 9.64 -8.12
N ALA B 210 -14.64 9.82 -7.29
CA ALA B 210 -15.94 9.13 -7.42
C ALA B 210 -17.04 10.10 -7.03
N SER B 211 -18.16 10.05 -7.76
CA SER B 211 -19.34 10.71 -7.38
C SER B 211 -19.90 10.05 -6.13
N THR B 212 -20.65 10.84 -5.36
CA THR B 212 -21.40 10.36 -4.22
C THR B 212 -22.57 11.29 -3.99
N GLY B 213 -23.76 10.73 -3.74
CA GLY B 213 -24.90 11.51 -3.29
C GLY B 213 -24.99 11.70 -1.77
N ALA B 214 -23.92 11.40 -1.00
CA ALA B 214 -24.01 11.41 0.47
C ALA B 214 -24.30 12.80 1.04
N ALA B 215 -23.71 13.85 0.47
CA ALA B 215 -23.93 15.18 0.94
C ALA B 215 -25.37 15.63 0.65
N LYS B 216 -25.82 15.42 -0.59
CA LYS B 216 -27.18 15.77 -1.02
C LYS B 216 -28.19 15.03 -0.10
N ALA B 217 -27.86 13.80 0.30
CA ALA B 217 -28.73 13.01 1.20
C ALA B 217 -28.90 13.63 2.58
N VAL B 218 -27.94 14.40 3.05
CA VAL B 218 -28.09 15.04 4.30
C VAL B 218 -29.32 15.96 4.29
N GLY B 219 -29.59 16.62 3.15
CA GLY B 219 -30.78 17.46 2.95
C GLY B 219 -32.12 16.71 2.97
N LYS B 220 -32.08 15.38 2.91
CA LYS B 220 -33.28 14.53 3.10
C LYS B 220 -33.46 14.15 4.57
N VAL B 221 -32.36 13.96 5.31
CA VAL B 221 -32.53 13.59 6.73
C VAL B 221 -32.59 14.86 7.57
N ILE B 222 -32.08 15.99 7.05
CA ILE B 222 -32.21 17.32 7.67
C ILE B 222 -32.84 18.25 6.63
N PRO B 223 -34.19 18.23 6.54
CA PRO B 223 -34.91 18.97 5.49
C PRO B 223 -34.54 20.46 5.32
N GLU B 224 -34.22 21.14 6.40
CA GLU B 224 -33.82 22.53 6.35
CA GLU B 224 -33.83 22.54 6.33
C GLU B 224 -32.55 22.69 5.48
N LEU B 225 -31.80 21.59 5.27
CA LEU B 225 -30.57 21.66 4.42
C LEU B 225 -30.80 21.10 3.02
N ASN B 226 -32.06 20.90 2.65
CA ASN B 226 -32.37 20.44 1.35
C ASN B 226 -31.83 21.42 0.30
N GLY B 227 -31.16 20.88 -0.72
CA GLY B 227 -30.46 21.67 -1.80
C GLY B 227 -29.28 22.53 -1.35
N LYS B 228 -28.83 22.41 -0.09
CA LYS B 228 -27.77 23.30 0.46
C LYS B 228 -26.37 22.62 0.53
N LEU B 229 -26.30 21.34 0.27
CA LEU B 229 -25.06 20.56 0.33
C LEU B 229 -24.91 19.69 -0.90
N THR B 230 -23.67 19.56 -1.38
CA THR B 230 -23.32 18.45 -2.25
C THR B 230 -21.83 18.15 -2.06
N GLY B 231 -21.30 17.26 -2.89
CA GLY B 231 -19.94 16.84 -2.68
C GLY B 231 -19.50 15.70 -3.57
N MET B 232 -18.28 15.20 -3.28
CA MET B 232 -17.70 14.10 -4.00
C MET B 232 -16.70 13.37 -3.10
N ALA B 233 -16.14 12.29 -3.64
CA ALA B 233 -15.22 11.36 -2.90
C ALA B 233 -13.93 11.16 -3.67
N PHE B 234 -12.84 10.88 -2.94
CA PHE B 234 -11.64 10.24 -3.48
C PHE B 234 -11.40 8.92 -2.76
N ARG B 235 -11.33 7.82 -3.49
CA ARG B 235 -10.89 6.56 -2.92
C ARG B 235 -9.36 6.55 -2.90
N VAL B 236 -8.82 6.16 -1.76
CA VAL B 236 -7.38 6.03 -1.59
C VAL B 236 -7.02 4.68 -1.01
N PRO B 237 -5.75 4.27 -1.17
CA PRO B 237 -5.29 2.94 -0.78
C PRO B 237 -5.06 2.66 0.71
N THR B 238 -6.13 2.76 1.48
CA THR B 238 -6.20 2.24 2.83
CA THR B 238 -6.20 2.23 2.81
C THR B 238 -7.37 1.27 2.89
N ALA B 239 -7.27 0.29 3.79
CA ALA B 239 -8.27 -0.79 3.84
C ALA B 239 -9.53 -0.42 4.61
N ASN B 240 -9.46 0.58 5.49
CA ASN B 240 -10.60 0.98 6.27
C ASN B 240 -10.31 2.31 6.95
N VAL B 241 -11.38 3.03 7.29
CA VAL B 241 -11.45 4.33 7.93
C VAL B 241 -11.34 5.41 6.86
N SER B 242 -12.23 6.38 6.99
CA SER B 242 -12.44 7.39 6.00
C SER B 242 -12.58 8.72 6.74
N VAL B 243 -12.61 9.82 6.00
CA VAL B 243 -12.70 11.10 6.63
C VAL B 243 -13.56 12.00 5.75
N VAL B 244 -14.37 12.83 6.41
CA VAL B 244 -15.19 13.85 5.78
C VAL B 244 -14.50 15.21 5.99
N ASP B 245 -14.47 15.99 4.92
CA ASP B 245 -13.98 17.36 4.88
C ASP B 245 -15.14 18.25 4.39
N LEU B 246 -15.75 19.00 5.29
CA LEU B 246 -16.93 19.83 4.99
C LEU B 246 -16.47 21.28 4.97
N THR B 247 -16.58 21.89 3.80
CA THR B 247 -16.37 23.32 3.67
C THR B 247 -17.73 24.05 3.63
N CYS B 248 -17.99 24.93 4.58
CA CYS B 248 -19.33 25.50 4.59
C CYS B 248 -19.28 26.99 4.93
N ARG B 249 -20.32 27.70 4.48
CA ARG B 249 -20.58 29.04 4.83
C ARG B 249 -21.66 29.07 5.91
N LEU B 250 -21.44 29.87 6.93
CA LEU B 250 -22.30 29.94 8.07
C LEU B 250 -23.09 31.25 8.02
N GLU B 251 -24.31 31.21 8.54
CA GLU B 251 -25.23 32.36 8.60
CA GLU B 251 -25.21 32.37 8.59
C GLU B 251 -24.74 33.30 9.71
N LYS B 252 -24.57 32.76 10.91
CA LYS B 252 -24.13 33.54 12.06
C LYS B 252 -22.61 33.40 12.19
N PRO B 253 -21.92 34.43 12.73
CA PRO B 253 -20.47 34.36 12.92
C PRO B 253 -20.15 33.27 13.93
N ALA B 254 -19.12 32.47 13.64
CA ALA B 254 -18.67 31.39 14.47
C ALA B 254 -17.14 31.38 14.55
N LYS B 255 -16.60 31.82 15.69
CA LYS B 255 -15.20 31.60 16.02
C LYS B 255 -14.97 30.09 16.07
N TYR B 256 -13.78 29.64 15.66
CA TYR B 256 -13.49 28.19 15.64
C TYR B 256 -13.64 27.58 17.05
N ASP B 257 -13.22 28.32 18.08
CA ASP B 257 -13.37 27.82 19.46
C ASP B 257 -14.84 27.62 19.82
N ASP B 258 -15.75 28.42 19.25
CA ASP B 258 -17.19 28.30 19.51
C ASP B 258 -17.69 26.99 18.85
N ILE B 259 -17.19 26.72 17.63
CA ILE B 259 -17.59 25.50 16.89
C ILE B 259 -17.18 24.27 17.71
N LYS B 260 -15.94 24.30 18.20
CA LYS B 260 -15.42 23.25 19.04
C LYS B 260 -16.26 23.06 20.29
N LYS B 261 -16.56 24.15 21.01
CA LYS B 261 -17.43 24.08 22.19
C LYS B 261 -18.75 23.36 21.88
N VAL B 262 -19.49 23.78 20.85
CA VAL B 262 -20.84 23.20 20.59
C VAL B 262 -20.74 21.74 20.13
N VAL B 263 -19.69 21.41 19.37
CA VAL B 263 -19.52 19.98 18.94
C VAL B 263 -19.20 19.11 20.16
N LYS B 264 -18.29 19.57 21.01
CA LYS B 264 -17.90 18.84 22.20
C LYS B 264 -19.11 18.62 23.08
N GLN B 265 -19.93 19.67 23.24
CA GLN B 265 -21.19 19.62 24.05
C GLN B 265 -22.13 18.56 23.44
N ALA B 266 -22.34 18.57 22.12
CA ALA B 266 -23.19 17.57 21.44
C ALA B 266 -22.64 16.15 21.64
N SER B 267 -21.32 15.99 21.61
CA SER B 267 -20.67 14.67 21.71
C SER B 267 -20.83 14.08 23.10
N GLU B 268 -20.98 14.96 24.11
CA GLU B 268 -21.06 14.62 25.51
C GLU B 268 -22.50 14.39 25.97
N GLY B 269 -23.49 14.79 25.17
CA GLY B 269 -24.88 14.81 25.58
C GLY B 269 -25.78 14.13 24.55
N PRO B 270 -26.57 14.87 23.75
CA PRO B 270 -27.59 14.26 22.89
C PRO B 270 -27.06 13.32 21.79
N LEU B 271 -25.83 13.52 21.31
CA LEU B 271 -25.26 12.66 20.27
C LEU B 271 -24.14 11.76 20.83
N LYS B 272 -24.17 11.44 22.12
CA LYS B 272 -23.16 10.63 22.67
C LYS B 272 -23.18 9.27 21.96
N GLY B 273 -22.02 8.74 21.61
CA GLY B 273 -21.93 7.45 20.89
C GLY B 273 -22.06 7.61 19.38
N ILE B 274 -22.56 8.75 18.91
CA ILE B 274 -22.84 8.98 17.53
C ILE B 274 -21.77 9.95 16.98
N LEU B 275 -21.75 11.15 17.56
CA LEU B 275 -20.77 12.18 17.25
C LEU B 275 -19.72 12.19 18.35
N GLY B 276 -18.47 11.99 17.98
CA GLY B 276 -17.35 12.16 18.91
C GLY B 276 -16.62 13.47 18.66
N TYR B 277 -15.67 13.73 19.56
CA TYR B 277 -14.90 14.97 19.56
C TYR B 277 -13.53 14.62 20.08
N THR B 278 -12.50 15.10 19.37
CA THR B 278 -11.17 14.98 19.83
C THR B 278 -10.35 16.22 19.46
N GLU B 279 -9.36 16.49 20.32
CA GLU B 279 -8.31 17.46 20.11
C GLU B 279 -6.94 16.75 20.00
N HIS B 280 -6.93 15.41 20.02
CA HIS B 280 -5.74 14.66 19.94
C HIS B 280 -5.21 14.64 18.51
N GLN B 281 -3.90 14.39 18.40
CA GLN B 281 -3.19 14.42 17.10
C GLN B 281 -3.37 13.05 16.40
N VAL B 282 -4.60 12.84 15.95
CA VAL B 282 -5.06 11.52 15.42
C VAL B 282 -4.73 11.39 13.94
N VAL B 283 -4.64 10.14 13.54
CA VAL B 283 -4.58 9.73 12.17
C VAL B 283 -5.61 8.60 12.00
N SER B 284 -5.79 8.19 10.76
CA SER B 284 -6.93 7.30 10.41
C SER B 284 -6.91 6.00 11.26
N SER B 285 -5.74 5.39 11.47
CA SER B 285 -5.72 4.07 12.15
C SER B 285 -6.22 4.21 13.59
N ASP B 286 -6.18 5.42 14.18
CA ASP B 286 -6.67 5.60 15.55
C ASP B 286 -8.18 5.36 15.65
N PHE B 287 -8.89 5.32 14.51
CA PHE B 287 -10.35 5.10 14.53
C PHE B 287 -10.69 3.69 14.06
N ASN B 288 -9.68 2.84 13.91
CA ASN B 288 -9.99 1.49 13.46
C ASN B 288 -10.81 0.81 14.58
N SER B 289 -12.00 0.31 14.19
CA SER B 289 -12.96 -0.34 15.14
C SER B 289 -13.64 0.64 16.08
N ASP B 290 -13.59 1.94 15.77
CA ASP B 290 -14.28 2.95 16.54
C ASP B 290 -15.75 2.97 16.11
N THR B 291 -16.66 2.92 17.10
CA THR B 291 -18.09 2.74 16.82
C THR B 291 -18.83 4.05 16.58
N HIS B 292 -18.17 5.22 16.66
CA HIS B 292 -18.86 6.48 16.41
C HIS B 292 -19.29 6.56 14.93
N SER B 293 -20.31 7.36 14.63
CA SER B 293 -20.63 7.65 13.23
C SER B 293 -19.69 8.71 12.65
N SER B 294 -19.18 9.59 13.52
CA SER B 294 -18.53 10.84 13.12
C SER B 294 -17.69 11.27 14.31
N THR B 295 -16.35 11.40 14.14
CA THR B 295 -15.53 12.03 15.19
C THR B 295 -14.89 13.32 14.66
N PHE B 296 -15.33 14.47 15.20
CA PHE B 296 -14.81 15.77 14.88
C PHE B 296 -13.35 15.87 15.34
N ASP B 297 -12.50 16.31 14.41
CA ASP B 297 -11.05 16.44 14.63
C ASP B 297 -10.80 17.95 14.78
N ALA B 298 -10.73 18.43 16.02
CA ALA B 298 -10.60 19.85 16.29
C ALA B 298 -9.34 20.42 15.63
N GLY B 299 -8.19 19.75 15.82
CA GLY B 299 -6.92 20.26 15.34
C GLY B 299 -6.79 20.25 13.81
N ALA B 300 -7.56 19.43 13.09
CA ALA B 300 -7.33 19.26 11.62
C ALA B 300 -8.09 20.28 10.78
N GLY B 301 -9.16 20.85 11.34
CA GLY B 301 -9.98 21.81 10.61
C GLY B 301 -9.36 23.20 10.63
N ILE B 302 -9.91 24.10 9.82
CA ILE B 302 -9.33 25.40 9.68
C ILE B 302 -10.44 26.37 9.28
N ALA B 303 -10.43 27.56 9.90
CA ALA B 303 -11.34 28.66 9.54
C ALA B 303 -10.61 29.69 8.67
N LEU B 304 -11.22 30.08 7.55
CA LEU B 304 -10.70 31.26 6.82
C LEU B 304 -11.11 32.53 7.57
N ASN B 305 -12.41 32.58 7.92
CA ASN B 305 -13.01 33.71 8.63
C ASN B 305 -14.14 33.17 9.50
N ASP B 306 -14.86 34.08 10.18
CA ASP B 306 -15.98 33.72 11.09
C ASP B 306 -17.20 33.12 10.36
N HIS B 307 -17.24 33.14 9.01
CA HIS B 307 -18.38 32.61 8.25
C HIS B 307 -17.99 31.51 7.24
N PHE B 308 -16.74 31.07 7.22
CA PHE B 308 -16.30 30.19 6.15
C PHE B 308 -15.21 29.26 6.67
N VAL B 309 -15.55 27.96 6.81
CA VAL B 309 -14.76 27.02 7.62
C VAL B 309 -14.73 25.66 6.93
N LYS B 310 -13.67 24.93 7.23
CA LYS B 310 -13.45 23.56 6.79
C LYS B 310 -13.36 22.68 8.03
N LEU B 311 -14.31 21.73 8.14
CA LEU B 311 -14.49 20.89 9.34
C LEU B 311 -14.18 19.44 8.93
N ILE B 312 -13.38 18.77 9.76
CA ILE B 312 -12.89 17.44 9.50
C ILE B 312 -13.53 16.46 10.49
N SER B 313 -14.06 15.35 9.98
CA SER B 313 -14.62 14.32 10.86
C SER B 313 -14.28 12.95 10.34
N TRP B 314 -13.80 12.10 11.25
CA TRP B 314 -13.40 10.72 10.93
C TRP B 314 -14.54 9.73 11.10
N TYR B 315 -14.46 8.64 10.33
CA TYR B 315 -15.42 7.58 10.46
C TYR B 315 -14.82 6.23 10.04
N ASP B 316 -14.97 5.25 10.94
CA ASP B 316 -14.73 3.86 10.56
C ASP B 316 -15.97 3.45 9.73
N ASN B 317 -15.81 3.43 8.41
CA ASN B 317 -16.90 3.25 7.45
C ASN B 317 -17.55 1.87 7.61
N GLU B 318 -16.80 0.90 8.07
CA GLU B 318 -17.31 -0.43 8.33
C GLU B 318 -18.05 -0.51 9.67
N PHE B 319 -17.34 -0.11 10.71
CA PHE B 319 -17.74 -0.47 12.08
C PHE B 319 -18.76 0.52 12.66
N GLY B 320 -18.63 1.82 12.33
CA GLY B 320 -19.56 2.82 12.81
C GLY B 320 -20.95 2.53 12.21
N TYR B 321 -20.96 2.39 10.89
CA TYR B 321 -22.16 2.12 10.15
C TYR B 321 -22.85 0.82 10.60
N SER B 322 -22.12 -0.27 10.74
CA SER B 322 -22.68 -1.57 11.17
C SER B 322 -23.36 -1.46 12.52
N ASN B 323 -22.74 -0.75 13.44
CA ASN B 323 -23.33 -0.47 14.75
C ASN B 323 -24.61 0.35 14.62
N ARG B 324 -24.62 1.32 13.71
CA ARG B 324 -25.80 2.10 13.45
C ARG B 324 -26.96 1.25 12.89
N VAL B 325 -26.66 0.22 12.11
CA VAL B 325 -27.74 -0.63 11.58
C VAL B 325 -28.44 -1.32 12.77
N VAL B 326 -27.63 -1.85 13.67
CA VAL B 326 -28.11 -2.53 14.88
C VAL B 326 -28.92 -1.54 15.72
N ASP B 327 -28.37 -0.34 15.95
CA ASP B 327 -28.99 0.65 16.79
C ASP B 327 -30.37 1.00 16.22
N LEU B 328 -30.46 1.19 14.89
CA LEU B 328 -31.70 1.59 14.25
C LEU B 328 -32.74 0.48 14.39
N MET B 329 -32.32 -0.78 14.22
CA MET B 329 -33.26 -1.89 14.32
C MET B 329 -33.83 -1.97 15.75
N ALA B 330 -32.96 -1.77 16.75
CA ALA B 330 -33.45 -1.84 18.14
C ALA B 330 -34.43 -0.69 18.43
N HIS B 331 -34.17 0.49 17.84
CA HIS B 331 -35.09 1.63 17.93
C HIS B 331 -36.43 1.30 17.26
N MET B 332 -36.38 0.68 16.08
CA MET B 332 -37.59 0.32 15.33
C MET B 332 -38.43 -0.64 16.19
N ALA B 333 -37.78 -1.61 16.81
CA ALA B 333 -38.39 -2.63 17.66
C ALA B 333 -39.17 -1.93 18.79
N SER B 334 -38.54 -0.90 19.37
CA SER B 334 -39.11 -0.17 20.52
C SER B 334 -40.40 0.58 20.15
N LYS B 335 -40.61 0.81 18.84
CA LYS B 335 -41.78 1.56 18.37
C LYS B 335 -42.88 0.64 17.83
N GLU B 336 -42.73 -0.69 17.89
CA GLU B 336 -43.76 -1.57 17.29
C GLU B 336 -45.16 -1.34 17.90
N GLY C 3 10.40 -8.80 44.07
CA GLY C 3 10.76 -10.03 43.30
C GLY C 3 10.91 -9.77 41.81
N LYS C 4 10.01 -8.97 41.23
CA LYS C 4 10.06 -8.59 39.81
C LYS C 4 11.26 -7.65 39.58
N VAL C 5 12.05 -7.97 38.56
CA VAL C 5 13.17 -7.16 38.20
C VAL C 5 12.69 -5.79 37.68
N LYS C 6 13.44 -4.74 38.03
CA LYS C 6 13.18 -3.41 37.60
C LYS C 6 14.02 -3.13 36.35
N VAL C 7 13.38 -2.58 35.32
CA VAL C 7 13.90 -2.55 33.96
C VAL C 7 13.95 -1.12 33.48
N GLY C 8 15.00 -0.86 32.70
CA GLY C 8 15.16 0.38 31.99
C GLY C 8 15.20 0.12 30.50
N VAL C 9 14.62 1.03 29.71
CA VAL C 9 14.55 0.86 28.28
C VAL C 9 15.33 1.99 27.62
N ASN C 10 16.31 1.61 26.82
CA ASN C 10 17.04 2.56 25.98
C ASN C 10 16.53 2.51 24.54
N GLY C 11 15.88 3.59 24.09
CA GLY C 11 15.29 3.64 22.75
C GLY C 11 13.81 3.26 22.83
N PHE C 12 12.95 4.26 22.78
CA PHE C 12 11.50 4.04 22.94
C PHE C 12 10.82 3.95 21.56
N GLY C 13 11.20 2.93 20.78
CA GLY C 13 10.83 2.77 19.37
C GLY C 13 9.73 1.75 19.26
N ARG C 14 9.67 1.08 18.12
CA ARG C 14 8.75 0.00 18.02
C ARG C 14 8.98 -1.03 19.12
N ILE C 15 10.23 -1.49 19.28
CA ILE C 15 10.50 -2.57 20.21
C ILE C 15 10.49 -2.00 21.63
N GLY C 16 11.09 -0.83 21.81
CA GLY C 16 11.08 -0.17 23.16
C GLY C 16 9.67 0.02 23.69
N ARG C 17 8.77 0.57 22.85
CA ARG C 17 7.40 0.77 23.25
C ARG C 17 6.67 -0.55 23.44
N LEU C 18 6.90 -1.56 22.57
CA LEU C 18 6.11 -2.79 22.73
C LEU C 18 6.67 -3.70 23.82
N VAL C 19 7.98 -3.63 24.08
CA VAL C 19 8.51 -4.26 25.30
C VAL C 19 7.83 -3.62 26.52
N THR C 20 7.74 -2.28 26.55
CA THR C 20 7.04 -1.60 27.64
C THR C 20 5.60 -2.11 27.75
N ARG C 21 4.91 -2.10 26.60
CA ARG C 21 3.52 -2.59 26.55
C ARG C 21 3.43 -4.04 27.06
N ALA C 22 4.32 -4.92 26.57
CA ALA C 22 4.35 -6.35 27.00
C ALA C 22 4.59 -6.47 28.50
N ALA C 23 5.49 -5.63 29.06
CA ALA C 23 5.83 -5.72 30.50
C ALA C 23 4.61 -5.36 31.34
N PHE C 24 3.95 -4.27 30.97
CA PHE C 24 2.75 -3.85 31.69
C PHE C 24 1.59 -4.86 31.46
N ASN C 25 1.44 -5.42 30.25
CA ASN C 25 0.37 -6.38 30.04
CA ASN C 25 0.38 -6.40 30.02
C ASN C 25 0.63 -7.67 30.86
N SER C 26 1.87 -8.19 30.84
CA SER C 26 2.19 -9.51 31.46
C SER C 26 2.44 -9.42 32.96
N GLY C 27 2.87 -8.23 33.43
CA GLY C 27 3.34 -8.04 34.77
C GLY C 27 4.64 -8.79 35.11
N LYS C 28 5.40 -9.27 34.12
CA LYS C 28 6.56 -10.19 34.42
C LYS C 28 7.79 -9.41 34.92
N VAL C 29 7.93 -8.14 34.49
CA VAL C 29 8.98 -7.24 34.91
C VAL C 29 8.35 -5.88 35.16
N ASP C 30 9.06 -4.98 35.85
CA ASP C 30 8.57 -3.63 36.19
CA ASP C 30 8.54 -3.64 36.13
C ASP C 30 9.43 -2.60 35.43
N ILE C 31 8.85 -1.90 34.46
CA ILE C 31 9.57 -0.81 33.78
C ILE C 31 9.64 0.40 34.71
N VAL C 32 10.86 0.91 34.99
CA VAL C 32 11.07 2.01 35.92
C VAL C 32 11.80 3.19 35.28
N ALA C 33 12.34 3.05 34.05
CA ALA C 33 13.02 4.10 33.46
C ALA C 33 13.06 3.93 31.95
N ILE C 34 12.95 5.05 31.25
CA ILE C 34 13.09 5.05 29.80
C ILE C 34 14.00 6.20 29.38
N ASN C 35 14.91 5.93 28.45
CA ASN C 35 15.76 6.96 27.84
C ASN C 35 15.50 7.05 26.33
N ASP C 36 15.24 8.26 25.81
CA ASP C 36 15.13 8.50 24.40
C ASP C 36 15.33 9.99 24.16
N PRO C 37 16.50 10.40 23.62
CA PRO C 37 16.74 11.82 23.39
C PRO C 37 15.82 12.40 22.31
N PHE C 38 15.13 11.58 21.50
CA PHE C 38 14.27 12.13 20.40
C PHE C 38 12.77 12.08 20.71
N ILE C 39 12.40 11.73 21.94
CA ILE C 39 10.98 11.69 22.32
C ILE C 39 10.90 12.25 23.74
N ASP C 40 10.40 13.49 23.91
CA ASP C 40 10.22 14.07 25.26
C ASP C 40 9.02 13.42 25.98
N LEU C 41 8.87 13.76 27.26
CA LEU C 41 7.91 13.12 28.10
C LEU C 41 6.51 13.21 27.50
N ASN C 42 6.04 14.41 27.14
CA ASN C 42 4.64 14.51 26.68
C ASN C 42 4.46 13.75 25.35
N TYR C 43 5.52 13.71 24.53
CA TYR C 43 5.49 12.95 23.26
C TYR C 43 5.41 11.46 23.57
N MET C 44 6.14 10.98 24.60
CA MET C 44 6.12 9.56 24.91
C MET C 44 4.69 9.11 25.23
N VAL C 45 3.91 9.95 25.93
CA VAL C 45 2.54 9.60 26.29
C VAL C 45 1.77 9.30 25.00
N TYR C 46 1.91 10.19 24.02
CA TYR C 46 1.17 10.06 22.75
C TYR C 46 1.65 8.81 22.01
N MET C 47 2.98 8.64 21.92
CA MET C 47 3.53 7.54 21.12
C MET C 47 3.19 6.17 21.72
N PHE C 48 3.09 6.13 23.04
CA PHE C 48 2.77 4.87 23.73
C PHE C 48 1.27 4.63 23.65
N GLN C 49 0.49 5.71 23.73
CA GLN C 49 -0.97 5.51 23.79
C GLN C 49 -1.55 5.08 22.44
N TYR C 50 -1.08 5.66 21.35
CA TYR C 50 -1.65 5.40 20.03
C TYR C 50 -0.63 4.59 19.22
N ASP C 51 -1.10 3.51 18.59
CA ASP C 51 -0.22 2.63 17.84
C ASP C 51 -0.95 2.23 16.55
N SER C 52 -0.40 2.60 15.39
CA SER C 52 -1.08 2.30 14.14
C SER C 52 -1.25 0.79 13.98
N THR C 53 -0.30 0.01 14.45
CA THR C 53 -0.26 -1.42 14.18
C THR C 53 -1.06 -2.23 15.22
N HIS C 54 -0.93 -1.88 16.49
CA HIS C 54 -1.47 -2.75 17.59
C HIS C 54 -2.62 -2.09 18.33
N GLY C 55 -3.06 -0.93 17.85
CA GLY C 55 -4.19 -0.26 18.50
C GLY C 55 -3.79 0.48 19.77
N LYS C 56 -4.78 1.21 20.27
CA LYS C 56 -4.64 2.06 21.46
C LYS C 56 -4.25 1.19 22.66
N PHE C 57 -3.36 1.73 23.49
CA PHE C 57 -3.01 1.05 24.69
C PHE C 57 -4.25 0.87 25.59
N HIS C 58 -4.38 -0.36 26.06
CA HIS C 58 -5.38 -0.81 27.03
C HIS C 58 -4.80 -0.57 28.43
N GLY C 59 -4.99 0.64 28.93
CA GLY C 59 -4.54 1.03 30.23
C GLY C 59 -4.52 2.52 30.26
N THR C 60 -3.83 3.10 31.24
CA THR C 60 -3.77 4.52 31.35
C THR C 60 -2.31 4.96 31.19
N VAL C 61 -2.12 6.09 30.51
CA VAL C 61 -0.80 6.69 30.35
C VAL C 61 -0.97 8.21 30.46
N LYS C 62 -0.15 8.84 31.31
CA LYS C 62 -0.11 10.27 31.43
C LYS C 62 1.26 10.72 31.95
N ALA C 63 1.52 11.99 31.74
CA ALA C 63 2.67 12.69 32.28
C ALA C 63 2.26 13.29 33.63
N GLU C 64 2.99 12.99 34.68
CA GLU C 64 2.70 13.54 36.03
C GLU C 64 4.03 13.76 36.77
N ASN C 65 4.27 15.02 37.17
CA ASN C 65 5.44 15.44 37.98
CA ASN C 65 5.42 15.34 38.01
C ASN C 65 6.74 15.00 37.30
N GLY C 66 6.80 15.21 35.97
CA GLY C 66 7.96 14.96 35.14
C GLY C 66 8.26 13.47 34.90
N LYS C 67 7.33 12.58 35.23
CA LYS C 67 7.43 11.16 35.00
C LYS C 67 6.33 10.68 34.04
N LEU C 68 6.61 9.58 33.34
CA LEU C 68 5.61 8.87 32.58
C LEU C 68 4.93 7.85 33.50
N VAL C 69 3.60 7.92 33.59
CA VAL C 69 2.87 7.05 34.48
C VAL C 69 1.98 6.11 33.69
N ILE C 70 2.36 4.84 33.70
CA ILE C 70 1.64 3.82 32.98
C ILE C 70 0.92 2.94 33.99
N ASN C 71 -0.42 2.89 33.88
CA ASN C 71 -1.24 2.10 34.83
C ASN C 71 -0.90 2.45 36.29
N GLY C 72 -0.72 3.74 36.57
CA GLY C 72 -0.42 4.27 37.93
C GLY C 72 1.04 4.14 38.34
N ASN C 73 1.91 3.58 37.47
CA ASN C 73 3.32 3.26 37.81
C ASN C 73 4.23 4.31 37.20
N PRO C 74 4.96 5.10 38.02
CA PRO C 74 5.78 6.19 37.53
C PRO C 74 7.15 5.69 37.01
N ILE C 75 7.56 6.28 35.90
CA ILE C 75 8.73 5.88 35.16
C ILE C 75 9.59 7.11 35.01
N THR C 76 10.85 7.04 35.44
CA THR C 76 11.79 8.14 35.25
C THR C 76 12.18 8.24 33.77
N ILE C 77 12.20 9.44 33.25
CA ILE C 77 12.47 9.65 31.84
C ILE C 77 13.80 10.36 31.68
N PHE C 78 14.69 9.78 30.86
CA PHE C 78 15.97 10.39 30.52
C PHE C 78 15.98 10.82 29.06
N GLN C 79 16.84 11.79 28.73
CA GLN C 79 16.95 12.28 27.36
C GLN C 79 18.43 12.36 26.96
N GLU C 80 19.18 11.25 27.03
CA GLU C 80 20.67 11.25 26.83
C GLU C 80 21.02 10.54 25.52
N ARG C 81 21.84 11.19 24.67
CA ARG C 81 22.37 10.57 23.46
C ARG C 81 23.44 9.54 23.82
N ASP C 82 24.21 9.84 24.86
CA ASP C 82 25.37 9.01 25.28
C ASP C 82 24.96 7.98 26.36
N PRO C 83 24.93 6.68 26.04
CA PRO C 83 24.36 5.71 26.98
C PRO C 83 25.19 5.63 28.29
N SER C 84 26.49 6.03 28.26
CA SER C 84 27.32 5.94 29.45
C SER C 84 26.90 6.98 30.49
N LYS C 85 26.06 7.94 30.09
CA LYS C 85 25.63 9.05 30.97
C LYS C 85 24.21 8.87 31.53
N ILE C 86 23.56 7.73 31.25
CA ILE C 86 22.19 7.52 31.72
C ILE C 86 22.24 6.98 33.15
N LYS C 87 21.57 7.65 34.09
CA LYS C 87 21.61 7.28 35.51
C LYS C 87 20.60 6.17 35.84
N TRP C 88 20.86 4.99 35.29
CA TRP C 88 20.01 3.82 35.52
C TRP C 88 19.95 3.48 37.00
N GLY C 89 21.13 3.51 37.66
CA GLY C 89 21.19 3.07 39.05
C GLY C 89 20.36 3.95 39.95
N ASP C 90 20.39 5.25 39.71
CA ASP C 90 19.66 6.27 40.49
C ASP C 90 18.14 6.02 40.30
N ALA C 91 17.76 5.58 39.10
CA ALA C 91 16.31 5.36 38.78
C ALA C 91 15.88 3.97 39.24
N GLY C 92 16.82 3.11 39.65
CA GLY C 92 16.52 1.82 40.15
C GLY C 92 16.40 0.75 39.07
N ALA C 93 16.80 1.09 37.83
CA ALA C 93 16.80 0.10 36.74
C ALA C 93 17.97 -0.87 36.88
N GLU C 94 17.64 -2.15 37.06
CA GLU C 94 18.58 -3.18 37.25
C GLU C 94 18.97 -3.82 35.91
N TYR C 95 17.98 -4.15 35.05
CA TYR C 95 18.30 -4.61 33.68
C TYR C 95 17.99 -3.47 32.71
N VAL C 96 18.78 -3.36 31.64
CA VAL C 96 18.50 -2.39 30.63
C VAL C 96 18.24 -3.13 29.31
N VAL C 97 17.07 -2.85 28.70
CA VAL C 97 16.81 -3.24 27.34
C VAL C 97 17.42 -2.20 26.37
N GLU C 98 18.36 -2.66 25.53
CA GLU C 98 19.10 -1.81 24.61
C GLU C 98 18.46 -1.97 23.22
N SER C 99 17.52 -1.06 22.95
CA SER C 99 16.62 -1.19 21.79
C SER C 99 16.74 0.01 20.87
N THR C 100 17.95 0.61 20.79
CA THR C 100 18.13 1.71 19.89
C THR C 100 18.53 1.22 18.50
N GLY C 101 19.19 0.07 18.42
CA GLY C 101 19.79 -0.42 17.17
C GLY C 101 21.23 0.04 16.97
N VAL C 102 21.78 0.90 17.84
CA VAL C 102 23.08 1.48 17.51
C VAL C 102 24.17 1.02 18.48
N PHE C 103 23.83 0.26 19.53
CA PHE C 103 24.77 -0.13 20.57
C PHE C 103 24.70 -1.65 20.74
N THR C 104 25.14 -2.41 19.74
CA THR C 104 24.84 -3.84 19.69
C THR C 104 26.06 -4.74 19.99
N THR C 105 27.25 -4.14 20.08
CA THR C 105 28.43 -4.88 20.56
C THR C 105 28.42 -4.90 22.09
N MET C 106 29.13 -5.86 22.68
CA MET C 106 29.27 -5.87 24.13
C MET C 106 29.96 -4.58 24.61
N GLU C 107 30.90 -4.02 23.82
CA GLU C 107 31.60 -2.80 24.22
C GLU C 107 30.62 -1.65 24.29
N LYS C 108 29.79 -1.51 23.25
CA LYS C 108 28.88 -0.34 23.17
C LYS C 108 27.72 -0.49 24.16
N ALA C 109 27.13 -1.68 24.22
CA ALA C 109 26.01 -1.95 25.13
C ALA C 109 26.48 -1.85 26.59
N GLY C 110 27.76 -2.16 26.82
CA GLY C 110 28.40 -2.11 28.13
C GLY C 110 28.51 -0.70 28.70
N ALA C 111 28.27 0.34 27.89
CA ALA C 111 28.21 1.71 28.40
C ALA C 111 27.16 1.85 29.52
N HIS C 112 26.05 1.10 29.44
CA HIS C 112 24.98 1.17 30.47
C HIS C 112 25.47 0.75 31.87
N LEU C 113 26.52 -0.06 31.94
CA LEU C 113 27.08 -0.42 33.24
C LEU C 113 27.67 0.82 33.94
N GLN C 114 28.13 1.81 33.17
CA GLN C 114 28.74 3.03 33.80
C GLN C 114 27.73 3.83 34.61
N GLY C 115 26.45 3.82 34.20
CA GLY C 115 25.40 4.54 34.89
C GLY C 115 24.66 3.67 35.90
N GLY C 116 25.12 2.44 36.07
CA GLY C 116 24.69 1.63 37.20
C GLY C 116 23.74 0.48 36.85
N ALA C 117 23.47 0.23 35.56
CA ALA C 117 22.76 -1.00 35.20
C ALA C 117 23.59 -2.22 35.60
N LYS C 118 22.88 -3.31 35.94
CA LYS C 118 23.53 -4.57 36.31
C LYS C 118 23.70 -5.49 35.12
N ARG C 119 22.68 -5.50 34.25
CA ARG C 119 22.70 -6.33 33.07
C ARG C 119 22.05 -5.59 31.91
N VAL C 120 22.47 -5.96 30.72
CA VAL C 120 21.96 -5.36 29.48
C VAL C 120 21.50 -6.49 28.54
N ILE C 121 20.32 -6.29 27.95
CA ILE C 121 19.73 -7.19 26.97
C ILE C 121 19.60 -6.40 25.65
N ILE C 122 20.41 -6.78 24.67
CA ILE C 122 20.41 -6.11 23.40
C ILE C 122 19.24 -6.70 22.59
N SER C 123 18.34 -5.84 22.12
CA SER C 123 17.11 -6.27 21.39
C SER C 123 17.41 -6.48 19.89
N ALA C 124 18.52 -7.15 19.57
CA ALA C 124 19.02 -7.32 18.23
C ALA C 124 20.18 -8.31 18.26
N PRO C 125 20.59 -8.82 17.09
CA PRO C 125 21.82 -9.57 17.00
C PRO C 125 23.01 -8.72 17.45
N SER C 126 24.00 -9.45 17.95
CA SER C 126 25.23 -8.85 18.38
C SER C 126 26.38 -9.60 17.71
N ALA C 127 27.37 -8.85 17.26
CA ALA C 127 28.64 -9.39 16.75
C ALA C 127 29.30 -10.30 17.79
N ASP C 128 29.18 -10.02 19.10
CA ASP C 128 30.00 -10.78 20.08
C ASP C 128 29.25 -11.20 21.34
N ALA C 129 28.10 -10.61 21.67
CA ALA C 129 27.36 -11.01 22.88
C ALA C 129 26.81 -12.42 22.73
N PRO C 130 26.72 -13.18 23.83
CA PRO C 130 25.90 -14.39 23.85
C PRO C 130 24.48 -14.07 23.37
N MET C 131 23.93 -14.97 22.54
CA MET C 131 22.62 -14.75 21.91
C MET C 131 21.68 -15.86 22.38
N PHE C 132 20.46 -15.47 22.68
CA PHE C 132 19.46 -16.34 23.24
C PHE C 132 18.18 -16.30 22.40
N VAL C 133 17.52 -17.47 22.30
CA VAL C 133 16.13 -17.62 21.81
C VAL C 133 15.37 -18.41 22.86
N MET C 134 14.42 -17.76 23.52
CA MET C 134 13.53 -18.42 24.48
C MET C 134 12.97 -19.72 23.87
N GLY C 135 13.00 -20.80 24.65
CA GLY C 135 12.55 -22.14 24.22
C GLY C 135 13.62 -22.97 23.53
N VAL C 136 14.75 -22.35 23.13
CA VAL C 136 15.76 -23.05 22.37
C VAL C 136 17.06 -23.17 23.18
N ASN C 137 17.58 -22.04 23.69
CA ASN C 137 18.85 -22.09 24.47
C ASN C 137 18.83 -21.19 25.71
N HIS C 138 17.65 -20.72 26.16
CA HIS C 138 17.61 -19.76 27.30
C HIS C 138 18.16 -20.41 28.59
N GLU C 139 18.16 -21.75 28.67
CA GLU C 139 18.73 -22.40 29.89
C GLU C 139 20.27 -22.35 29.86
N LYS C 140 20.89 -21.91 28.77
CA LYS C 140 22.38 -21.77 28.70
C LYS C 140 22.81 -20.44 29.33
N TYR C 141 21.86 -19.57 29.68
CA TYR C 141 22.13 -18.34 30.34
C TYR C 141 22.63 -18.66 31.76
N ASP C 142 23.67 -17.93 32.21
CA ASP C 142 24.08 -18.01 33.63
C ASP C 142 24.37 -16.60 34.15
N ASN C 143 24.44 -16.46 35.47
CA ASN C 143 24.63 -15.17 36.16
C ASN C 143 25.94 -14.43 35.83
N SER C 144 26.91 -15.11 35.22
CA SER C 144 28.15 -14.43 34.84
C SER C 144 27.99 -13.54 33.60
N LEU C 145 26.84 -13.63 32.91
CA LEU C 145 26.60 -12.93 31.64
C LEU C 145 25.85 -11.62 31.90
N LYS C 146 26.57 -10.50 31.85
CA LYS C 146 26.02 -9.22 32.12
C LYS C 146 25.45 -8.54 30.87
N ILE C 147 25.97 -8.90 29.69
CA ILE C 147 25.55 -8.30 28.42
CA ILE C 147 25.57 -8.29 28.42
C ILE C 147 25.21 -9.42 27.44
N ILE C 148 23.93 -9.52 27.10
CA ILE C 148 23.44 -10.59 26.23
C ILE C 148 22.53 -10.00 25.14
N SER C 149 22.25 -10.84 24.16
CA SER C 149 21.44 -10.49 22.98
C SER C 149 20.26 -11.46 22.89
N ASN C 150 19.07 -10.90 22.60
CA ASN C 150 17.88 -11.73 22.31
C ASN C 150 17.76 -12.07 20.83
N ALA C 151 18.86 -11.96 20.08
CA ALA C 151 18.91 -12.22 18.63
C ALA C 151 17.87 -11.32 17.89
N SER C 152 17.46 -11.71 16.69
CA SER C 152 16.50 -10.92 15.87
C SER C 152 15.12 -11.60 15.91
N CYS C 153 14.13 -10.88 15.40
CA CYS C 153 12.78 -11.44 15.17
C CYS C 153 12.87 -12.68 14.28
N THR C 154 13.62 -12.61 13.18
CA THR C 154 13.72 -13.70 12.24
C THR C 154 14.36 -14.93 12.89
N THR C 155 15.45 -14.72 13.68
CA THR C 155 16.10 -15.84 14.38
C THR C 155 15.13 -16.49 15.39
N ASN C 156 14.33 -15.67 16.07
CA ASN C 156 13.33 -16.14 17.03
C ASN C 156 12.17 -16.89 16.34
N CYS C 157 11.96 -16.64 15.06
CA CYS C 157 11.00 -17.44 14.28
C CYS C 157 11.62 -18.75 13.82
N LEU C 158 12.80 -18.69 13.23
CA LEU C 158 13.46 -19.86 12.62
C LEU C 158 13.96 -20.86 13.67
N ALA C 159 14.56 -20.38 14.78
CA ALA C 159 15.28 -21.28 15.65
C ALA C 159 14.33 -22.27 16.34
N PRO C 160 13.12 -21.88 16.86
CA PRO C 160 12.22 -22.84 17.45
C PRO C 160 11.74 -23.93 16.48
N LEU C 161 11.52 -23.56 15.21
CA LEU C 161 11.15 -24.54 14.20
C LEU C 161 12.36 -25.42 13.87
N ALA C 162 13.54 -24.83 13.68
CA ALA C 162 14.75 -25.56 13.35
C ALA C 162 15.07 -26.57 14.46
N LYS C 163 14.89 -26.15 15.70
CA LYS C 163 15.13 -27.04 16.83
C LYS C 163 14.28 -28.32 16.69
N VAL C 164 13.00 -28.16 16.35
CA VAL C 164 12.11 -29.30 16.31
C VAL C 164 12.51 -30.21 15.15
N ILE C 165 12.84 -29.63 14.00
CA ILE C 165 13.14 -30.43 12.86
C ILE C 165 14.48 -31.14 13.12
N HIS C 166 15.45 -30.40 13.67
CA HIS C 166 16.76 -30.96 13.89
C HIS C 166 16.71 -32.05 14.96
N ASP C 167 15.99 -31.80 16.05
CA ASP C 167 15.84 -32.78 17.13
C ASP C 167 15.27 -34.12 16.60
N ASN C 168 14.33 -34.05 15.63
CA ASN C 168 13.59 -35.24 15.22
C ASN C 168 14.20 -35.94 14.01
N PHE C 169 14.68 -35.16 13.03
CA PHE C 169 15.12 -35.72 11.78
C PHE C 169 16.55 -35.33 11.41
N GLY C 170 17.10 -34.27 12.01
CA GLY C 170 18.39 -33.71 11.65
C GLY C 170 18.30 -32.83 10.43
N ILE C 171 18.86 -31.63 10.53
CA ILE C 171 19.01 -30.78 9.37
C ILE C 171 20.44 -30.94 8.86
N VAL C 172 20.58 -31.45 7.64
CA VAL C 172 21.91 -31.52 6.95
C VAL C 172 22.35 -30.13 6.51
N GLU C 173 21.42 -29.42 5.85
CA GLU C 173 21.67 -28.07 5.35
C GLU C 173 20.32 -27.40 5.10
N GLY C 174 20.28 -26.06 5.24
CA GLY C 174 19.04 -25.29 5.06
C GLY C 174 19.35 -23.92 4.50
N LEU C 175 18.48 -23.44 3.59
CA LEU C 175 18.48 -22.08 3.07
C LEU C 175 17.11 -21.47 3.35
N MET C 176 17.14 -20.25 3.92
CA MET C 176 15.98 -19.60 4.43
C MET C 176 15.75 -18.32 3.63
N THR C 177 14.49 -18.05 3.32
CA THR C 177 14.04 -16.74 2.91
C THR C 177 13.04 -16.20 3.93
N THR C 178 13.17 -14.94 4.32
CA THR C 178 12.08 -14.32 5.08
C THR C 178 11.50 -13.21 4.23
N VAL C 179 10.17 -13.25 4.07
CA VAL C 179 9.37 -12.20 3.50
C VAL C 179 8.90 -11.36 4.68
N HIS C 180 9.46 -10.16 4.75
CA HIS C 180 9.49 -9.38 5.97
C HIS C 180 8.76 -8.06 5.78
N ALA C 181 8.00 -7.69 6.79
CA ALA C 181 7.31 -6.41 6.86
C ALA C 181 8.35 -5.28 6.82
N ILE C 182 7.96 -4.09 6.36
CA ILE C 182 8.83 -2.89 6.40
C ILE C 182 9.07 -2.50 7.85
N THR C 183 10.21 -1.83 8.06
CA THR C 183 10.64 -1.41 9.38
C THR C 183 11.16 0.03 9.29
N ALA C 184 11.43 0.58 10.47
CA ALA C 184 11.80 1.98 10.63
C ALA C 184 13.10 2.33 9.87
N THR C 185 13.95 1.34 9.57
CA THR C 185 15.18 1.55 8.86
C THR C 185 14.95 1.89 7.39
N GLN C 186 13.75 1.57 6.88
CA GLN C 186 13.46 1.79 5.46
C GLN C 186 12.98 3.25 5.23
N LYS C 187 12.83 3.60 3.96
CA LYS C 187 12.44 4.92 3.49
C LYS C 187 11.08 4.86 2.80
N THR C 188 10.32 5.96 2.91
CA THR C 188 9.03 6.06 2.29
C THR C 188 9.16 6.18 0.76
N VAL C 189 10.12 6.98 0.30
CA VAL C 189 10.44 7.17 -1.14
C VAL C 189 11.96 7.02 -1.30
N ASP C 190 12.43 6.83 -2.54
CA ASP C 190 13.85 6.61 -2.82
C ASP C 190 14.66 7.70 -2.12
N GLY C 191 15.48 7.28 -1.16
CA GLY C 191 16.31 8.09 -0.33
C GLY C 191 17.67 7.46 -0.05
N PRO C 192 18.51 8.16 0.74
CA PRO C 192 19.91 7.79 0.94
C PRO C 192 20.13 6.72 1.98
N SER C 193 20.92 5.73 1.59
CA SER C 193 21.30 4.58 2.42
C SER C 193 22.66 4.12 1.89
N GLY C 194 23.69 4.96 2.15
CA GLY C 194 24.98 4.84 1.50
C GLY C 194 25.66 3.50 1.69
N LYS C 195 25.33 2.80 2.79
CA LYS C 195 25.97 1.56 3.14
C LYS C 195 25.21 0.36 2.54
N LEU C 196 23.93 0.55 2.20
CA LEU C 196 23.02 -0.50 1.76
C LEU C 196 22.06 0.11 0.74
N TRP C 197 22.50 0.18 -0.50
CA TRP C 197 21.76 0.95 -1.50
C TRP C 197 20.29 0.48 -1.67
N ARG C 198 20.04 -0.83 -1.71
CA ARG C 198 18.70 -1.29 -1.99
C ARG C 198 17.75 -0.85 -0.89
N ASP C 199 18.25 -0.79 0.36
CA ASP C 199 17.42 -0.36 1.51
C ASP C 199 17.01 1.12 1.50
N GLY C 200 17.65 1.93 0.64
CA GLY C 200 17.20 3.32 0.44
C GLY C 200 15.98 3.44 -0.46
N ARG C 201 15.70 2.43 -1.30
CA ARG C 201 14.64 2.52 -2.30
C ARG C 201 13.26 2.50 -1.59
N GLY C 202 12.27 3.16 -2.21
CA GLY C 202 10.95 3.39 -1.65
C GLY C 202 10.31 2.09 -1.16
N ALA C 203 10.00 2.06 0.12
CA ALA C 203 9.51 0.81 0.76
C ALA C 203 8.07 0.48 0.33
N LEU C 204 7.28 1.49 0.00
CA LEU C 204 5.89 1.25 -0.41
C LEU C 204 5.81 0.65 -1.81
N GLN C 205 6.78 0.99 -2.65
CA GLN C 205 6.71 0.66 -4.05
C GLN C 205 7.34 -0.71 -4.36
N ASN C 206 8.24 -1.18 -3.52
CA ASN C 206 9.22 -2.21 -3.92
C ASN C 206 9.19 -3.47 -3.04
N ILE C 207 9.48 -4.61 -3.68
CA ILE C 207 10.06 -5.75 -3.05
C ILE C 207 11.57 -5.54 -3.05
N ILE C 208 12.19 -5.61 -1.88
CA ILE C 208 13.59 -5.21 -1.71
C ILE C 208 14.37 -6.37 -1.13
N PRO C 209 15.30 -6.98 -1.89
CA PRO C 209 16.15 -8.01 -1.34
C PRO C 209 17.11 -7.41 -0.30
N ALA C 210 17.37 -8.15 0.78
CA ALA C 210 18.28 -7.70 1.82
C ALA C 210 19.02 -8.89 2.42
N SER C 211 20.26 -8.63 2.83
CA SER C 211 21.07 -9.61 3.51
C SER C 211 20.53 -9.74 4.93
N THR C 212 20.60 -10.95 5.51
CA THR C 212 20.36 -11.17 6.92
C THR C 212 21.27 -12.31 7.44
N GLY C 213 21.79 -12.11 8.64
CA GLY C 213 22.56 -13.11 9.36
C GLY C 213 21.67 -14.05 10.18
N ALA C 214 20.33 -13.89 10.05
CA ALA C 214 19.39 -14.60 10.97
C ALA C 214 19.49 -16.12 10.86
N ALA C 215 19.67 -16.68 9.66
CA ALA C 215 19.76 -18.13 9.55
C ALA C 215 21.11 -18.64 10.09
N LYS C 216 22.19 -17.94 9.74
CA LYS C 216 23.54 -18.23 10.27
C LYS C 216 23.51 -18.21 11.81
N ALA C 217 22.85 -17.20 12.36
CA ALA C 217 22.69 -17.04 13.80
C ALA C 217 22.01 -18.24 14.45
N VAL C 218 21.13 -18.94 13.71
CA VAL C 218 20.50 -20.11 14.32
C VAL C 218 21.58 -21.13 14.70
N GLY C 219 22.65 -21.21 13.91
CA GLY C 219 23.80 -22.11 14.21
C GLY C 219 24.63 -21.69 15.41
N LYS C 220 24.37 -20.48 15.96
CA LYS C 220 25.03 -20.03 17.20
C LYS C 220 24.14 -20.38 18.39
N VAL C 221 22.81 -20.31 18.23
CA VAL C 221 21.89 -20.68 19.33
C VAL C 221 21.69 -22.19 19.35
N ILE C 222 21.85 -22.85 18.22
CA ILE C 222 21.80 -24.33 18.14
C ILE C 222 23.14 -24.78 17.56
N PRO C 223 24.15 -24.97 18.45
CA PRO C 223 25.51 -25.15 17.96
C PRO C 223 25.66 -26.34 17.00
N GLU C 224 24.87 -27.40 17.13
CA GLU C 224 24.96 -28.48 16.14
C GLU C 224 24.65 -27.99 14.71
N LEU C 225 24.01 -26.82 14.53
CA LEU C 225 23.69 -26.34 13.21
C LEU C 225 24.64 -25.26 12.73
N ASN C 226 25.78 -25.07 13.44
CA ASN C 226 26.77 -24.10 13.03
C ASN C 226 27.22 -24.42 11.62
N GLY C 227 27.14 -23.40 10.76
CA GLY C 227 27.57 -23.49 9.34
C GLY C 227 26.60 -24.22 8.41
N LYS C 228 25.47 -24.71 8.94
CA LYS C 228 24.56 -25.55 8.16
CA LYS C 228 24.55 -25.56 8.17
C LYS C 228 23.36 -24.75 7.59
N LEU C 229 23.23 -23.47 7.97
CA LEU C 229 22.11 -22.64 7.51
C LEU C 229 22.60 -21.27 7.05
N THR C 230 21.95 -20.75 6.01
CA THR C 230 22.06 -19.32 5.71
C THR C 230 20.80 -18.94 4.96
N GLY C 231 20.76 -17.69 4.48
CA GLY C 231 19.53 -17.21 3.89
C GLY C 231 19.59 -15.74 3.58
N MET C 232 18.42 -15.20 3.21
CA MET C 232 18.27 -13.83 2.86
C MET C 232 16.81 -13.39 3.10
N ALA C 233 16.53 -12.11 2.85
CA ALA C 233 15.23 -11.54 3.08
C ALA C 233 14.73 -10.83 1.85
N PHE C 234 13.40 -10.73 1.74
CA PHE C 234 12.74 -9.70 0.92
C PHE C 234 11.87 -8.81 1.80
N ARG C 235 12.13 -7.51 1.77
CA ARG C 235 11.23 -6.58 2.41
C ARG C 235 10.06 -6.27 1.48
N VAL C 236 8.84 -6.32 2.00
CA VAL C 236 7.65 -6.03 1.17
C VAL C 236 6.76 -5.03 1.88
N PRO C 237 5.89 -4.31 1.14
CA PRO C 237 5.08 -3.26 1.73
C PRO C 237 3.86 -3.69 2.56
N THR C 238 4.12 -4.32 3.71
CA THR C 238 3.14 -4.45 4.78
CA THR C 238 3.15 -4.48 4.77
C THR C 238 3.79 -3.88 6.03
N ALA C 239 2.96 -3.36 6.96
CA ALA C 239 3.50 -2.60 8.12
C ALA C 239 3.94 -3.51 9.30
N ASN C 240 3.49 -4.76 9.31
CA ASN C 240 3.84 -5.70 10.34
C ASN C 240 3.44 -7.12 9.92
N VAL C 241 4.16 -8.08 10.50
CA VAL C 241 3.98 -9.53 10.36
C VAL C 241 4.81 -9.99 9.18
N SER C 242 5.57 -11.04 9.42
CA SER C 242 6.54 -11.55 8.50
C SER C 242 6.42 -13.08 8.42
N VAL C 243 7.18 -13.68 7.50
CA VAL C 243 7.11 -15.14 7.34
C VAL C 243 8.47 -15.69 6.93
N VAL C 244 8.81 -16.85 7.52
CA VAL C 244 9.97 -17.61 7.21
C VAL C 244 9.59 -18.75 6.26
N ASP C 245 10.44 -18.97 5.26
CA ASP C 245 10.36 -20.03 4.32
C ASP C 245 11.71 -20.78 4.39
N LEU C 246 11.73 -21.94 5.07
CA LEU C 246 12.98 -22.72 5.26
C LEU C 246 12.94 -23.92 4.29
N THR C 247 13.89 -23.95 3.36
CA THR C 247 14.11 -25.06 2.47
C THR C 247 15.26 -25.88 3.06
N CYS C 248 14.97 -27.14 3.47
CA CYS C 248 16.05 -27.84 4.11
C CYS C 248 16.08 -29.30 3.68
N ARG C 249 17.29 -29.84 3.80
CA ARG C 249 17.60 -31.26 3.59
CA ARG C 249 17.50 -31.27 3.61
C ARG C 249 17.65 -31.90 4.99
N LEU C 250 16.86 -32.95 5.19
CA LEU C 250 16.79 -33.72 6.43
C LEU C 250 17.75 -34.91 6.40
N GLU C 251 18.30 -35.25 7.57
CA GLU C 251 19.28 -36.33 7.66
C GLU C 251 18.52 -37.65 7.56
N LYS C 252 17.46 -37.77 8.34
CA LYS C 252 16.56 -38.92 8.36
C LYS C 252 15.26 -38.54 7.67
N PRO C 253 14.60 -39.51 7.01
CA PRO C 253 13.42 -39.21 6.19
C PRO C 253 12.22 -38.91 7.09
N ALA C 254 11.39 -37.99 6.63
CA ALA C 254 10.16 -37.61 7.29
C ALA C 254 9.10 -37.34 6.22
N LYS C 255 7.96 -38.00 6.34
CA LYS C 255 6.80 -37.61 5.59
C LYS C 255 6.30 -36.27 6.16
N TYR C 256 5.61 -35.51 5.31
CA TYR C 256 5.17 -34.20 5.71
C TYR C 256 4.24 -34.34 6.92
N ASP C 257 3.42 -35.39 6.99
CA ASP C 257 2.55 -35.60 8.14
C ASP C 257 3.37 -35.93 9.41
N ASP C 258 4.55 -36.56 9.27
CA ASP C 258 5.46 -36.79 10.42
C ASP C 258 5.96 -35.45 10.99
N ILE C 259 6.31 -34.54 10.06
CA ILE C 259 6.76 -33.19 10.38
C ILE C 259 5.66 -32.44 11.13
N LYS C 260 4.45 -32.38 10.54
CA LYS C 260 3.31 -31.81 11.22
C LYS C 260 3.14 -32.37 12.65
N LYS C 261 3.19 -33.68 12.80
CA LYS C 261 2.97 -34.29 14.11
C LYS C 261 3.98 -33.80 15.15
N VAL C 262 5.28 -33.77 14.81
CA VAL C 262 6.27 -33.36 15.85
C VAL C 262 6.17 -31.85 16.14
N VAL C 263 5.90 -31.02 15.11
CA VAL C 263 5.73 -29.59 15.36
C VAL C 263 4.50 -29.36 16.22
N LYS C 264 3.37 -30.02 15.93
CA LYS C 264 2.20 -29.81 16.72
C LYS C 264 2.44 -30.23 18.18
N GLN C 265 3.15 -31.34 18.36
CA GLN C 265 3.40 -31.88 19.74
C GLN C 265 4.27 -30.85 20.52
N ALA C 266 5.28 -30.29 19.85
CA ALA C 266 6.17 -29.32 20.47
C ALA C 266 5.39 -28.05 20.82
N SER C 267 4.44 -27.66 19.94
CA SER C 267 3.66 -26.46 20.17
C SER C 267 2.75 -26.61 21.37
N GLU C 268 2.31 -27.84 21.65
CA GLU C 268 1.34 -28.12 22.75
C GLU C 268 2.06 -28.39 24.06
N GLY C 269 3.35 -28.70 24.02
CA GLY C 269 4.10 -29.05 25.25
C GLY C 269 5.23 -28.07 25.53
N PRO C 270 6.50 -28.49 25.34
CA PRO C 270 7.63 -27.69 25.82
C PRO C 270 7.80 -26.34 25.11
N LEU C 271 7.30 -26.20 23.87
CA LEU C 271 7.42 -24.92 23.16
C LEU C 271 6.10 -24.13 23.14
N LYS C 272 5.20 -24.42 24.08
CA LYS C 272 3.90 -23.79 24.19
C LYS C 272 4.10 -22.29 24.37
N GLY C 273 3.44 -21.48 23.55
CA GLY C 273 3.56 -20.00 23.64
C GLY C 273 4.73 -19.42 22.84
N ILE C 274 5.63 -20.29 22.37
CA ILE C 274 6.81 -19.95 21.62
C ILE C 274 6.57 -20.37 20.17
N LEU C 275 6.42 -21.67 19.98
CA LEU C 275 6.16 -22.23 18.64
C LEU C 275 4.68 -22.59 18.56
N GLY C 276 3.95 -22.00 17.61
CA GLY C 276 2.56 -22.33 17.36
C GLY C 276 2.42 -23.27 16.19
N TYR C 277 1.21 -23.81 16.01
CA TYR C 277 0.98 -24.75 14.94
C TYR C 277 -0.45 -24.50 14.46
N THR C 278 -0.63 -24.33 13.15
CA THR C 278 -2.00 -24.13 12.59
C THR C 278 -2.12 -24.94 11.30
N GLU C 279 -3.33 -25.43 11.05
CA GLU C 279 -3.76 -25.96 9.76
C GLU C 279 -4.83 -25.06 9.13
N HIS C 280 -5.10 -23.90 9.74
CA HIS C 280 -6.07 -22.97 9.20
C HIS C 280 -5.51 -22.25 7.99
N GLN C 281 -6.45 -21.72 7.23
CA GLN C 281 -6.18 -21.06 5.96
CA GLN C 281 -6.16 -21.06 5.93
C GLN C 281 -5.79 -19.60 6.23
N VAL C 282 -4.64 -19.44 6.90
CA VAL C 282 -4.22 -18.16 7.47
C VAL C 282 -3.56 -17.25 6.45
N VAL C 283 -3.61 -15.94 6.75
CA VAL C 283 -2.80 -14.97 6.02
C VAL C 283 -2.09 -14.08 7.06
N SER C 284 -1.21 -13.19 6.60
CA SER C 284 -0.34 -12.46 7.57
C SER C 284 -1.15 -11.71 8.65
N SER C 285 -2.26 -11.02 8.30
CA SER C 285 -3.00 -10.18 9.31
C SER C 285 -3.60 -11.06 10.39
N ASP C 286 -3.73 -12.37 10.15
CA ASP C 286 -4.23 -13.25 11.22
C ASP C 286 -3.25 -13.35 12.38
N PHE C 287 -2.01 -12.91 12.17
CA PHE C 287 -0.99 -12.94 13.26
C PHE C 287 -0.65 -11.56 13.81
N ASN C 288 -1.46 -10.56 13.47
CA ASN C 288 -1.24 -9.24 14.07
CA ASN C 288 -1.43 -9.20 14.05
C ASN C 288 -1.53 -9.30 15.57
N SER C 289 -0.49 -8.92 16.35
CA SER C 289 -0.47 -8.97 17.81
C SER C 289 -0.47 -10.38 18.37
N ASP C 290 -0.08 -11.39 17.58
CA ASP C 290 0.07 -12.75 18.07
C ASP C 290 1.43 -12.85 18.77
N THR C 291 1.47 -13.38 20.01
CA THR C 291 2.71 -13.31 20.83
C THR C 291 3.62 -14.52 20.59
N HIS C 292 3.27 -15.47 19.70
CA HIS C 292 4.20 -16.56 19.44
C HIS C 292 5.48 -16.00 18.80
N SER C 293 6.60 -16.75 18.95
CA SER C 293 7.83 -16.46 18.21
C SER C 293 7.70 -16.92 16.75
N SER C 294 6.92 -17.99 16.56
CA SER C 294 6.94 -18.81 15.34
C SER C 294 5.61 -19.57 15.29
N THR C 295 4.86 -19.45 14.18
CA THR C 295 3.70 -20.32 14.01
C THR C 295 3.78 -21.06 12.68
N PHE C 296 3.94 -22.38 12.78
CA PHE C 296 4.09 -23.22 11.64
C PHE C 296 2.74 -23.31 10.91
N ASP C 297 2.83 -23.11 9.58
CA ASP C 297 1.63 -23.09 8.69
C ASP C 297 1.64 -24.43 7.94
N ALA C 298 0.91 -25.41 8.48
CA ALA C 298 0.92 -26.80 7.89
C ALA C 298 0.52 -26.75 6.42
N GLY C 299 -0.56 -26.01 6.10
CA GLY C 299 -1.15 -26.04 4.74
C GLY C 299 -0.27 -25.34 3.70
N ALA C 300 0.68 -24.46 4.12
CA ALA C 300 1.45 -23.62 3.18
C ALA C 300 2.75 -24.32 2.75
N GLY C 301 3.28 -25.20 3.57
CA GLY C 301 4.56 -25.87 3.22
C GLY C 301 4.38 -26.95 2.17
N ILE C 302 5.49 -27.39 1.59
CA ILE C 302 5.43 -28.41 0.57
C ILE C 302 6.70 -29.27 0.64
N ALA C 303 6.54 -30.59 0.44
CA ALA C 303 7.69 -31.50 0.38
C ALA C 303 7.90 -31.96 -1.07
N LEU C 304 9.15 -32.03 -1.51
CA LEU C 304 9.48 -32.71 -2.74
C LEU C 304 9.64 -34.21 -2.49
N ASN C 305 10.27 -34.58 -1.37
CA ASN C 305 10.49 -35.99 -0.98
C ASN C 305 10.76 -36.03 0.53
N ASP C 306 10.99 -37.22 1.07
CA ASP C 306 11.11 -37.40 2.49
C ASP C 306 12.38 -36.74 3.04
N HIS C 307 13.26 -36.22 2.20
CA HIS C 307 14.46 -35.56 2.70
C HIS C 307 14.55 -34.07 2.31
N PHE C 308 13.58 -33.54 1.55
CA PHE C 308 13.75 -32.19 1.01
C PHE C 308 12.39 -31.52 1.05
N VAL C 309 12.30 -30.47 1.88
CA VAL C 309 11.04 -29.90 2.27
C VAL C 309 11.20 -28.38 2.39
N LYS C 310 10.08 -27.69 2.23
CA LYS C 310 9.97 -26.27 2.47
C LYS C 310 8.91 -26.06 3.55
N LEU C 311 9.32 -25.44 4.67
CA LEU C 311 8.48 -25.22 5.82
C LEU C 311 8.25 -23.72 6.00
N ILE C 312 7.00 -23.37 6.36
CA ILE C 312 6.57 -22.00 6.43
C ILE C 312 6.21 -21.69 7.88
N SER C 313 6.73 -20.58 8.41
CA SER C 313 6.31 -20.16 9.73
C SER C 313 6.12 -18.65 9.81
N TRP C 314 5.02 -18.22 10.42
CA TRP C 314 4.66 -16.83 10.59
C TRP C 314 5.21 -16.25 11.89
N TYR C 315 5.44 -14.92 11.91
CA TYR C 315 5.83 -14.23 13.13
C TYR C 315 5.41 -12.77 13.08
N ASP C 316 4.74 -12.34 14.12
CA ASP C 316 4.57 -10.93 14.32
C ASP C 316 5.95 -10.40 14.79
N ASN C 317 6.68 -9.74 13.90
CA ASN C 317 8.07 -9.40 14.14
C ASN C 317 8.18 -8.39 15.30
N GLU C 318 7.16 -7.58 15.54
CA GLU C 318 7.15 -6.63 16.63
C GLU C 318 6.77 -7.27 17.97
N PHE C 319 5.64 -7.95 17.95
CA PHE C 319 4.96 -8.31 19.20
C PHE C 319 5.48 -9.63 19.78
N GLY C 320 5.80 -10.61 18.93
CA GLY C 320 6.39 -11.88 19.40
C GLY C 320 7.75 -11.61 20.08
N TYR C 321 8.61 -10.90 19.35
CA TYR C 321 9.93 -10.58 19.84
C TYR C 321 9.89 -9.78 21.14
N SER C 322 9.04 -8.75 21.18
CA SER C 322 8.94 -7.87 22.35
C SER C 322 8.55 -8.72 23.56
N ASN C 323 7.62 -9.66 23.35
CA ASN C 323 7.19 -10.52 24.43
C ASN C 323 8.36 -11.41 24.86
N ARG C 324 9.20 -11.84 23.91
CA ARG C 324 10.33 -12.69 24.21
C ARG C 324 11.38 -11.91 25.04
N VAL C 325 11.52 -10.62 24.77
CA VAL C 325 12.51 -9.83 25.52
C VAL C 325 12.12 -9.84 27.01
N VAL C 326 10.82 -9.64 27.27
CA VAL C 326 10.27 -9.64 28.61
C VAL C 326 10.41 -11.04 29.25
N ASP C 327 10.13 -12.07 28.48
CA ASP C 327 10.27 -13.46 28.97
C ASP C 327 11.72 -13.77 29.36
N LEU C 328 12.67 -13.39 28.51
CA LEU C 328 14.07 -13.57 28.80
C LEU C 328 14.50 -12.87 30.10
N MET C 329 14.10 -11.62 30.30
CA MET C 329 14.48 -10.91 31.48
C MET C 329 13.86 -11.58 32.71
N ALA C 330 12.62 -12.06 32.61
CA ALA C 330 11.98 -12.77 33.75
C ALA C 330 12.77 -14.02 34.12
N HIS C 331 13.26 -14.73 33.12
CA HIS C 331 14.05 -15.96 33.36
C HIS C 331 15.39 -15.57 33.97
N MET C 332 16.04 -14.55 33.42
CA MET C 332 17.32 -14.07 34.00
C MET C 332 17.12 -13.76 35.49
N ALA C 333 16.05 -13.05 35.87
CA ALA C 333 15.82 -12.60 37.21
C ALA C 333 15.64 -13.81 38.14
N SER C 334 15.00 -14.86 37.63
CA SER C 334 14.75 -16.06 38.43
C SER C 334 16.06 -16.76 38.82
N LYS C 335 17.15 -16.48 38.09
CA LYS C 335 18.40 -17.16 38.31
C LYS C 335 19.31 -16.37 39.25
N GLU C 336 18.96 -15.13 39.59
CA GLU C 336 19.84 -14.25 40.35
C GLU C 336 20.04 -14.91 41.73
N LYS D 4 4.74 -10.48 -41.85
CA LYS D 4 4.13 -10.36 -40.49
CA LYS D 4 4.10 -10.32 -40.50
C LYS D 4 2.80 -11.12 -40.48
N VAL D 5 2.71 -12.15 -39.63
CA VAL D 5 1.47 -12.91 -39.42
C VAL D 5 0.40 -11.95 -38.87
N LYS D 6 -0.87 -12.29 -39.11
CA LYS D 6 -2.03 -11.48 -38.76
C LYS D 6 -2.78 -12.18 -37.63
N VAL D 7 -3.01 -11.46 -36.52
CA VAL D 7 -3.28 -12.08 -35.24
C VAL D 7 -4.58 -11.52 -34.64
N GLY D 8 -5.28 -12.38 -33.89
CA GLY D 8 -6.52 -12.05 -33.18
C GLY D 8 -6.42 -12.39 -31.69
N VAL D 9 -7.19 -11.70 -30.84
CA VAL D 9 -7.08 -11.81 -29.37
C VAL D 9 -8.47 -12.02 -28.75
N ASN D 10 -8.64 -13.10 -27.97
CA ASN D 10 -9.90 -13.33 -27.25
C ASN D 10 -9.67 -12.98 -25.78
N GLY D 11 -10.38 -11.93 -25.36
CA GLY D 11 -10.15 -11.22 -24.13
C GLY D 11 -9.26 -10.02 -24.36
N PHE D 12 -9.60 -8.93 -23.66
CA PHE D 12 -8.86 -7.68 -23.66
C PHE D 12 -8.62 -7.31 -22.21
N GLY D 13 -8.15 -8.32 -21.46
CA GLY D 13 -7.70 -8.19 -20.08
C GLY D 13 -6.25 -7.81 -20.08
N ARG D 14 -5.58 -8.00 -18.93
CA ARG D 14 -4.24 -7.50 -18.78
C ARG D 14 -3.39 -8.15 -19.89
N ILE D 15 -3.52 -9.48 -20.09
CA ILE D 15 -2.68 -10.18 -21.05
C ILE D 15 -3.08 -9.77 -22.48
N GLY D 16 -4.38 -9.74 -22.78
CA GLY D 16 -4.87 -9.29 -24.09
C GLY D 16 -4.30 -7.94 -24.47
N ARG D 17 -4.43 -6.97 -23.54
CA ARG D 17 -4.02 -5.62 -23.81
C ARG D 17 -2.51 -5.59 -23.98
N LEU D 18 -1.79 -6.34 -23.14
CA LEU D 18 -0.34 -6.23 -23.14
C LEU D 18 0.26 -7.01 -24.31
N VAL D 19 -0.38 -8.10 -24.75
CA VAL D 19 0.03 -8.76 -26.01
C VAL D 19 -0.14 -7.74 -27.16
N THR D 20 -1.30 -7.10 -27.19
CA THR D 20 -1.59 -6.12 -28.24
C THR D 20 -0.56 -4.99 -28.19
N ARG D 21 -0.29 -4.49 -26.98
CA ARG D 21 0.73 -3.48 -26.78
C ARG D 21 2.09 -3.94 -27.31
N ALA D 22 2.52 -5.14 -26.89
CA ALA D 22 3.79 -5.75 -27.31
C ALA D 22 3.80 -5.95 -28.84
N ALA D 23 2.67 -6.39 -29.40
CA ALA D 23 2.55 -6.62 -30.87
C ALA D 23 2.86 -5.32 -31.62
N PHE D 24 2.20 -4.21 -31.22
CA PHE D 24 2.39 -2.92 -31.90
C PHE D 24 3.75 -2.32 -31.56
N ASN D 25 4.26 -2.50 -30.34
CA ASN D 25 5.59 -1.92 -30.00
C ASN D 25 6.71 -2.68 -30.72
N SER D 26 6.66 -4.01 -30.75
CA SER D 26 7.77 -4.80 -31.35
C SER D 26 7.67 -4.78 -32.89
N GLY D 27 6.44 -4.75 -33.41
CA GLY D 27 6.15 -4.88 -34.82
C GLY D 27 6.60 -6.21 -35.40
N LYS D 28 6.55 -7.24 -34.55
CA LYS D 28 6.98 -8.59 -34.93
C LYS D 28 5.80 -9.32 -35.58
N VAL D 29 4.60 -9.11 -35.04
CA VAL D 29 3.36 -9.56 -35.60
C VAL D 29 2.49 -8.31 -35.76
N ASP D 30 1.23 -8.52 -36.20
CA ASP D 30 0.26 -7.47 -36.50
C ASP D 30 -1.15 -7.94 -36.11
N ILE D 31 -1.76 -7.23 -35.16
CA ILE D 31 -3.10 -7.54 -34.60
C ILE D 31 -4.17 -7.05 -35.59
N VAL D 32 -5.26 -7.83 -35.73
CA VAL D 32 -6.36 -7.49 -36.66
C VAL D 32 -7.74 -7.74 -36.02
N ALA D 33 -7.85 -8.49 -34.91
CA ALA D 33 -9.21 -8.70 -34.32
C ALA D 33 -9.16 -8.81 -32.78
N ILE D 34 -10.28 -8.52 -32.09
CA ILE D 34 -10.38 -8.67 -30.62
C ILE D 34 -11.82 -9.05 -30.25
N ASN D 35 -12.00 -9.85 -29.20
CA ASN D 35 -13.32 -10.25 -28.68
C ASN D 35 -13.34 -10.07 -27.15
N ASP D 36 -14.36 -9.38 -26.61
CA ASP D 36 -14.53 -9.26 -25.14
C ASP D 36 -15.98 -8.86 -24.83
N PRO D 37 -16.76 -9.70 -24.13
CA PRO D 37 -18.13 -9.34 -23.78
C PRO D 37 -18.04 -8.26 -22.69
N PHE D 38 -17.09 -8.25 -21.78
CA PHE D 38 -17.38 -7.24 -20.74
C PHE D 38 -16.81 -5.88 -21.14
N ILE D 39 -16.98 -5.51 -22.41
CA ILE D 39 -16.14 -4.35 -22.80
C ILE D 39 -16.49 -3.89 -24.22
N ASP D 40 -17.09 -2.70 -24.34
CA ASP D 40 -17.46 -2.13 -25.64
C ASP D 40 -16.28 -1.33 -26.23
N LEU D 41 -16.48 -0.83 -27.45
CA LEU D 41 -15.40 -0.28 -28.25
C LEU D 41 -14.79 0.97 -27.59
N ASN D 42 -15.66 1.87 -27.14
CA ASN D 42 -15.22 3.14 -26.58
C ASN D 42 -14.43 2.83 -25.31
N TYR D 43 -14.88 1.80 -24.59
CA TYR D 43 -14.21 1.41 -23.34
C TYR D 43 -12.87 0.75 -23.63
N MET D 44 -12.78 -0.02 -24.73
CA MET D 44 -11.53 -0.61 -25.16
C MET D 44 -10.48 0.48 -25.36
N VAL D 45 -10.89 1.62 -25.92
CA VAL D 45 -9.94 2.72 -26.20
C VAL D 45 -9.28 3.14 -24.88
N TYR D 46 -10.13 3.36 -23.88
CA TYR D 46 -9.70 3.89 -22.61
C TYR D 46 -8.81 2.87 -21.90
N MET D 47 -9.20 1.59 -21.90
CA MET D 47 -8.44 0.56 -21.18
C MET D 47 -7.09 0.35 -21.84
N PHE D 48 -7.02 0.49 -23.17
CA PHE D 48 -5.75 0.27 -23.85
C PHE D 48 -4.85 1.51 -23.70
N GLN D 49 -5.47 2.69 -23.66
CA GLN D 49 -4.71 3.94 -23.68
C GLN D 49 -4.04 4.20 -22.33
N TYR D 50 -4.80 3.97 -21.24
CA TYR D 50 -4.32 4.31 -19.91
C TYR D 50 -4.07 3.02 -19.13
N ASP D 51 -2.97 2.99 -18.40
CA ASP D 51 -2.61 1.82 -17.65
C ASP D 51 -1.86 2.27 -16.38
N SER D 52 -2.41 1.90 -15.22
CA SER D 52 -1.81 2.31 -13.95
C SER D 52 -0.36 1.85 -13.85
N THR D 53 -0.06 0.65 -14.34
CA THR D 53 1.20 0.01 -14.13
C THR D 53 2.24 0.42 -15.16
N HIS D 54 1.86 0.42 -16.43
CA HIS D 54 2.86 0.56 -17.50
C HIS D 54 2.80 1.93 -18.17
N GLY D 55 1.90 2.80 -17.73
CA GLY D 55 1.80 4.11 -18.34
C GLY D 55 0.96 4.15 -19.62
N LYS D 56 0.79 5.37 -20.11
CA LYS D 56 -0.03 5.61 -21.26
C LYS D 56 0.66 4.93 -22.45
N PHE D 57 -0.14 4.39 -23.34
CA PHE D 57 0.35 3.75 -24.56
C PHE D 57 1.14 4.77 -25.40
N HIS D 58 2.36 4.41 -25.82
CA HIS D 58 3.17 5.24 -26.74
C HIS D 58 2.69 5.05 -28.18
N GLY D 59 1.77 5.92 -28.61
CA GLY D 59 1.12 5.82 -29.92
C GLY D 59 -0.29 6.36 -29.90
N THR D 60 -1.14 5.86 -30.80
CA THR D 60 -2.48 6.45 -30.94
C THR D 60 -3.52 5.35 -30.90
N VAL D 61 -4.68 5.66 -30.34
CA VAL D 61 -5.72 4.69 -30.29
C VAL D 61 -7.06 5.43 -30.33
N LYS D 62 -7.97 4.94 -31.18
CA LYS D 62 -9.20 5.62 -31.48
C LYS D 62 -10.22 4.58 -31.95
N ALA D 63 -11.50 4.94 -31.78
CA ALA D 63 -12.62 4.25 -32.39
C ALA D 63 -13.00 4.97 -33.70
N GLU D 64 -12.94 4.23 -34.81
CA GLU D 64 -13.21 4.76 -36.15
C GLU D 64 -14.00 3.72 -36.92
N ASN D 65 -15.20 4.10 -37.36
CA ASN D 65 -16.06 3.27 -38.19
C ASN D 65 -16.40 1.97 -37.45
N GLY D 66 -16.31 1.96 -36.11
CA GLY D 66 -16.68 0.77 -35.30
C GLY D 66 -15.53 -0.22 -35.14
N LYS D 67 -14.33 0.17 -35.59
CA LYS D 67 -13.05 -0.54 -35.38
C LYS D 67 -12.19 0.22 -34.33
N LEU D 68 -11.36 -0.53 -33.60
CA LEU D 68 -10.31 0.02 -32.77
C LEU D 68 -9.07 0.25 -33.64
N VAL D 69 -8.55 1.48 -33.64
CA VAL D 69 -7.49 1.88 -34.51
C VAL D 69 -6.27 2.27 -33.67
N ILE D 70 -5.22 1.45 -33.80
CA ILE D 70 -3.99 1.59 -33.05
C ILE D 70 -2.87 1.89 -34.02
N ASN D 71 -2.23 3.04 -33.85
CA ASN D 71 -1.12 3.43 -34.70
C ASN D 71 -1.54 3.38 -36.18
N GLY D 72 -2.84 3.58 -36.43
CA GLY D 72 -3.40 3.74 -37.76
C GLY D 72 -3.92 2.43 -38.34
N ASN D 73 -4.05 1.38 -37.52
CA ASN D 73 -4.38 0.03 -37.98
C ASN D 73 -5.76 -0.39 -37.47
N PRO D 74 -6.76 -0.54 -38.36
CA PRO D 74 -8.09 -0.98 -37.93
C PRO D 74 -8.14 -2.43 -37.42
N ILE D 75 -8.99 -2.68 -36.41
CA ILE D 75 -9.11 -3.95 -35.76
C ILE D 75 -10.61 -4.22 -35.56
N THR D 76 -11.02 -5.46 -35.83
CA THR D 76 -12.40 -5.82 -35.78
C THR D 76 -12.76 -6.25 -34.36
N ILE D 77 -13.99 -5.94 -33.93
CA ILE D 77 -14.38 -6.05 -32.53
C ILE D 77 -15.64 -6.92 -32.43
N PHE D 78 -15.48 -8.15 -31.90
CA PHE D 78 -16.59 -9.07 -31.62
C PHE D 78 -16.96 -8.94 -30.13
N GLN D 79 -18.19 -9.31 -29.80
CA GLN D 79 -18.67 -9.25 -28.41
C GLN D 79 -19.05 -10.67 -27.96
N GLU D 80 -18.74 -11.65 -28.83
CA GLU D 80 -19.47 -12.93 -28.99
C GLU D 80 -19.26 -13.86 -27.78
N ARG D 81 -20.32 -14.04 -26.99
CA ARG D 81 -20.27 -14.58 -25.63
C ARG D 81 -19.73 -16.02 -25.59
N ASP D 82 -19.71 -16.70 -26.75
CA ASP D 82 -19.31 -18.11 -26.84
C ASP D 82 -18.21 -18.26 -27.88
N PRO D 83 -17.00 -18.72 -27.48
CA PRO D 83 -15.84 -18.81 -28.39
C PRO D 83 -16.08 -19.51 -29.72
N SER D 84 -16.86 -20.59 -29.71
CA SER D 84 -17.30 -21.32 -30.90
C SER D 84 -17.71 -20.32 -32.00
N LYS D 85 -18.67 -19.50 -31.55
CA LYS D 85 -19.26 -18.37 -32.28
C LYS D 85 -18.22 -17.26 -32.26
N ILE D 86 -17.17 -17.41 -33.06
CA ILE D 86 -16.21 -16.27 -33.17
C ILE D 86 -15.72 -16.18 -34.62
N LYS D 87 -16.34 -15.34 -35.43
CA LYS D 87 -15.98 -15.24 -36.86
C LYS D 87 -14.55 -14.72 -37.03
N TRP D 88 -13.55 -15.58 -36.78
CA TRP D 88 -12.14 -15.18 -36.85
C TRP D 88 -11.67 -15.09 -38.29
N GLY D 89 -11.81 -16.19 -39.03
CA GLY D 89 -11.34 -16.31 -40.41
C GLY D 89 -11.88 -15.19 -41.29
N ASP D 90 -13.17 -14.86 -41.06
CA ASP D 90 -13.80 -13.63 -41.53
C ASP D 90 -12.79 -12.48 -41.44
N ALA D 91 -12.41 -12.13 -40.19
CA ALA D 91 -11.61 -10.93 -39.87
C ALA D 91 -10.17 -11.01 -40.40
N GLY D 92 -9.71 -12.24 -40.70
CA GLY D 92 -8.37 -12.49 -41.25
C GLY D 92 -7.38 -12.85 -40.17
N ALA D 93 -7.87 -13.52 -39.13
CA ALA D 93 -7.08 -13.91 -38.00
C ALA D 93 -6.49 -15.30 -38.28
N GLU D 94 -5.24 -15.35 -38.77
CA GLU D 94 -4.45 -16.60 -38.90
C GLU D 94 -4.35 -17.26 -37.50
N TYR D 95 -3.49 -16.71 -36.63
CA TYR D 95 -3.28 -17.19 -35.23
C TYR D 95 -4.16 -16.40 -34.24
N VAL D 96 -4.49 -17.01 -33.08
CA VAL D 96 -5.40 -16.39 -32.08
C VAL D 96 -5.03 -16.73 -30.62
N VAL D 97 -4.95 -15.69 -29.76
CA VAL D 97 -4.47 -15.75 -28.37
C VAL D 97 -5.65 -15.89 -27.39
N GLU D 98 -5.67 -16.96 -26.57
CA GLU D 98 -6.76 -17.22 -25.63
C GLU D 98 -6.34 -16.70 -24.25
N SER D 99 -6.82 -15.48 -23.96
CA SER D 99 -6.31 -14.69 -22.82
CA SER D 99 -6.34 -14.63 -22.86
C SER D 99 -7.35 -14.59 -21.71
N THR D 100 -8.48 -15.28 -21.88
CA THR D 100 -9.56 -15.25 -20.93
C THR D 100 -9.21 -16.12 -19.72
N GLY D 101 -8.62 -17.29 -20.01
CA GLY D 101 -8.24 -18.25 -19.01
C GLY D 101 -9.42 -18.92 -18.34
N VAL D 102 -10.48 -19.16 -19.12
CA VAL D 102 -11.49 -20.16 -18.74
C VAL D 102 -11.62 -21.15 -19.91
N PHE D 103 -10.68 -21.07 -20.86
CA PHE D 103 -10.64 -21.94 -22.04
C PHE D 103 -9.21 -22.47 -22.18
N THR D 104 -8.70 -23.06 -21.09
CA THR D 104 -7.28 -23.41 -20.98
C THR D 104 -7.06 -24.82 -21.56
N THR D 105 -8.05 -25.70 -21.37
CA THR D 105 -8.07 -27.08 -21.95
C THR D 105 -7.97 -26.98 -23.49
N MET D 106 -7.71 -28.11 -24.16
CA MET D 106 -7.48 -28.09 -25.61
C MET D 106 -8.81 -28.18 -26.37
N GLU D 107 -9.85 -28.73 -25.72
CA GLU D 107 -11.17 -28.90 -26.33
C GLU D 107 -11.90 -27.55 -26.31
N LYS D 108 -12.16 -27.03 -25.10
CA LYS D 108 -12.81 -25.71 -24.89
C LYS D 108 -12.17 -24.61 -25.73
N ALA D 109 -10.83 -24.68 -25.91
CA ALA D 109 -10.06 -23.71 -26.68
C ALA D 109 -9.89 -24.16 -28.13
N GLY D 110 -10.34 -25.39 -28.44
CA GLY D 110 -10.49 -25.83 -29.82
C GLY D 110 -11.55 -24.99 -30.54
N ALA D 111 -12.56 -24.58 -29.76
CA ALA D 111 -13.68 -23.70 -30.16
C ALA D 111 -13.26 -22.62 -31.16
N HIS D 112 -12.06 -22.07 -31.00
CA HIS D 112 -11.54 -21.00 -31.90
C HIS D 112 -11.29 -21.55 -33.32
N LEU D 113 -11.13 -22.88 -33.44
CA LEU D 113 -11.01 -23.53 -34.73
C LEU D 113 -12.36 -23.48 -35.45
N GLN D 114 -13.46 -23.57 -34.68
CA GLN D 114 -14.87 -23.55 -35.18
C GLN D 114 -15.14 -22.23 -35.95
N GLY D 115 -14.64 -21.12 -35.41
CA GLY D 115 -14.78 -19.79 -36.02
C GLY D 115 -13.86 -19.56 -37.21
N GLY D 116 -13.10 -20.59 -37.62
CA GLY D 116 -12.29 -20.55 -38.83
C GLY D 116 -10.87 -20.10 -38.58
N ALA D 117 -10.47 -20.04 -37.30
CA ALA D 117 -9.10 -19.69 -36.92
C ALA D 117 -8.20 -20.90 -37.17
N LYS D 118 -7.02 -20.64 -37.76
CA LYS D 118 -6.01 -21.65 -38.00
C LYS D 118 -5.48 -22.20 -36.66
N ARG D 119 -4.42 -21.57 -36.10
CA ARG D 119 -3.68 -22.04 -34.87
C ARG D 119 -3.94 -21.11 -33.68
N VAL D 120 -4.14 -21.72 -32.50
CA VAL D 120 -4.45 -21.01 -31.25
C VAL D 120 -3.27 -21.13 -30.28
N ILE D 121 -2.63 -19.99 -29.95
CA ILE D 121 -1.68 -19.87 -28.82
C ILE D 121 -2.46 -19.47 -27.57
N ILE D 122 -2.51 -20.36 -26.57
CA ILE D 122 -3.13 -20.07 -25.28
C ILE D 122 -2.10 -19.32 -24.41
N SER D 123 -2.60 -18.36 -23.61
CA SER D 123 -1.80 -17.39 -22.83
C SER D 123 -1.71 -17.84 -21.37
N ALA D 124 -1.45 -19.13 -21.13
CA ALA D 124 -1.68 -19.73 -19.80
C ALA D 124 -1.24 -21.19 -19.81
N PRO D 125 -1.05 -21.83 -18.61
CA PRO D 125 -0.89 -23.28 -18.54
C PRO D 125 -2.15 -23.96 -19.08
N SER D 126 -1.95 -25.11 -19.72
CA SER D 126 -3.02 -25.99 -20.18
C SER D 126 -2.88 -27.35 -19.50
N ALA D 127 -4.01 -28.00 -19.19
CA ALA D 127 -4.01 -29.38 -18.70
C ALA D 127 -3.31 -30.31 -19.70
N ASP D 128 -3.56 -30.13 -21.00
CA ASP D 128 -3.32 -31.20 -21.96
C ASP D 128 -2.90 -30.66 -23.33
N ALA D 129 -2.24 -29.50 -23.39
CA ALA D 129 -1.74 -28.97 -24.65
C ALA D 129 -0.22 -28.87 -24.59
N PRO D 130 0.48 -28.84 -25.74
CA PRO D 130 1.94 -28.68 -25.75
C PRO D 130 2.44 -27.26 -25.36
N MET D 131 3.05 -27.16 -24.18
CA MET D 131 3.63 -25.95 -23.58
C MET D 131 5.00 -25.64 -24.15
N PHE D 132 5.22 -24.37 -24.49
CA PHE D 132 6.55 -23.88 -24.88
C PHE D 132 7.02 -22.73 -23.99
N VAL D 133 8.34 -22.58 -23.92
CA VAL D 133 8.98 -21.47 -23.33
C VAL D 133 10.13 -21.08 -24.25
N MET D 134 10.07 -19.84 -24.75
CA MET D 134 11.08 -19.33 -25.65
C MET D 134 12.45 -19.37 -24.96
N GLY D 135 13.43 -19.93 -25.66
CA GLY D 135 14.80 -20.03 -25.24
C GLY D 135 15.08 -21.38 -24.61
N VAL D 136 14.02 -22.13 -24.35
CA VAL D 136 14.11 -23.42 -23.63
C VAL D 136 13.74 -24.57 -24.57
N ASN D 137 12.54 -24.54 -25.17
CA ASN D 137 12.12 -25.66 -26.04
C ASN D 137 11.26 -25.19 -27.23
N HIS D 138 11.40 -23.94 -27.68
CA HIS D 138 10.55 -23.42 -28.76
C HIS D 138 10.98 -24.07 -30.09
N GLU D 139 12.28 -24.39 -30.21
CA GLU D 139 12.83 -25.14 -31.36
C GLU D 139 12.21 -26.54 -31.46
N LYS D 140 11.28 -26.89 -30.55
CA LYS D 140 10.46 -28.11 -30.61
C LYS D 140 9.05 -27.81 -31.11
N TYR D 141 8.88 -26.67 -31.80
CA TYR D 141 7.64 -26.38 -32.50
C TYR D 141 7.84 -26.73 -33.98
N ASP D 142 6.95 -27.58 -34.51
CA ASP D 142 6.81 -27.92 -35.95
C ASP D 142 5.35 -27.64 -36.40
N ASN D 143 5.08 -27.71 -37.70
CA ASN D 143 3.83 -27.18 -38.29
C ASN D 143 2.59 -27.98 -37.84
N SER D 144 2.75 -29.25 -37.48
CA SER D 144 1.62 -30.12 -37.10
C SER D 144 0.77 -29.50 -35.99
N LEU D 145 1.35 -28.50 -35.33
CA LEU D 145 0.78 -27.97 -34.06
C LEU D 145 -0.17 -26.80 -34.22
N LYS D 146 -1.38 -27.02 -33.67
CA LYS D 146 -2.52 -26.09 -33.60
C LYS D 146 -2.56 -25.58 -32.15
N ILE D 147 -3.60 -25.88 -31.40
CA ILE D 147 -3.74 -25.44 -29.98
C ILE D 147 -2.46 -25.69 -29.15
N ILE D 148 -1.59 -24.67 -28.96
CA ILE D 148 -0.36 -24.75 -28.10
C ILE D 148 -0.45 -23.75 -26.94
N SER D 149 0.35 -23.96 -25.89
CA SER D 149 0.39 -23.15 -24.67
C SER D 149 1.75 -22.44 -24.56
N ASN D 150 1.75 -21.25 -23.92
CA ASN D 150 2.99 -20.50 -23.72
C ASN D 150 3.34 -20.56 -22.24
N ALA D 151 2.67 -21.45 -21.50
CA ALA D 151 2.89 -21.69 -20.11
C ALA D 151 2.42 -20.47 -19.31
N SER D 152 3.00 -20.29 -18.12
CA SER D 152 2.66 -19.17 -17.27
C SER D 152 3.85 -18.21 -17.22
N CYS D 153 3.58 -17.02 -16.67
CA CYS D 153 4.59 -16.01 -16.37
C CYS D 153 5.73 -16.62 -15.51
N THR D 154 5.36 -17.34 -14.46
CA THR D 154 6.33 -17.84 -13.52
C THR D 154 7.19 -18.94 -14.16
N THR D 155 6.53 -19.82 -14.92
CA THR D 155 7.28 -20.89 -15.61
C THR D 155 8.27 -20.23 -16.57
N ASN D 156 7.87 -19.08 -17.17
CA ASN D 156 8.76 -18.41 -18.16
C ASN D 156 9.96 -17.76 -17.46
N CYS D 157 9.80 -17.42 -16.17
CA CYS D 157 10.89 -16.91 -15.38
C CYS D 157 11.81 -18.06 -14.95
N LEU D 158 11.21 -19.16 -14.45
CA LEU D 158 11.99 -20.21 -13.83
C LEU D 158 12.71 -21.07 -14.90
N ALA D 159 12.02 -21.40 -15.99
CA ALA D 159 12.57 -22.42 -16.95
C ALA D 159 13.87 -21.94 -17.58
N PRO D 160 14.01 -20.69 -18.08
CA PRO D 160 15.27 -20.27 -18.67
C PRO D 160 16.43 -20.37 -17.69
N LEU D 161 16.24 -20.02 -16.41
CA LEU D 161 17.34 -20.13 -15.43
C LEU D 161 17.66 -21.60 -15.11
N ALA D 162 16.61 -22.39 -14.94
CA ALA D 162 16.76 -23.82 -14.64
C ALA D 162 17.56 -24.48 -15.78
N LYS D 163 17.22 -24.13 -17.03
CA LYS D 163 17.94 -24.70 -18.17
C LYS D 163 19.45 -24.44 -18.04
N VAL D 164 19.86 -23.20 -17.75
CA VAL D 164 21.28 -22.90 -17.69
C VAL D 164 21.93 -23.67 -16.53
N ILE D 165 21.25 -23.71 -15.37
CA ILE D 165 21.81 -24.32 -14.19
C ILE D 165 21.91 -25.85 -14.39
N HIS D 166 20.88 -26.46 -14.95
CA HIS D 166 20.86 -27.91 -15.22
C HIS D 166 21.94 -28.26 -16.29
N ASP D 167 21.97 -27.48 -17.38
CA ASP D 167 22.91 -27.71 -18.49
C ASP D 167 24.34 -27.74 -17.97
N ASN D 168 24.67 -26.87 -17.00
CA ASN D 168 26.02 -26.66 -16.56
C ASN D 168 26.39 -27.50 -15.33
N PHE D 169 25.46 -27.68 -14.37
CA PHE D 169 25.78 -28.27 -13.08
C PHE D 169 24.89 -29.47 -12.71
N GLY D 170 23.74 -29.59 -13.34
CA GLY D 170 22.77 -30.59 -13.06
C GLY D 170 21.99 -30.24 -11.80
N ILE D 171 20.67 -30.13 -11.92
CA ILE D 171 19.84 -29.93 -10.73
C ILE D 171 19.37 -31.29 -10.26
N VAL D 172 19.77 -31.67 -9.05
CA VAL D 172 19.30 -32.89 -8.46
C VAL D 172 17.86 -32.70 -8.00
N GLU D 173 17.59 -31.51 -7.40
CA GLU D 173 16.28 -31.25 -6.84
C GLU D 173 16.23 -29.76 -6.48
N GLY D 174 15.03 -29.22 -6.55
CA GLY D 174 14.85 -27.81 -6.21
C GLY D 174 13.44 -27.52 -5.75
N LEU D 175 13.36 -26.50 -4.89
CA LEU D 175 12.16 -26.02 -4.35
C LEU D 175 12.16 -24.49 -4.58
N MET D 176 11.05 -24.00 -5.10
CA MET D 176 10.91 -22.61 -5.56
C MET D 176 9.83 -21.90 -4.71
N THR D 177 10.12 -20.63 -4.41
CA THR D 177 9.15 -19.69 -3.92
C THR D 177 9.06 -18.57 -4.94
N THR D 178 7.83 -18.19 -5.28
CA THR D 178 7.72 -16.91 -5.99
C THR D 178 7.00 -15.93 -5.05
N VAL D 179 7.58 -14.74 -4.94
CA VAL D 179 6.96 -13.60 -4.26
C VAL D 179 6.35 -12.74 -5.37
N HIS D 180 5.02 -12.74 -5.43
CA HIS D 180 4.26 -12.37 -6.57
C HIS D 180 3.45 -11.10 -6.23
N ALA D 181 3.47 -10.16 -7.17
CA ALA D 181 2.62 -8.98 -7.08
C ALA D 181 1.14 -9.38 -7.10
N ILE D 182 0.27 -8.43 -6.73
CA ILE D 182 -1.18 -8.72 -6.70
C ILE D 182 -1.69 -8.92 -8.13
N THR D 183 -2.77 -9.71 -8.26
CA THR D 183 -3.42 -9.91 -9.53
C THR D 183 -4.92 -9.67 -9.42
N ALA D 184 -5.54 -9.66 -10.59
CA ALA D 184 -6.96 -9.38 -10.75
C ALA D 184 -7.89 -10.41 -10.04
N THR D 185 -7.36 -11.59 -9.67
CA THR D 185 -8.15 -12.65 -9.03
C THR D 185 -8.26 -12.40 -7.53
N GLN D 186 -7.43 -11.47 -7.01
CA GLN D 186 -7.47 -11.08 -5.61
C GLN D 186 -8.55 -10.04 -5.35
N LYS D 187 -8.80 -9.79 -4.06
CA LYS D 187 -9.81 -8.89 -3.59
C LYS D 187 -9.22 -7.69 -2.87
N THR D 188 -9.91 -6.56 -2.94
CA THR D 188 -9.46 -5.34 -2.24
C THR D 188 -9.57 -5.45 -0.71
N VAL D 189 -10.66 -6.06 -0.24
CA VAL D 189 -10.98 -6.26 1.16
C VAL D 189 -11.40 -7.72 1.25
N ASP D 190 -11.45 -8.27 2.47
CA ASP D 190 -11.84 -9.64 2.67
C ASP D 190 -13.18 -9.94 1.99
N GLY D 191 -13.16 -10.85 1.01
CA GLY D 191 -14.31 -11.18 0.24
C GLY D 191 -14.28 -12.63 -0.19
N PRO D 192 -15.34 -13.10 -0.88
CA PRO D 192 -15.46 -14.53 -1.21
C PRO D 192 -14.55 -15.07 -2.33
N SER D 193 -13.90 -16.19 -2.01
CA SER D 193 -13.04 -16.97 -2.95
C SER D 193 -13.28 -18.39 -2.44
N GLY D 194 -14.42 -19.00 -2.78
CA GLY D 194 -14.87 -20.25 -2.10
C GLY D 194 -13.96 -21.43 -2.33
N LYS D 195 -13.25 -21.48 -3.45
CA LYS D 195 -12.33 -22.59 -3.72
C LYS D 195 -10.91 -22.36 -3.15
N LEU D 196 -10.58 -21.10 -2.82
CA LEU D 196 -9.22 -20.69 -2.46
C LEU D 196 -9.34 -19.58 -1.40
N TRP D 197 -9.64 -20.00 -0.17
CA TRP D 197 -10.04 -19.08 0.87
C TRP D 197 -8.98 -17.99 1.12
N ARG D 198 -7.70 -18.36 1.10
CA ARG D 198 -6.67 -17.37 1.47
C ARG D 198 -6.70 -16.26 0.40
N ASP D 199 -7.07 -16.62 -0.85
CA ASP D 199 -7.06 -15.63 -1.97
C ASP D 199 -8.20 -14.61 -1.86
N GLY D 200 -9.19 -14.88 -1.01
CA GLY D 200 -10.25 -13.92 -0.78
C GLY D 200 -9.84 -12.82 0.17
N ARG D 201 -8.78 -13.03 0.99
CA ARG D 201 -8.46 -12.12 2.02
C ARG D 201 -7.84 -10.84 1.42
N GLY D 202 -8.07 -9.69 2.07
CA GLY D 202 -7.71 -8.41 1.46
C GLY D 202 -6.29 -8.34 0.96
N ALA D 203 -6.11 -7.94 -0.30
CA ALA D 203 -4.84 -8.03 -0.95
C ALA D 203 -3.89 -6.89 -0.54
N LEU D 204 -4.41 -5.74 -0.12
CA LEU D 204 -3.55 -4.65 0.37
C LEU D 204 -2.95 -4.97 1.75
N GLN D 205 -3.72 -5.65 2.61
CA GLN D 205 -3.40 -5.86 3.98
C GLN D 205 -2.48 -7.09 4.20
N ASN D 206 -2.39 -8.02 3.25
CA ASN D 206 -1.89 -9.35 3.56
C ASN D 206 -0.76 -9.83 2.65
N ILE D 207 0.19 -10.53 3.28
CA ILE D 207 0.96 -11.59 2.65
C ILE D 207 0.12 -12.86 2.64
N ILE D 208 -0.05 -13.44 1.43
CA ILE D 208 -1.04 -14.56 1.19
C ILE D 208 -0.32 -15.73 0.57
N PRO D 209 -0.15 -16.84 1.28
CA PRO D 209 0.43 -18.02 0.65
C PRO D 209 -0.53 -18.62 -0.40
N ALA D 210 0.03 -19.14 -1.50
CA ALA D 210 -0.74 -19.73 -2.58
C ALA D 210 0.02 -20.89 -3.21
N SER D 211 -0.77 -21.87 -3.67
CA SER D 211 -0.29 -22.96 -4.46
C SER D 211 0.08 -22.45 -5.85
N THR D 212 1.08 -23.07 -6.44
CA THR D 212 1.41 -22.85 -7.83
C THR D 212 2.01 -24.14 -8.43
N GLY D 213 1.58 -24.44 -9.66
CA GLY D 213 2.13 -25.56 -10.39
C GLY D 213 3.30 -25.17 -11.27
N ALA D 214 3.84 -23.94 -11.15
CA ALA D 214 4.84 -23.42 -12.09
C ALA D 214 6.15 -24.19 -12.06
N ALA D 215 6.61 -24.60 -10.87
CA ALA D 215 7.87 -25.28 -10.78
C ALA D 215 7.73 -26.72 -11.32
N LYS D 216 6.67 -27.43 -10.96
CA LYS D 216 6.40 -28.78 -11.59
C LYS D 216 6.38 -28.62 -13.12
N ALA D 217 5.66 -27.61 -13.59
CA ALA D 217 5.48 -27.38 -15.04
C ALA D 217 6.83 -27.28 -15.76
N VAL D 218 7.90 -26.84 -15.08
CA VAL D 218 9.23 -26.71 -15.69
C VAL D 218 9.65 -28.10 -16.19
N GLY D 219 9.20 -29.14 -15.49
CA GLY D 219 9.52 -30.52 -15.79
C GLY D 219 8.79 -31.04 -17.03
N LYS D 220 7.92 -30.22 -17.62
CA LYS D 220 7.25 -30.56 -18.86
C LYS D 220 7.95 -29.91 -20.04
N VAL D 221 8.62 -28.75 -19.84
CA VAL D 221 9.32 -28.12 -20.95
C VAL D 221 10.80 -28.51 -20.95
N ILE D 222 11.30 -28.96 -19.79
CA ILE D 222 12.63 -29.51 -19.60
C ILE D 222 12.44 -30.91 -19.04
N PRO D 223 12.23 -31.91 -19.94
CA PRO D 223 11.89 -33.26 -19.51
C PRO D 223 12.83 -33.84 -18.44
N GLU D 224 14.13 -33.55 -18.51
CA GLU D 224 15.11 -34.11 -17.58
C GLU D 224 14.83 -33.64 -16.13
N LEU D 225 14.05 -32.57 -15.94
CA LEU D 225 13.76 -32.00 -14.59
C LEU D 225 12.37 -32.43 -14.13
N ASN D 226 11.68 -33.26 -14.94
CA ASN D 226 10.40 -33.84 -14.53
C ASN D 226 10.54 -34.48 -13.14
N GLY D 227 9.62 -34.15 -12.23
CA GLY D 227 9.60 -34.63 -10.82
C GLY D 227 10.71 -34.07 -9.90
N LYS D 228 11.55 -33.15 -10.38
CA LYS D 228 12.71 -32.72 -9.58
C LYS D 228 12.47 -31.33 -8.93
N LEU D 229 11.34 -30.68 -9.25
CA LEU D 229 11.07 -29.33 -8.78
C LEU D 229 9.63 -29.23 -8.34
N THR D 230 9.43 -28.51 -7.23
CA THR D 230 8.11 -28.03 -6.88
C THR D 230 8.27 -26.69 -6.15
N GLY D 231 7.15 -26.13 -5.73
CA GLY D 231 7.22 -24.82 -5.08
C GLY D 231 5.89 -24.30 -4.65
N MET D 232 5.91 -23.03 -4.20
CA MET D 232 4.72 -22.34 -3.73
C MET D 232 4.94 -20.84 -3.94
N ALA D 233 3.94 -20.03 -3.60
CA ALA D 233 3.99 -18.59 -3.83
C ALA D 233 3.54 -17.84 -2.57
N PHE D 234 3.94 -16.57 -2.48
CA PHE D 234 3.36 -15.59 -1.57
C PHE D 234 2.94 -14.38 -2.40
N ARG D 235 1.64 -14.03 -2.32
CA ARG D 235 1.18 -12.79 -2.92
CA ARG D 235 1.11 -12.79 -2.89
C ARG D 235 1.42 -11.66 -1.91
N VAL D 236 1.96 -10.55 -2.40
CA VAL D 236 2.28 -9.43 -1.53
C VAL D 236 1.76 -8.14 -2.16
N PRO D 237 1.53 -7.08 -1.36
CA PRO D 237 0.84 -5.91 -1.87
C PRO D 237 1.70 -4.94 -2.69
N THR D 238 2.30 -5.43 -3.77
CA THR D 238 2.87 -4.61 -4.87
CA THR D 238 2.84 -4.59 -4.85
C THR D 238 2.00 -4.81 -6.11
N ALA D 239 1.98 -3.82 -7.02
CA ALA D 239 1.03 -3.79 -8.16
C ALA D 239 1.55 -4.56 -9.39
N ASN D 240 2.88 -4.70 -9.51
CA ASN D 240 3.50 -5.46 -10.66
C ASN D 240 4.95 -5.73 -10.34
N VAL D 241 5.47 -6.79 -10.94
CA VAL D 241 6.85 -7.30 -10.88
C VAL D 241 6.96 -8.30 -9.71
N SER D 242 7.44 -9.47 -10.07
CA SER D 242 7.49 -10.61 -9.16
C SER D 242 8.92 -11.17 -9.19
N VAL D 243 9.24 -12.05 -8.24
CA VAL D 243 10.56 -12.58 -8.16
C VAL D 243 10.45 -14.08 -7.82
N VAL D 244 11.39 -14.83 -8.37
CA VAL D 244 11.51 -16.29 -8.14
C VAL D 244 12.73 -16.49 -7.27
N ASP D 245 12.55 -17.37 -6.28
CA ASP D 245 13.61 -17.75 -5.34
C ASP D 245 13.74 -19.26 -5.46
N LEU D 246 14.74 -19.69 -6.22
CA LEU D 246 14.97 -21.17 -6.45
C LEU D 246 16.13 -21.66 -5.58
N THR D 247 15.80 -22.58 -4.66
CA THR D 247 16.75 -23.24 -3.79
C THR D 247 17.01 -24.62 -4.36
N CYS D 248 18.26 -24.87 -4.79
CA CYS D 248 18.47 -26.11 -5.50
C CYS D 248 19.78 -26.76 -5.10
N ARG D 249 19.80 -28.09 -5.26
CA ARG D 249 20.97 -28.90 -4.95
C ARG D 249 21.58 -29.32 -6.31
N LEU D 250 22.88 -29.12 -6.50
CA LEU D 250 23.49 -29.32 -7.79
C LEU D 250 24.32 -30.60 -7.74
N GLU D 251 24.43 -31.27 -8.90
CA GLU D 251 25.15 -32.53 -8.95
C GLU D 251 26.64 -32.22 -8.98
N LYS D 252 27.06 -31.40 -9.95
CA LYS D 252 28.44 -30.98 -10.01
C LYS D 252 28.61 -29.73 -9.16
N PRO D 253 29.75 -29.58 -8.45
CA PRO D 253 29.93 -28.44 -7.55
C PRO D 253 30.10 -27.20 -8.42
N ALA D 254 29.59 -26.08 -7.92
CA ALA D 254 29.66 -24.82 -8.60
C ALA D 254 29.93 -23.70 -7.58
N LYS D 255 31.05 -23.01 -7.73
CA LYS D 255 31.26 -21.79 -6.98
C LYS D 255 30.21 -20.79 -7.48
N TYR D 256 29.80 -19.88 -6.59
CA TYR D 256 28.76 -18.91 -6.99
C TYR D 256 29.26 -18.11 -8.20
N ASP D 257 30.56 -17.80 -8.21
CA ASP D 257 31.16 -17.04 -9.30
C ASP D 257 31.06 -17.81 -10.61
N ASP D 258 31.07 -19.16 -10.58
CA ASP D 258 30.83 -20.00 -11.79
C ASP D 258 29.38 -19.95 -12.23
N ILE D 259 28.46 -19.92 -11.26
CA ILE D 259 27.05 -19.76 -11.60
C ILE D 259 26.85 -18.43 -12.31
N LYS D 260 27.43 -17.38 -11.76
CA LYS D 260 27.31 -16.04 -12.33
C LYS D 260 27.84 -16.07 -13.76
N LYS D 261 29.04 -16.65 -13.92
CA LYS D 261 29.72 -16.72 -15.26
C LYS D 261 28.80 -17.37 -16.31
N VAL D 262 28.17 -18.54 -16.02
CA VAL D 262 27.34 -19.26 -17.03
C VAL D 262 26.02 -18.53 -17.30
N VAL D 263 25.40 -17.92 -16.27
CA VAL D 263 24.18 -17.19 -16.48
C VAL D 263 24.47 -15.96 -17.34
N LYS D 264 25.55 -15.25 -16.98
CA LYS D 264 25.96 -14.09 -17.76
C LYS D 264 26.21 -14.51 -19.22
N GLN D 265 26.97 -15.59 -19.44
CA GLN D 265 27.27 -16.05 -20.82
C GLN D 265 25.96 -16.27 -21.56
N ALA D 266 25.03 -17.00 -20.93
CA ALA D 266 23.76 -17.31 -21.58
C ALA D 266 22.94 -16.06 -21.90
N SER D 267 22.98 -15.04 -21.03
CA SER D 267 22.16 -13.84 -21.22
C SER D 267 22.69 -13.00 -22.41
N GLU D 268 23.99 -13.09 -22.66
CA GLU D 268 24.62 -12.33 -23.74
C GLU D 268 24.53 -13.12 -25.06
N GLY D 269 24.29 -14.44 -24.98
CA GLY D 269 24.35 -15.33 -26.13
C GLY D 269 22.98 -15.83 -26.57
N PRO D 270 22.73 -17.14 -26.46
CA PRO D 270 21.48 -17.71 -26.97
C PRO D 270 20.19 -17.31 -26.24
N LEU D 271 20.30 -16.85 -24.98
CA LEU D 271 19.06 -16.44 -24.27
C LEU D 271 18.96 -14.93 -24.20
N LYS D 272 19.76 -14.23 -25.03
CA LYS D 272 19.73 -12.78 -25.09
C LYS D 272 18.28 -12.33 -25.31
N GLY D 273 17.84 -11.30 -24.56
CA GLY D 273 16.43 -10.87 -24.62
C GLY D 273 15.47 -11.72 -23.77
N ILE D 274 15.91 -12.91 -23.33
CA ILE D 274 14.99 -13.85 -22.62
C ILE D 274 15.40 -13.92 -21.15
N LEU D 275 16.67 -14.29 -20.93
CA LEU D 275 17.29 -14.33 -19.62
C LEU D 275 18.25 -13.15 -19.46
N GLY D 276 17.94 -12.25 -18.51
CA GLY D 276 18.81 -11.15 -18.18
C GLY D 276 19.76 -11.54 -17.08
N TYR D 277 20.79 -10.72 -16.91
CA TYR D 277 21.79 -10.86 -15.88
C TYR D 277 22.10 -9.46 -15.36
N THR D 278 22.06 -9.27 -14.03
CA THR D 278 22.52 -8.02 -13.44
C THR D 278 23.35 -8.29 -12.18
N GLU D 279 24.32 -7.39 -11.89
CA GLU D 279 24.99 -7.31 -10.60
C GLU D 279 24.64 -5.98 -9.90
N HIS D 280 23.75 -5.21 -10.48
CA HIS D 280 23.36 -3.90 -9.93
C HIS D 280 22.44 -4.13 -8.70
N GLN D 281 22.35 -3.10 -7.86
CA GLN D 281 21.66 -3.21 -6.59
CA GLN D 281 21.66 -3.19 -6.56
C GLN D 281 20.18 -2.86 -6.82
N VAL D 282 19.50 -3.78 -7.50
CA VAL D 282 18.16 -3.60 -8.03
C VAL D 282 17.07 -3.91 -6.99
N VAL D 283 15.88 -3.37 -7.26
CA VAL D 283 14.69 -3.66 -6.50
C VAL D 283 13.57 -3.86 -7.53
N SER D 284 12.39 -4.29 -7.07
CA SER D 284 11.34 -4.77 -7.99
C SER D 284 11.00 -3.73 -9.07
N SER D 285 10.85 -2.45 -8.68
CA SER D 285 10.33 -1.45 -9.60
C SER D 285 11.34 -1.20 -10.76
N ASP D 286 12.59 -1.61 -10.58
CA ASP D 286 13.60 -1.50 -11.67
C ASP D 286 13.29 -2.44 -12.83
N PHE D 287 12.35 -3.39 -12.65
CA PHE D 287 12.02 -4.29 -13.74
C PHE D 287 10.65 -3.96 -14.30
N ASN D 288 10.07 -2.80 -13.92
CA ASN D 288 8.79 -2.44 -14.47
C ASN D 288 8.93 -2.18 -15.98
N SER D 289 8.06 -2.82 -16.76
CA SER D 289 8.08 -2.83 -18.25
C SER D 289 9.39 -3.43 -18.79
N ASP D 290 10.08 -4.28 -18.04
CA ASP D 290 11.26 -4.96 -18.60
C ASP D 290 10.75 -6.18 -19.39
N THR D 291 11.28 -6.36 -20.62
CA THR D 291 10.74 -7.42 -21.55
C THR D 291 11.46 -8.78 -21.39
N HIS D 292 12.46 -8.87 -20.51
CA HIS D 292 13.06 -10.18 -20.20
C HIS D 292 12.01 -11.11 -19.55
N SER D 293 12.17 -12.42 -19.76
CA SER D 293 11.36 -13.48 -19.10
C SER D 293 11.75 -13.62 -17.62
N SER D 294 13.03 -13.40 -17.35
CA SER D 294 13.75 -13.80 -16.16
C SER D 294 15.02 -12.95 -16.11
N THR D 295 15.24 -12.22 -15.02
CA THR D 295 16.51 -11.58 -14.87
C THR D 295 17.17 -12.01 -13.54
N PHE D 296 18.29 -12.70 -13.67
CA PHE D 296 19.11 -13.14 -12.57
C PHE D 296 19.72 -11.96 -11.81
N ASP D 297 19.48 -12.00 -10.51
CA ASP D 297 20.04 -10.97 -9.61
C ASP D 297 21.23 -11.61 -8.90
N ALA D 298 22.43 -11.34 -9.40
CA ALA D 298 23.66 -11.94 -8.85
C ALA D 298 23.85 -11.61 -7.38
N GLY D 299 23.61 -10.35 -6.98
CA GLY D 299 23.94 -9.96 -5.63
C GLY D 299 22.96 -10.47 -4.60
N ALA D 300 21.76 -10.83 -5.04
CA ALA D 300 20.66 -11.17 -4.11
C ALA D 300 20.74 -12.65 -3.71
N GLY D 301 21.37 -13.45 -4.55
CA GLY D 301 21.42 -14.88 -4.35
C GLY D 301 22.48 -15.21 -3.32
N ILE D 302 22.44 -16.43 -2.79
CA ILE D 302 23.34 -16.81 -1.74
C ILE D 302 23.59 -18.33 -1.84
N ALA D 303 24.85 -18.71 -1.65
CA ALA D 303 25.21 -20.13 -1.65
C ALA D 303 25.52 -20.56 -0.23
N LEU D 304 25.05 -21.73 0.18
CA LEU D 304 25.57 -22.28 1.46
C LEU D 304 26.92 -23.00 1.25
N ASN D 305 27.01 -23.77 0.17
CA ASN D 305 28.21 -24.50 -0.20
C ASN D 305 28.14 -24.69 -1.73
N ASP D 306 29.07 -25.49 -2.28
CA ASP D 306 29.22 -25.68 -3.72
C ASP D 306 28.06 -26.47 -4.34
N HIS D 307 27.19 -27.09 -3.53
CA HIS D 307 26.12 -27.96 -4.03
C HIS D 307 24.70 -27.44 -3.71
N PHE D 308 24.58 -26.34 -2.94
CA PHE D 308 23.28 -25.97 -2.40
C PHE D 308 23.23 -24.44 -2.39
N VAL D 309 22.35 -23.89 -3.27
CA VAL D 309 22.36 -22.50 -3.58
C VAL D 309 20.94 -21.97 -3.69
N LYS D 310 20.79 -20.67 -3.44
CA LYS D 310 19.53 -19.95 -3.58
C LYS D 310 19.73 -18.89 -4.65
N LEU D 311 18.93 -19.00 -5.71
CA LEU D 311 19.11 -18.13 -6.91
C LEU D 311 17.86 -17.31 -7.10
N ILE D 312 18.07 -16.01 -7.33
CA ILE D 312 17.04 -15.01 -7.40
C ILE D 312 16.90 -14.49 -8.82
N SER D 313 15.66 -14.49 -9.35
CA SER D 313 15.37 -13.95 -10.67
C SER D 313 14.04 -13.18 -10.71
N TRP D 314 14.12 -11.98 -11.29
CA TRP D 314 13.03 -11.03 -11.38
C TRP D 314 12.25 -11.24 -12.69
N TYR D 315 10.95 -10.99 -12.65
CA TYR D 315 10.14 -10.94 -13.86
C TYR D 315 8.99 -9.95 -13.71
N ASP D 316 8.82 -9.10 -14.74
CA ASP D 316 7.60 -8.35 -14.84
C ASP D 316 6.53 -9.31 -15.37
N ASN D 317 5.73 -9.82 -14.46
CA ASN D 317 4.77 -10.88 -14.75
C ASN D 317 3.85 -10.52 -15.92
N GLU D 318 3.55 -9.25 -16.13
CA GLU D 318 2.64 -8.83 -17.17
C GLU D 318 3.38 -8.82 -18.53
N PHE D 319 4.54 -8.16 -18.53
CA PHE D 319 5.13 -7.58 -19.69
C PHE D 319 6.09 -8.56 -20.36
N GLY D 320 6.86 -9.29 -19.54
CA GLY D 320 7.77 -10.29 -20.05
C GLY D 320 7.03 -11.35 -20.84
N TYR D 321 6.00 -11.90 -20.21
CA TYR D 321 5.20 -12.94 -20.75
C TYR D 321 4.55 -12.49 -22.08
N SER D 322 3.93 -11.30 -22.09
CA SER D 322 3.27 -10.76 -23.25
C SER D 322 4.22 -10.71 -24.45
N ASN D 323 5.45 -10.23 -24.22
CA ASN D 323 6.45 -10.16 -25.25
C ASN D 323 6.82 -11.57 -25.76
N ARG D 324 6.85 -12.54 -24.86
CA ARG D 324 7.14 -13.95 -25.24
C ARG D 324 6.06 -14.50 -26.19
N VAL D 325 4.79 -14.18 -25.93
CA VAL D 325 3.65 -14.67 -26.70
C VAL D 325 3.76 -14.14 -28.14
N VAL D 326 4.28 -12.92 -28.27
CA VAL D 326 4.53 -12.31 -29.57
C VAL D 326 5.76 -12.95 -30.22
N ASP D 327 6.80 -13.20 -29.44
CA ASP D 327 8.05 -13.75 -29.93
C ASP D 327 7.84 -15.15 -30.51
N LEU D 328 6.93 -15.90 -29.85
CA LEU D 328 6.56 -17.25 -30.20
C LEU D 328 5.94 -17.25 -31.60
N MET D 329 4.97 -16.33 -31.81
CA MET D 329 4.25 -16.17 -33.08
C MET D 329 5.19 -15.69 -34.18
N ALA D 330 6.12 -14.77 -33.89
CA ALA D 330 7.13 -14.41 -34.88
C ALA D 330 7.96 -15.64 -35.29
N HIS D 331 8.23 -16.55 -34.34
CA HIS D 331 9.06 -17.70 -34.64
C HIS D 331 8.24 -18.80 -35.37
N MET D 332 6.96 -18.98 -35.00
CA MET D 332 5.99 -19.88 -35.71
C MET D 332 5.76 -19.43 -37.17
N ALA D 333 5.92 -18.13 -37.42
CA ALA D 333 5.75 -17.53 -38.74
C ALA D 333 6.95 -17.86 -39.63
N SER D 334 8.11 -18.12 -39.04
CA SER D 334 9.32 -18.38 -39.82
C SER D 334 9.38 -19.88 -40.18
N LYS D 335 8.51 -20.68 -39.55
CA LYS D 335 8.39 -22.13 -39.77
C LYS D 335 7.27 -22.45 -40.76
N GLU D 336 6.51 -21.44 -41.18
CA GLU D 336 5.32 -21.68 -42.01
C GLU D 336 5.78 -22.21 -43.38
#